data_5D5F
# 
_entry.id   5D5F 
# 
_audit_conform.dict_name       mmcif_pdbx.dic 
_audit_conform.dict_version    5.398 
_audit_conform.dict_location   http://mmcif.pdb.org/dictionaries/ascii/mmcif_pdbx.dic 
# 
loop_
_database_2.database_id 
_database_2.database_code 
_database_2.pdbx_database_accession 
_database_2.pdbx_DOI 
PDB   5D5F         pdb_00005d5f 10.2210/pdb5d5f/pdb 
WWPDB D_1000212668 ?            ?                   
# 
loop_
_pdbx_audit_revision_history.ordinal 
_pdbx_audit_revision_history.data_content_type 
_pdbx_audit_revision_history.major_revision 
_pdbx_audit_revision_history.minor_revision 
_pdbx_audit_revision_history.revision_date 
1 'Structure model' 1 0 2016-01-13 
2 'Structure model' 1 1 2016-03-02 
3 'Structure model' 1 2 2024-11-06 
# 
_pdbx_audit_revision_details.ordinal             1 
_pdbx_audit_revision_details.revision_ordinal    1 
_pdbx_audit_revision_details.data_content_type   'Structure model' 
_pdbx_audit_revision_details.provider            repository 
_pdbx_audit_revision_details.type                'Initial release' 
_pdbx_audit_revision_details.description         ? 
_pdbx_audit_revision_details.details             ? 
# 
loop_
_pdbx_audit_revision_group.ordinal 
_pdbx_audit_revision_group.revision_ordinal 
_pdbx_audit_revision_group.data_content_type 
_pdbx_audit_revision_group.group 
1 2 'Structure model' 'Database references' 
2 3 'Structure model' 'Data collection'     
3 3 'Structure model' 'Database references' 
4 3 'Structure model' 'Structure summary'   
# 
loop_
_pdbx_audit_revision_category.ordinal 
_pdbx_audit_revision_category.revision_ordinal 
_pdbx_audit_revision_category.data_content_type 
_pdbx_audit_revision_category.category 
1 3 'Structure model' chem_comp                 
2 3 'Structure model' chem_comp_atom            
3 3 'Structure model' chem_comp_bond            
4 3 'Structure model' database_2                
5 3 'Structure model' pdbx_entry_details        
6 3 'Structure model' pdbx_modification_feature 
# 
loop_
_pdbx_audit_revision_item.ordinal 
_pdbx_audit_revision_item.revision_ordinal 
_pdbx_audit_revision_item.data_content_type 
_pdbx_audit_revision_item.item 
1 3 'Structure model' '_chem_comp.pdbx_synonyms'            
2 3 'Structure model' '_database_2.pdbx_DOI'                
3 3 'Structure model' '_database_2.pdbx_database_accession' 
# 
_pdbx_database_status.status_code                     REL 
_pdbx_database_status.status_code_sf                  REL 
_pdbx_database_status.status_code_mr                  ? 
_pdbx_database_status.entry_id                        5D5F 
_pdbx_database_status.recvd_initial_deposition_date   2015-08-10 
_pdbx_database_status.SG_entry                        N 
_pdbx_database_status.deposit_site                    RCSB 
_pdbx_database_status.process_site                    PDBE 
_pdbx_database_status.status_code_cs                  ? 
_pdbx_database_status.methods_development_category    ? 
_pdbx_database_status.pdb_format_compatible           Y 
_pdbx_database_status.status_code_nmr_data            ? 
# 
loop_
_audit_author.name 
_audit_author.pdbx_ordinal 
'Huang, C.-Y.'   1 
'Olieric, V.'    2 
'Diederichs, K.' 3 
'Wang, M.'       4 
'Caffrey, M.'    5 
# 
_citation.abstract                  ? 
_citation.abstract_id_CAS           ? 
_citation.book_id_ISBN              ? 
_citation.book_publisher            ? 
_citation.book_publisher_city       ? 
_citation.book_title                ? 
_citation.coordinate_linkage        ? 
_citation.country                   ? 
_citation.database_id_Medline       ? 
_citation.details                   ? 
_citation.id                        primary 
_citation.journal_abbrev            'Acta Crystallogr D Struct Biol' 
_citation.journal_id_ASTM           ? 
_citation.journal_id_CSD            ? 
_citation.journal_id_ISSN           2059-7983 
_citation.journal_full              ? 
_citation.journal_issue             ? 
_citation.journal_volume            72 
_citation.language                  ? 
_citation.page_first                93 
_citation.page_last                 112 
_citation.title                     
'In meso in situ serial X-ray crystallography of soluble and membrane proteins at cryogenic temperatures.' 
_citation.year                      2016 
_citation.database_id_CSD           ? 
_citation.pdbx_database_id_DOI      10.1107/S2059798315021683 
_citation.pdbx_database_id_PubMed   26894538 
_citation.unpublished_flag          ? 
# 
loop_
_citation_author.citation_id 
_citation_author.name 
_citation_author.ordinal 
_citation_author.identifier_ORCID 
primary 'Huang, C.Y.'      1  ? 
primary 'Olieric, V.'      2  ? 
primary 'Ma, P.'           3  ? 
primary 'Howe, N.'         4  ? 
primary 'Vogeley, L.'      5  ? 
primary 'Liu, X.'          6  ? 
primary 'Warshamanage, R.' 7  ? 
primary 'Weinert, T.'      8  ? 
primary 'Panepucci, E.'    9  ? 
primary 'Kobilka, B.'      10 ? 
primary 'Diederichs, K.'   11 ? 
primary 'Wang, M.'         12 ? 
primary 'Caffrey, M.'      13 ? 
# 
loop_
_entity.id 
_entity.type 
_entity.src_method 
_entity.pdbx_description 
_entity.formula_weight 
_entity.pdbx_number_of_molecules 
_entity.pdbx_ec 
_entity.pdbx_mutation 
_entity.pdbx_fragment 
_entity.details 
1 polymer     nat 'Lysozyme C'                               14331.160 1   3.2.1.17 ? ? ? 
2 non-polymer syn 'BROMIDE ION'                              79.904    7   ?        ? ? ? 
3 non-polymer syn 'SODIUM ION'                               22.990    1   ?        ? ? ? 
4 non-polymer syn 'ACETIC ACID'                              60.052    1   ?        ? ? ? 
5 non-polymer syn 3,6,9,12,15,18,21,24-OCTAOXAHEXACOSAN-1-OL 398.489   1   ?        ? ? ? 
6 water       nat water                                      18.015    141 ?        ? ? ? 
# 
_entity_name_com.entity_id   1 
_entity_name_com.name        '1,4-beta-N-acetylmuramidase C,Allergen Gal d IV' 
# 
_entity_poly.entity_id                      1 
_entity_poly.type                           'polypeptide(L)' 
_entity_poly.nstd_linkage                   no 
_entity_poly.nstd_monomer                   no 
_entity_poly.pdbx_seq_one_letter_code       
;KVFGRCELAAAMKRHGLDNYRGYSLGNWVCAAKFESNFNTQATNRNTDGSTDYGILQINSRWWCNDGRTPGSRNLCNIPC
SALLSSDITASVNCAKKIVSDGNGMNAWVAWRNRCKGTDVQAWIRGCRL
;
_entity_poly.pdbx_seq_one_letter_code_can   
;KVFGRCELAAAMKRHGLDNYRGYSLGNWVCAAKFESNFNTQATNRNTDGSTDYGILQINSRWWCNDGRTPGSRNLCNIPC
SALLSSDITASVNCAKKIVSDGNGMNAWVAWRNRCKGTDVQAWIRGCRL
;
_entity_poly.pdbx_strand_id                 A 
_entity_poly.pdbx_target_identifier         ? 
# 
loop_
_pdbx_entity_nonpoly.entity_id 
_pdbx_entity_nonpoly.name 
_pdbx_entity_nonpoly.comp_id 
2 'BROMIDE ION'                              BR  
3 'SODIUM ION'                               NA  
4 'ACETIC ACID'                              ACY 
5 3,6,9,12,15,18,21,24-OCTAOXAHEXACOSAN-1-OL PE5 
6 water                                      HOH 
# 
loop_
_entity_poly_seq.entity_id 
_entity_poly_seq.num 
_entity_poly_seq.mon_id 
_entity_poly_seq.hetero 
1 1   LYS n 
1 2   VAL n 
1 3   PHE n 
1 4   GLY n 
1 5   ARG n 
1 6   CYS n 
1 7   GLU n 
1 8   LEU n 
1 9   ALA n 
1 10  ALA n 
1 11  ALA n 
1 12  MET n 
1 13  LYS n 
1 14  ARG n 
1 15  HIS n 
1 16  GLY n 
1 17  LEU n 
1 18  ASP n 
1 19  ASN n 
1 20  TYR n 
1 21  ARG n 
1 22  GLY n 
1 23  TYR n 
1 24  SER n 
1 25  LEU n 
1 26  GLY n 
1 27  ASN n 
1 28  TRP n 
1 29  VAL n 
1 30  CYS n 
1 31  ALA n 
1 32  ALA n 
1 33  LYS n 
1 34  PHE n 
1 35  GLU n 
1 36  SER n 
1 37  ASN n 
1 38  PHE n 
1 39  ASN n 
1 40  THR n 
1 41  GLN n 
1 42  ALA n 
1 43  THR n 
1 44  ASN n 
1 45  ARG n 
1 46  ASN n 
1 47  THR n 
1 48  ASP n 
1 49  GLY n 
1 50  SER n 
1 51  THR n 
1 52  ASP n 
1 53  TYR n 
1 54  GLY n 
1 55  ILE n 
1 56  LEU n 
1 57  GLN n 
1 58  ILE n 
1 59  ASN n 
1 60  SER n 
1 61  ARG n 
1 62  TRP n 
1 63  TRP n 
1 64  CYS n 
1 65  ASN n 
1 66  ASP n 
1 67  GLY n 
1 68  ARG n 
1 69  THR n 
1 70  PRO n 
1 71  GLY n 
1 72  SER n 
1 73  ARG n 
1 74  ASN n 
1 75  LEU n 
1 76  CYS n 
1 77  ASN n 
1 78  ILE n 
1 79  PRO n 
1 80  CYS n 
1 81  SER n 
1 82  ALA n 
1 83  LEU n 
1 84  LEU n 
1 85  SER n 
1 86  SER n 
1 87  ASP n 
1 88  ILE n 
1 89  THR n 
1 90  ALA n 
1 91  SER n 
1 92  VAL n 
1 93  ASN n 
1 94  CYS n 
1 95  ALA n 
1 96  LYS n 
1 97  LYS n 
1 98  ILE n 
1 99  VAL n 
1 100 SER n 
1 101 ASP n 
1 102 GLY n 
1 103 ASN n 
1 104 GLY n 
1 105 MET n 
1 106 ASN n 
1 107 ALA n 
1 108 TRP n 
1 109 VAL n 
1 110 ALA n 
1 111 TRP n 
1 112 ARG n 
1 113 ASN n 
1 114 ARG n 
1 115 CYS n 
1 116 LYS n 
1 117 GLY n 
1 118 THR n 
1 119 ASP n 
1 120 VAL n 
1 121 GLN n 
1 122 ALA n 
1 123 TRP n 
1 124 ILE n 
1 125 ARG n 
1 126 GLY n 
1 127 CYS n 
1 128 ARG n 
1 129 LEU n 
# 
_entity_src_nat.entity_id                  1 
_entity_src_nat.pdbx_src_id                1 
_entity_src_nat.pdbx_alt_source_flag       sample 
_entity_src_nat.pdbx_beg_seq_num           1 
_entity_src_nat.pdbx_end_seq_num           129 
_entity_src_nat.common_name                Chicken 
_entity_src_nat.pdbx_organism_scientific   'Gallus gallus' 
_entity_src_nat.pdbx_ncbi_taxonomy_id      9031 
_entity_src_nat.genus                      ? 
_entity_src_nat.species                    ? 
_entity_src_nat.strain                     ? 
_entity_src_nat.tissue                     ? 
_entity_src_nat.tissue_fraction            ? 
_entity_src_nat.pdbx_secretion             ? 
_entity_src_nat.pdbx_fragment              ? 
_entity_src_nat.pdbx_variant               ? 
_entity_src_nat.pdbx_cell_line             ? 
_entity_src_nat.pdbx_atcc                  ? 
_entity_src_nat.pdbx_cellular_location     ? 
_entity_src_nat.pdbx_organ                 ? 
_entity_src_nat.pdbx_organelle             ? 
_entity_src_nat.pdbx_cell                  ? 
_entity_src_nat.pdbx_plasmid_name          ? 
_entity_src_nat.pdbx_plasmid_details       ? 
_entity_src_nat.details                    ? 
# 
loop_
_chem_comp.id 
_chem_comp.type 
_chem_comp.mon_nstd_flag 
_chem_comp.name 
_chem_comp.pdbx_synonyms 
_chem_comp.formula 
_chem_comp.formula_weight 
ACY non-polymer         . 'ACETIC ACID'                              ? 'C2 H4 O2'       60.052  
ALA 'L-peptide linking' y ALANINE                                    ? 'C3 H7 N O2'     89.093  
ARG 'L-peptide linking' y ARGININE                                   ? 'C6 H15 N4 O2 1' 175.209 
ASN 'L-peptide linking' y ASPARAGINE                                 ? 'C4 H8 N2 O3'    132.118 
ASP 'L-peptide linking' y 'ASPARTIC ACID'                            ? 'C4 H7 N O4'     133.103 
BR  non-polymer         . 'BROMIDE ION'                              ? 'Br -1'          79.904  
CYS 'L-peptide linking' y CYSTEINE                                   ? 'C3 H7 N O2 S'   121.158 
GLN 'L-peptide linking' y GLUTAMINE                                  ? 'C5 H10 N2 O3'   146.144 
GLU 'L-peptide linking' y 'GLUTAMIC ACID'                            ? 'C5 H9 N O4'     147.129 
GLY 'peptide linking'   y GLYCINE                                    ? 'C2 H5 N O2'     75.067  
HIS 'L-peptide linking' y HISTIDINE                                  ? 'C6 H10 N3 O2 1' 156.162 
HOH non-polymer         . WATER                                      ? 'H2 O'           18.015  
ILE 'L-peptide linking' y ISOLEUCINE                                 ? 'C6 H13 N O2'    131.173 
LEU 'L-peptide linking' y LEUCINE                                    ? 'C6 H13 N O2'    131.173 
LYS 'L-peptide linking' y LYSINE                                     ? 'C6 H15 N2 O2 1' 147.195 
MET 'L-peptide linking' y METHIONINE                                 ? 'C5 H11 N O2 S'  149.211 
NA  non-polymer         . 'SODIUM ION'                               ? 'Na 1'           22.990  
PE5 non-polymer         . 3,6,9,12,15,18,21,24-OCTAOXAHEXACOSAN-1-OL 
'2-(2-{2-[2-(2-{2-[2-(2-ETHOXY-ETHOXY)-ETHOXY]-ETHOXY}-ETHOXY)-ETHOXY]-ETHOXY}-ETHOXY)-ETHANOL; POLYETHYLENE GLYCOL PEG400' 
'C18 H38 O9'     398.489 
PHE 'L-peptide linking' y PHENYLALANINE                              ? 'C9 H11 N O2'    165.189 
PRO 'L-peptide linking' y PROLINE                                    ? 'C5 H9 N O2'     115.130 
SER 'L-peptide linking' y SERINE                                     ? 'C3 H7 N O3'     105.093 
THR 'L-peptide linking' y THREONINE                                  ? 'C4 H9 N O3'     119.119 
TRP 'L-peptide linking' y TRYPTOPHAN                                 ? 'C11 H12 N2 O2'  204.225 
TYR 'L-peptide linking' y TYROSINE                                   ? 'C9 H11 N O3'    181.189 
VAL 'L-peptide linking' y VALINE                                     ? 'C5 H11 N O2'    117.146 
# 
loop_
_pdbx_poly_seq_scheme.asym_id 
_pdbx_poly_seq_scheme.entity_id 
_pdbx_poly_seq_scheme.seq_id 
_pdbx_poly_seq_scheme.mon_id 
_pdbx_poly_seq_scheme.ndb_seq_num 
_pdbx_poly_seq_scheme.pdb_seq_num 
_pdbx_poly_seq_scheme.auth_seq_num 
_pdbx_poly_seq_scheme.pdb_mon_id 
_pdbx_poly_seq_scheme.auth_mon_id 
_pdbx_poly_seq_scheme.pdb_strand_id 
_pdbx_poly_seq_scheme.pdb_ins_code 
_pdbx_poly_seq_scheme.hetero 
A 1 1   LYS 1   1   1   LYS LYS A . n 
A 1 2   VAL 2   2   2   VAL VAL A . n 
A 1 3   PHE 3   3   3   PHE PHE A . n 
A 1 4   GLY 4   4   4   GLY GLY A . n 
A 1 5   ARG 5   5   5   ARG ARG A . n 
A 1 6   CYS 6   6   6   CYS CYS A . n 
A 1 7   GLU 7   7   7   GLU GLU A . n 
A 1 8   LEU 8   8   8   LEU LEU A . n 
A 1 9   ALA 9   9   9   ALA ALA A . n 
A 1 10  ALA 10  10  10  ALA ALA A . n 
A 1 11  ALA 11  11  11  ALA ALA A . n 
A 1 12  MET 12  12  12  MET MET A . n 
A 1 13  LYS 13  13  13  LYS LYS A . n 
A 1 14  ARG 14  14  14  ARG ARG A . n 
A 1 15  HIS 15  15  15  HIS HIS A . n 
A 1 16  GLY 16  16  16  GLY GLY A . n 
A 1 17  LEU 17  17  17  LEU LEU A . n 
A 1 18  ASP 18  18  18  ASP ASP A . n 
A 1 19  ASN 19  19  19  ASN ASN A . n 
A 1 20  TYR 20  20  20  TYR TYR A . n 
A 1 21  ARG 21  21  21  ARG ARG A . n 
A 1 22  GLY 22  22  22  GLY GLY A . n 
A 1 23  TYR 23  23  23  TYR TYR A . n 
A 1 24  SER 24  24  24  SER SER A . n 
A 1 25  LEU 25  25  25  LEU LEU A . n 
A 1 26  GLY 26  26  26  GLY GLY A . n 
A 1 27  ASN 27  27  27  ASN ASN A . n 
A 1 28  TRP 28  28  28  TRP TRP A . n 
A 1 29  VAL 29  29  29  VAL VAL A . n 
A 1 30  CYS 30  30  30  CYS CYS A . n 
A 1 31  ALA 31  31  31  ALA ALA A . n 
A 1 32  ALA 32  32  32  ALA ALA A . n 
A 1 33  LYS 33  33  33  LYS LYS A . n 
A 1 34  PHE 34  34  34  PHE PHE A . n 
A 1 35  GLU 35  35  35  GLU GLU A . n 
A 1 36  SER 36  36  36  SER SER A . n 
A 1 37  ASN 37  37  37  ASN ASN A . n 
A 1 38  PHE 38  38  38  PHE PHE A . n 
A 1 39  ASN 39  39  39  ASN ASN A . n 
A 1 40  THR 40  40  40  THR THR A . n 
A 1 41  GLN 41  41  41  GLN GLN A . n 
A 1 42  ALA 42  42  42  ALA ALA A . n 
A 1 43  THR 43  43  43  THR THR A . n 
A 1 44  ASN 44  44  44  ASN ASN A . n 
A 1 45  ARG 45  45  45  ARG ARG A . n 
A 1 46  ASN 46  46  46  ASN ASN A . n 
A 1 47  THR 47  47  47  THR THR A . n 
A 1 48  ASP 48  48  48  ASP ASP A . n 
A 1 49  GLY 49  49  49  GLY GLY A . n 
A 1 50  SER 50  50  50  SER SER A . n 
A 1 51  THR 51  51  51  THR THR A . n 
A 1 52  ASP 52  52  52  ASP ASP A . n 
A 1 53  TYR 53  53  53  TYR TYR A . n 
A 1 54  GLY 54  54  54  GLY GLY A . n 
A 1 55  ILE 55  55  55  ILE ILE A . n 
A 1 56  LEU 56  56  56  LEU LEU A . n 
A 1 57  GLN 57  57  57  GLN GLN A . n 
A 1 58  ILE 58  58  58  ILE ILE A . n 
A 1 59  ASN 59  59  59  ASN ASN A . n 
A 1 60  SER 60  60  60  SER SER A . n 
A 1 61  ARG 61  61  61  ARG ARG A . n 
A 1 62  TRP 62  62  62  TRP TRP A . n 
A 1 63  TRP 63  63  63  TRP TRP A . n 
A 1 64  CYS 64  64  64  CYS CYS A . n 
A 1 65  ASN 65  65  65  ASN ASN A . n 
A 1 66  ASP 66  66  66  ASP ASP A . n 
A 1 67  GLY 67  67  67  GLY GLY A . n 
A 1 68  ARG 68  68  68  ARG ARG A . n 
A 1 69  THR 69  69  69  THR THR A . n 
A 1 70  PRO 70  70  70  PRO PRO A . n 
A 1 71  GLY 71  71  71  GLY GLY A . n 
A 1 72  SER 72  72  72  SER SER A . n 
A 1 73  ARG 73  73  73  ARG ARG A . n 
A 1 74  ASN 74  74  74  ASN ASN A . n 
A 1 75  LEU 75  75  75  LEU LEU A . n 
A 1 76  CYS 76  76  76  CYS CYS A . n 
A 1 77  ASN 77  77  77  ASN ASN A . n 
A 1 78  ILE 78  78  78  ILE ILE A . n 
A 1 79  PRO 79  79  79  PRO PRO A . n 
A 1 80  CYS 80  80  80  CYS CYS A . n 
A 1 81  SER 81  81  81  SER SER A . n 
A 1 82  ALA 82  82  82  ALA ALA A . n 
A 1 83  LEU 83  83  83  LEU LEU A . n 
A 1 84  LEU 84  84  84  LEU LEU A . n 
A 1 85  SER 85  85  85  SER SER A . n 
A 1 86  SER 86  86  86  SER SER A . n 
A 1 87  ASP 87  87  87  ASP ASP A . n 
A 1 88  ILE 88  88  88  ILE ILE A . n 
A 1 89  THR 89  89  89  THR THR A . n 
A 1 90  ALA 90  90  90  ALA ALA A . n 
A 1 91  SER 91  91  91  SER SER A . n 
A 1 92  VAL 92  92  92  VAL VAL A . n 
A 1 93  ASN 93  93  93  ASN ASN A . n 
A 1 94  CYS 94  94  94  CYS CYS A . n 
A 1 95  ALA 95  95  95  ALA ALA A . n 
A 1 96  LYS 96  96  96  LYS LYS A . n 
A 1 97  LYS 97  97  97  LYS LYS A . n 
A 1 98  ILE 98  98  98  ILE ILE A . n 
A 1 99  VAL 99  99  99  VAL VAL A . n 
A 1 100 SER 100 100 100 SER SER A . n 
A 1 101 ASP 101 101 101 ASP ASP A . n 
A 1 102 GLY 102 102 102 GLY GLY A . n 
A 1 103 ASN 103 103 103 ASN ASN A . n 
A 1 104 GLY 104 104 104 GLY GLY A . n 
A 1 105 MET 105 105 105 MET MET A . n 
A 1 106 ASN 106 106 106 ASN ASN A . n 
A 1 107 ALA 107 107 107 ALA ALA A . n 
A 1 108 TRP 108 108 108 TRP TRP A . n 
A 1 109 VAL 109 109 109 VAL VAL A . n 
A 1 110 ALA 110 110 110 ALA ALA A . n 
A 1 111 TRP 111 111 111 TRP TRP A . n 
A 1 112 ARG 112 112 112 ARG ARG A . n 
A 1 113 ASN 113 113 113 ASN ASN A . n 
A 1 114 ARG 114 114 114 ARG ARG A . n 
A 1 115 CYS 115 115 115 CYS CYS A . n 
A 1 116 LYS 116 116 116 LYS LYS A . n 
A 1 117 GLY 117 117 117 GLY GLY A . n 
A 1 118 THR 118 118 118 THR THR A . n 
A 1 119 ASP 119 119 119 ASP ASP A . n 
A 1 120 VAL 120 120 120 VAL VAL A . n 
A 1 121 GLN 121 121 121 GLN GLN A . n 
A 1 122 ALA 122 122 122 ALA ALA A . n 
A 1 123 TRP 123 123 123 TRP TRP A . n 
A 1 124 ILE 124 124 124 ILE ILE A . n 
A 1 125 ARG 125 125 125 ARG ARG A . n 
A 1 126 GLY 126 126 126 GLY GLY A . n 
A 1 127 CYS 127 127 127 CYS CYS A . n 
A 1 128 ARG 128 128 128 ARG ARG A . n 
A 1 129 LEU 129 129 129 LEU LEU A . n 
# 
loop_
_pdbx_nonpoly_scheme.asym_id 
_pdbx_nonpoly_scheme.entity_id 
_pdbx_nonpoly_scheme.mon_id 
_pdbx_nonpoly_scheme.ndb_seq_num 
_pdbx_nonpoly_scheme.pdb_seq_num 
_pdbx_nonpoly_scheme.auth_seq_num 
_pdbx_nonpoly_scheme.pdb_mon_id 
_pdbx_nonpoly_scheme.auth_mon_id 
_pdbx_nonpoly_scheme.pdb_strand_id 
_pdbx_nonpoly_scheme.pdb_ins_code 
B 2 BR  1   201 1   BR  BR  A . 
C 2 BR  1   202 3   BR  BR  A . 
D 2 BR  1   203 4   BR  BR  A . 
E 2 BR  1   204 5   BR  BR  A . 
F 2 BR  1   205 6   BR  BR  A . 
G 2 BR  1   206 7   BR  BR  A . 
H 2 BR  1   207 8   BR  BR  A . 
I 3 NA  1   208 1   NA  NA  A . 
J 4 ACY 1   209 1   ACY ACY A . 
K 5 PE5 1   210 1   PE5 PE5 A . 
L 6 HOH 1   301 80  HOH HOH A . 
L 6 HOH 2   302 95  HOH HOH A . 
L 6 HOH 3   303 61  HOH HOH A . 
L 6 HOH 4   304 72  HOH HOH A . 
L 6 HOH 5   305 73  HOH HOH A . 
L 6 HOH 6   306 51  HOH HOH A . 
L 6 HOH 7   307 110 HOH HOH A . 
L 6 HOH 8   308 9   HOH HOH A . 
L 6 HOH 9   309 48  HOH HOH A . 
L 6 HOH 10  310 63  HOH HOH A . 
L 6 HOH 11  311 106 HOH HOH A . 
L 6 HOH 12  312 98  HOH HOH A . 
L 6 HOH 13  313 30  HOH HOH A . 
L 6 HOH 14  314 76  HOH HOH A . 
L 6 HOH 15  315 105 HOH HOH A . 
L 6 HOH 16  316 20  HOH HOH A . 
L 6 HOH 17  317 19  HOH HOH A . 
L 6 HOH 18  318 38  HOH HOH A . 
L 6 HOH 19  319 10  HOH HOH A . 
L 6 HOH 20  320 45  HOH HOH A . 
L 6 HOH 21  321 26  HOH HOH A . 
L 6 HOH 22  322 46  HOH HOH A . 
L 6 HOH 23  323 32  HOH HOH A . 
L 6 HOH 24  324 119 HOH HOH A . 
L 6 HOH 25  325 60  HOH HOH A . 
L 6 HOH 26  326 59  HOH HOH A . 
L 6 HOH 27  327 124 HOH HOH A . 
L 6 HOH 28  328 3   HOH HOH A . 
L 6 HOH 29  329 47  HOH HOH A . 
L 6 HOH 30  330 117 HOH HOH A . 
L 6 HOH 31  331 29  HOH HOH A . 
L 6 HOH 32  332 94  HOH HOH A . 
L 6 HOH 33  333 121 HOH HOH A . 
L 6 HOH 34  334 42  HOH HOH A . 
L 6 HOH 35  335 2   HOH HOH A . 
L 6 HOH 36  336 24  HOH HOH A . 
L 6 HOH 37  337 5   HOH HOH A . 
L 6 HOH 38  338 90  HOH HOH A . 
L 6 HOH 39  339 50  HOH HOH A . 
L 6 HOH 40  340 14  HOH HOH A . 
L 6 HOH 41  341 35  HOH HOH A . 
L 6 HOH 42  342 75  HOH HOH A . 
L 6 HOH 43  343 43  HOH HOH A . 
L 6 HOH 44  344 71  HOH HOH A . 
L 6 HOH 45  345 56  HOH HOH A . 
L 6 HOH 46  346 66  HOH HOH A . 
L 6 HOH 47  347 65  HOH HOH A . 
L 6 HOH 48  348 8   HOH HOH A . 
L 6 HOH 49  349 69  HOH HOH A . 
L 6 HOH 50  350 123 HOH HOH A . 
L 6 HOH 51  351 36  HOH HOH A . 
L 6 HOH 52  352 68  HOH HOH A . 
L 6 HOH 53  353 96  HOH HOH A . 
L 6 HOH 54  354 122 HOH HOH A . 
L 6 HOH 55  355 102 HOH HOH A . 
L 6 HOH 56  356 77  HOH HOH A . 
L 6 HOH 57  357 134 HOH HOH A . 
L 6 HOH 58  358 33  HOH HOH A . 
L 6 HOH 59  359 25  HOH HOH A . 
L 6 HOH 60  360 16  HOH HOH A . 
L 6 HOH 61  361 58  HOH HOH A . 
L 6 HOH 62  362 53  HOH HOH A . 
L 6 HOH 63  363 81  HOH HOH A . 
L 6 HOH 64  364 57  HOH HOH A . 
L 6 HOH 65  365 64  HOH HOH A . 
L 6 HOH 66  366 15  HOH HOH A . 
L 6 HOH 67  367 113 HOH HOH A . 
L 6 HOH 68  368 87  HOH HOH A . 
L 6 HOH 69  369 89  HOH HOH A . 
L 6 HOH 70  370 4   HOH HOH A . 
L 6 HOH 71  371 148 HOH HOH A . 
L 6 HOH 72  372 52  HOH HOH A . 
L 6 HOH 73  373 114 HOH HOH A . 
L 6 HOH 74  374 21  HOH HOH A . 
L 6 HOH 75  375 39  HOH HOH A . 
L 6 HOH 76  376 104 HOH HOH A . 
L 6 HOH 77  377 18  HOH HOH A . 
L 6 HOH 78  378 13  HOH HOH A . 
L 6 HOH 79  379 27  HOH HOH A . 
L 6 HOH 80  380 34  HOH HOH A . 
L 6 HOH 81  381 139 HOH HOH A . 
L 6 HOH 82  382 54  HOH HOH A . 
L 6 HOH 83  383 74  HOH HOH A . 
L 6 HOH 84  384 130 HOH HOH A . 
L 6 HOH 85  385 67  HOH HOH A . 
L 6 HOH 86  386 109 HOH HOH A . 
L 6 HOH 87  387 31  HOH HOH A . 
L 6 HOH 88  388 41  HOH HOH A . 
L 6 HOH 89  389 145 HOH HOH A . 
L 6 HOH 90  390 1   HOH HOH A . 
L 6 HOH 91  391 49  HOH HOH A . 
L 6 HOH 92  392 40  HOH HOH A . 
L 6 HOH 93  393 126 HOH HOH A . 
L 6 HOH 94  394 143 HOH HOH A . 
L 6 HOH 95  395 93  HOH HOH A . 
L 6 HOH 96  396 115 HOH HOH A . 
L 6 HOH 97  397 17  HOH HOH A . 
L 6 HOH 98  398 44  HOH HOH A . 
L 6 HOH 99  399 7   HOH HOH A . 
L 6 HOH 100 400 84  HOH HOH A . 
L 6 HOH 101 401 83  HOH HOH A . 
L 6 HOH 102 402 22  HOH HOH A . 
L 6 HOH 103 403 112 HOH HOH A . 
L 6 HOH 104 404 99  HOH HOH A . 
L 6 HOH 105 405 138 HOH HOH A . 
L 6 HOH 106 406 79  HOH HOH A . 
L 6 HOH 107 407 127 HOH HOH A . 
L 6 HOH 108 408 85  HOH HOH A . 
L 6 HOH 109 409 70  HOH HOH A . 
L 6 HOH 110 410 37  HOH HOH A . 
L 6 HOH 111 411 86  HOH HOH A . 
L 6 HOH 112 412 118 HOH HOH A . 
L 6 HOH 113 413 11  HOH HOH A . 
L 6 HOH 114 414 149 HOH HOH A . 
L 6 HOH 115 415 12  HOH HOH A . 
L 6 HOH 116 416 151 HOH HOH A . 
L 6 HOH 117 417 144 HOH HOH A . 
L 6 HOH 118 418 152 HOH HOH A . 
L 6 HOH 119 419 153 HOH HOH A . 
L 6 HOH 120 420 132 HOH HOH A . 
L 6 HOH 121 421 6   HOH HOH A . 
L 6 HOH 122 422 147 HOH HOH A . 
L 6 HOH 123 423 136 HOH HOH A . 
L 6 HOH 124 424 78  HOH HOH A . 
L 6 HOH 125 425 135 HOH HOH A . 
L 6 HOH 126 426 23  HOH HOH A . 
L 6 HOH 127 427 108 HOH HOH A . 
L 6 HOH 128 428 28  HOH HOH A . 
L 6 HOH 129 429 88  HOH HOH A . 
L 6 HOH 130 430 120 HOH HOH A . 
L 6 HOH 131 431 133 HOH HOH A . 
L 6 HOH 132 432 97  HOH HOH A . 
L 6 HOH 133 433 103 HOH HOH A . 
L 6 HOH 134 434 128 HOH HOH A . 
L 6 HOH 135 435 100 HOH HOH A . 
L 6 HOH 136 436 92  HOH HOH A . 
L 6 HOH 137 437 129 HOH HOH A . 
L 6 HOH 138 438 82  HOH HOH A . 
L 6 HOH 139 439 55  HOH HOH A . 
L 6 HOH 140 440 101 HOH HOH A . 
L 6 HOH 141 441 107 HOH HOH A . 
# 
loop_
_pdbx_unobs_or_zero_occ_atoms.id 
_pdbx_unobs_or_zero_occ_atoms.PDB_model_num 
_pdbx_unobs_or_zero_occ_atoms.polymer_flag 
_pdbx_unobs_or_zero_occ_atoms.occupancy_flag 
_pdbx_unobs_or_zero_occ_atoms.auth_asym_id 
_pdbx_unobs_or_zero_occ_atoms.auth_comp_id 
_pdbx_unobs_or_zero_occ_atoms.auth_seq_id 
_pdbx_unobs_or_zero_occ_atoms.PDB_ins_code 
_pdbx_unobs_or_zero_occ_atoms.auth_atom_id 
_pdbx_unobs_or_zero_occ_atoms.label_alt_id 
_pdbx_unobs_or_zero_occ_atoms.label_asym_id 
_pdbx_unobs_or_zero_occ_atoms.label_comp_id 
_pdbx_unobs_or_zero_occ_atoms.label_seq_id 
_pdbx_unobs_or_zero_occ_atoms.label_atom_id 
1  1 N 1 A PE5 210 ? C48 ? K PE5 1 C48 
2  1 N 1 A PE5 210 ? C50 ? K PE5 1 C50 
3  1 N 1 A PE5 210 ? O1  ? K PE5 1 O1  
4  1 N 1 A PE5 210 ? C1  ? K PE5 1 C1  
5  1 N 1 A PE5 210 ? C2  ? K PE5 1 C2  
6  1 N 1 A PE5 210 ? O2  ? K PE5 1 O2  
7  1 N 1 A PE5 210 ? C3  ? K PE5 1 C3  
8  1 N 1 A PE5 210 ? C4  ? K PE5 1 C4  
9  1 N 1 A PE5 210 ? O3  ? K PE5 1 O3  
10 1 N 1 A PE5 210 ? C10 ? K PE5 1 C10 
11 1 N 1 A PE5 210 ? O6  ? K PE5 1 O6  
12 1 N 1 A PE5 210 ? C11 ? K PE5 1 C11 
13 1 N 1 A PE5 210 ? C12 ? K PE5 1 C12 
14 1 N 1 A PE5 210 ? O7  ? K PE5 1 O7  
15 1 N 1 A PE5 210 ? C13 ? K PE5 1 C13 
16 1 N 1 A PE5 210 ? C14 ? K PE5 1 C14 
17 1 N 1 A PE5 210 ? O8  ? K PE5 1 O8  
18 1 N 1 A PE5 210 ? C15 ? K PE5 1 C15 
19 1 N 1 A PE5 210 ? C16 ? K PE5 1 C16 
20 1 N 1 A PE5 210 ? O52 ? K PE5 1 O52 
# 
loop_
_software.citation_id 
_software.classification 
_software.compiler_name 
_software.compiler_version 
_software.contact_author 
_software.contact_author_email 
_software.date 
_software.description 
_software.dependencies 
_software.hardware 
_software.language 
_software.location 
_software.mods 
_software.name 
_software.os 
_software.os_version 
_software.type 
_software.version 
_software.pdbx_ordinal 
? refinement       ? ? ? ? ? ? ? ? ? ? ? PHENIX  ? ? ? 1.9_1690 1 
? 'data reduction' ? ? ? ? ? ? ? ? ? ? ? XDS     ? ? ? .        2 
? 'data scaling'   ? ? ? ? ? ? ? ? ? ? ? XSCALE  ? ? ? .        3 
? phasing          ? ? ? ? ? ? ? ? ? ? ? SHELXDE ? ? ? .        4 
# 
_cell.angle_alpha                  90.00 
_cell.angle_alpha_esd              ? 
_cell.angle_beta                   90.00 
_cell.angle_beta_esd               ? 
_cell.angle_gamma                  90.00 
_cell.angle_gamma_esd              ? 
_cell.entry_id                     5D5F 
_cell.details                      ? 
_cell.formula_units_Z              ? 
_cell.length_a                     78.390 
_cell.length_a_esd                 ? 
_cell.length_b                     78.390 
_cell.length_b_esd                 ? 
_cell.length_c                     37.880 
_cell.length_c_esd                 ? 
_cell.volume                       ? 
_cell.volume_esd                   ? 
_cell.Z_PDB                        8 
_cell.reciprocal_angle_alpha       ? 
_cell.reciprocal_angle_beta        ? 
_cell.reciprocal_angle_gamma       ? 
_cell.reciprocal_angle_alpha_esd   ? 
_cell.reciprocal_angle_beta_esd    ? 
_cell.reciprocal_angle_gamma_esd   ? 
_cell.reciprocal_length_a          ? 
_cell.reciprocal_length_b          ? 
_cell.reciprocal_length_c          ? 
_cell.reciprocal_length_a_esd      ? 
_cell.reciprocal_length_b_esd      ? 
_cell.reciprocal_length_c_esd      ? 
_cell.pdbx_unique_axis             ? 
# 
_symmetry.entry_id                         5D5F 
_symmetry.cell_setting                     ? 
_symmetry.Int_Tables_number                96 
_symmetry.space_group_name_Hall            ? 
_symmetry.space_group_name_H-M             'P 43 21 2' 
_symmetry.pdbx_full_space_group_name_H-M   ? 
# 
_exptl.absorpt_coefficient_mu     ? 
_exptl.absorpt_correction_T_max   ? 
_exptl.absorpt_correction_T_min   ? 
_exptl.absorpt_correction_type    ? 
_exptl.absorpt_process_details    ? 
_exptl.entry_id                   5D5F 
_exptl.crystals_number            ? 
_exptl.details                    ? 
_exptl.method                     'X-RAY DIFFRACTION' 
_exptl.method_details             ? 
# 
_exptl_crystal.colour                      ? 
_exptl_crystal.density_diffrn              ? 
_exptl_crystal.density_Matthews            2.03 
_exptl_crystal.density_method              ? 
_exptl_crystal.density_percent_sol         39.42 
_exptl_crystal.description                 ? 
_exptl_crystal.F_000                       ? 
_exptl_crystal.id                          1 
_exptl_crystal.preparation                 ? 
_exptl_crystal.size_max                    ? 
_exptl_crystal.size_mid                    ? 
_exptl_crystal.size_min                    ? 
_exptl_crystal.size_rad                    ? 
_exptl_crystal.colour_lustre               ? 
_exptl_crystal.colour_modifier             ? 
_exptl_crystal.colour_primary              ? 
_exptl_crystal.density_meas                ? 
_exptl_crystal.density_meas_esd            ? 
_exptl_crystal.density_meas_gt             ? 
_exptl_crystal.density_meas_lt             ? 
_exptl_crystal.density_meas_temp           ? 
_exptl_crystal.density_meas_temp_esd       ? 
_exptl_crystal.density_meas_temp_gt        ? 
_exptl_crystal.density_meas_temp_lt        ? 
_exptl_crystal.pdbx_crystal_image_url      ? 
_exptl_crystal.pdbx_crystal_image_format   ? 
_exptl_crystal.pdbx_mosaicity              ? 
_exptl_crystal.pdbx_mosaicity_esd          ? 
# 
_exptl_crystal_grow.apparatus       ? 
_exptl_crystal_grow.atmosphere      ? 
_exptl_crystal_grow.crystal_id      1 
_exptl_crystal_grow.details         ? 
_exptl_crystal_grow.method          'LIPIDIC CUBIC PHASE' 
_exptl_crystal_grow.method_ref      ? 
_exptl_crystal_grow.pH              ? 
_exptl_crystal_grow.pressure        ? 
_exptl_crystal_grow.pressure_esd    ? 
_exptl_crystal_grow.seeding         ? 
_exptl_crystal_grow.seeding_ref     ? 
_exptl_crystal_grow.temp            293 
_exptl_crystal_grow.temp_details    ? 
_exptl_crystal_grow.temp_esd        ? 
_exptl_crystal_grow.time            ? 
_exptl_crystal_grow.pdbx_details    '0.5-1 M NaBr, 50-100 mM CH3COONa, pH 4.5, and 15-30 %(v/v) PEG400' 
_exptl_crystal_grow.pdbx_pH_range   'pH 4.5' 
# 
_diffrn.ambient_environment    ? 
_diffrn.ambient_temp           100 
_diffrn.ambient_temp_details   ? 
_diffrn.ambient_temp_esd       ? 
_diffrn.crystal_id             1 
_diffrn.crystal_support        ? 
_diffrn.crystal_treatment      ? 
_diffrn.details                ? 
_diffrn.id                     1 
_diffrn.ambient_pressure       ? 
_diffrn.ambient_pressure_esd   ? 
_diffrn.ambient_pressure_gt    ? 
_diffrn.ambient_pressure_lt    ? 
_diffrn.ambient_temp_gt        ? 
_diffrn.ambient_temp_lt        ? 
# 
_diffrn_detector.details                      ? 
_diffrn_detector.detector                     PIXEL 
_diffrn_detector.diffrn_id                    1 
_diffrn_detector.type                         'DECTRIS PILATUS 6M-F' 
_diffrn_detector.area_resol_mean              ? 
_diffrn_detector.dtime                        ? 
_diffrn_detector.pdbx_frames_total            ? 
_diffrn_detector.pdbx_collection_time_total   ? 
_diffrn_detector.pdbx_collection_date         2015-02-18 
# 
_diffrn_radiation.collimation                      ? 
_diffrn_radiation.diffrn_id                        1 
_diffrn_radiation.filter_edge                      ? 
_diffrn_radiation.inhomogeneity                    ? 
_diffrn_radiation.monochromator                    ? 
_diffrn_radiation.polarisn_norm                    ? 
_diffrn_radiation.polarisn_ratio                   ? 
_diffrn_radiation.probe                            ? 
_diffrn_radiation.type                             ? 
_diffrn_radiation.xray_symbol                      ? 
_diffrn_radiation.wavelength_id                    1 
_diffrn_radiation.pdbx_monochromatic_or_laue_m_l   M 
_diffrn_radiation.pdbx_wavelength_list             ? 
_diffrn_radiation.pdbx_wavelength                  ? 
_diffrn_radiation.pdbx_diffrn_protocol             'SINGLE WAVELENGTH' 
_diffrn_radiation.pdbx_analyzer                    ? 
_diffrn_radiation.pdbx_scattering_type             x-ray 
# 
_diffrn_radiation_wavelength.id           1 
_diffrn_radiation_wavelength.wavelength   0.91881 
_diffrn_radiation_wavelength.wt           1.0 
# 
_diffrn_source.current                     ? 
_diffrn_source.details                     ? 
_diffrn_source.diffrn_id                   1 
_diffrn_source.power                       ? 
_diffrn_source.size                        ? 
_diffrn_source.source                      SYNCHROTRON 
_diffrn_source.target                      ? 
_diffrn_source.type                        'SLS BEAMLINE X10SA' 
_diffrn_source.voltage                     ? 
_diffrn_source.take-off_angle              ? 
_diffrn_source.pdbx_wavelength_list        0.91881 
_diffrn_source.pdbx_wavelength             ? 
_diffrn_source.pdbx_synchrotron_beamline   X10SA 
_diffrn_source.pdbx_synchrotron_site       SLS 
# 
_reflns.B_iso_Wilson_estimate            ? 
_reflns.entry_id                         5D5F 
_reflns.data_reduction_details           ? 
_reflns.data_reduction_method            ? 
_reflns.d_resolution_high                1.5 
_reflns.d_resolution_low                 50 
_reflns.details                          ? 
_reflns.limit_h_max                      ? 
_reflns.limit_h_min                      ? 
_reflns.limit_k_max                      ? 
_reflns.limit_k_min                      ? 
_reflns.limit_l_max                      ? 
_reflns.limit_l_min                      ? 
_reflns.number_all                       ? 
_reflns.number_obs                       35932 
_reflns.observed_criterion               ? 
_reflns.observed_criterion_F_max         ? 
_reflns.observed_criterion_F_min         ? 
_reflns.observed_criterion_I_max         ? 
_reflns.observed_criterion_I_min         ? 
_reflns.observed_criterion_sigma_F       ? 
_reflns.observed_criterion_sigma_I       ? 
_reflns.percent_possible_obs             99.4 
_reflns.R_free_details                   ? 
_reflns.Rmerge_F_all                     ? 
_reflns.Rmerge_F_obs                     ? 
_reflns.Friedel_coverage                 ? 
_reflns.number_gt                        ? 
_reflns.threshold_expression             ? 
_reflns.pdbx_redundancy                  11.2 
_reflns.pdbx_Rmerge_I_obs                ? 
_reflns.pdbx_Rmerge_I_all                ? 
_reflns.pdbx_Rsym_value                  ? 
_reflns.pdbx_netI_over_av_sigmaI         ? 
_reflns.pdbx_netI_over_sigmaI            6.39 
_reflns.pdbx_res_netI_over_av_sigmaI_2   ? 
_reflns.pdbx_res_netI_over_sigmaI_2      ? 
_reflns.pdbx_chi_squared                 ? 
_reflns.pdbx_scaling_rejects             ? 
_reflns.pdbx_d_res_high_opt              ? 
_reflns.pdbx_d_res_low_opt               ? 
_reflns.pdbx_d_res_opt_method            ? 
_reflns.phase_calculation_details        ? 
_reflns.pdbx_Rrim_I_all                  ? 
_reflns.pdbx_Rpim_I_all                  ? 
_reflns.pdbx_d_opt                       ? 
_reflns.pdbx_number_measured_all         ? 
_reflns.pdbx_diffrn_id                   1 
_reflns.pdbx_ordinal                     1 
_reflns.pdbx_CC_half                     ? 
_reflns.pdbx_R_split                     ? 
# 
_reflns_shell.d_res_high                  1.5 
_reflns_shell.d_res_low                   1.54 
_reflns_shell.meanI_over_sigI_all         ? 
_reflns_shell.meanI_over_sigI_obs         0.97 
_reflns_shell.number_measured_all         ? 
_reflns_shell.number_measured_obs         ? 
_reflns_shell.number_possible             ? 
_reflns_shell.number_unique_all           ? 
_reflns_shell.number_unique_obs           ? 
_reflns_shell.percent_possible_all        92 
_reflns_shell.percent_possible_obs        ? 
_reflns_shell.Rmerge_F_all                ? 
_reflns_shell.Rmerge_F_obs                ? 
_reflns_shell.Rmerge_I_all                ? 
_reflns_shell.Rmerge_I_obs                ? 
_reflns_shell.meanI_over_sigI_gt          ? 
_reflns_shell.meanI_over_uI_all           ? 
_reflns_shell.meanI_over_uI_gt            ? 
_reflns_shell.number_measured_gt          ? 
_reflns_shell.number_unique_gt            ? 
_reflns_shell.percent_possible_gt         ? 
_reflns_shell.Rmerge_F_gt                 ? 
_reflns_shell.Rmerge_I_gt                 ? 
_reflns_shell.pdbx_redundancy             10.5 
_reflns_shell.pdbx_Rsym_value             ? 
_reflns_shell.pdbx_chi_squared            ? 
_reflns_shell.pdbx_netI_over_sigmaI_all   ? 
_reflns_shell.pdbx_netI_over_sigmaI_obs   ? 
_reflns_shell.pdbx_Rrim_I_all             ? 
_reflns_shell.pdbx_Rpim_I_all             ? 
_reflns_shell.pdbx_rejects                ? 
_reflns_shell.pdbx_ordinal                1 
_reflns_shell.pdbx_diffrn_id              1 
_reflns_shell.pdbx_CC_half                ? 
_reflns_shell.pdbx_R_split                ? 
# 
_refine.aniso_B[1][1]                            ? 
_refine.aniso_B[1][2]                            ? 
_refine.aniso_B[1][3]                            ? 
_refine.aniso_B[2][2]                            ? 
_refine.aniso_B[2][3]                            ? 
_refine.aniso_B[3][3]                            ? 
_refine.B_iso_max                                ? 
_refine.B_iso_mean                               ? 
_refine.B_iso_min                                ? 
_refine.correlation_coeff_Fo_to_Fc               ? 
_refine.correlation_coeff_Fo_to_Fc_free          ? 
_refine.details                                  ? 
_refine.diff_density_max                         ? 
_refine.diff_density_max_esd                     ? 
_refine.diff_density_min                         ? 
_refine.diff_density_min_esd                     ? 
_refine.diff_density_rms                         ? 
_refine.diff_density_rms_esd                     ? 
_refine.entry_id                                 5D5F 
_refine.pdbx_refine_id                           'X-RAY DIFFRACTION' 
_refine.ls_abs_structure_details                 ? 
_refine.ls_abs_structure_Flack                   ? 
_refine.ls_abs_structure_Flack_esd               ? 
_refine.ls_abs_structure_Rogers                  ? 
_refine.ls_abs_structure_Rogers_esd              ? 
_refine.ls_d_res_high                            1.5 
_refine.ls_d_res_low                             35.057 
_refine.ls_extinction_coef                       ? 
_refine.ls_extinction_coef_esd                   ? 
_refine.ls_extinction_expression                 ? 
_refine.ls_extinction_method                     ? 
_refine.ls_goodness_of_fit_all                   ? 
_refine.ls_goodness_of_fit_all_esd               ? 
_refine.ls_goodness_of_fit_obs                   ? 
_refine.ls_goodness_of_fit_obs_esd               ? 
_refine.ls_hydrogen_treatment                    ? 
_refine.ls_matrix_type                           ? 
_refine.ls_number_constraints                    ? 
_refine.ls_number_parameters                     ? 
_refine.ls_number_reflns_all                     ? 
_refine.ls_number_reflns_obs                     35932 
_refine.ls_number_reflns_R_free                  1791 
_refine.ls_number_reflns_R_work                  ? 
_refine.ls_number_restraints                     ? 
_refine.ls_percent_reflns_obs                    98.45 
_refine.ls_percent_reflns_R_free                 4.98 
_refine.ls_R_factor_all                          ? 
_refine.ls_R_factor_obs                          0.1839 
_refine.ls_R_factor_R_free                       0.2116 
_refine.ls_R_factor_R_free_error                 ? 
_refine.ls_R_factor_R_free_error_details         ? 
_refine.ls_R_factor_R_work                       0.1824 
_refine.ls_R_Fsqd_factor_obs                     ? 
_refine.ls_R_I_factor_obs                        ? 
_refine.ls_redundancy_reflns_all                 ? 
_refine.ls_redundancy_reflns_obs                 ? 
_refine.ls_restrained_S_all                      ? 
_refine.ls_restrained_S_obs                      ? 
_refine.ls_shift_over_esd_max                    ? 
_refine.ls_shift_over_esd_mean                   ? 
_refine.ls_structure_factor_coef                 ? 
_refine.ls_weighting_details                     ? 
_refine.ls_weighting_scheme                      ? 
_refine.ls_wR_factor_all                         ? 
_refine.ls_wR_factor_obs                         ? 
_refine.ls_wR_factor_R_free                      ? 
_refine.ls_wR_factor_R_work                      ? 
_refine.occupancy_max                            ? 
_refine.occupancy_min                            ? 
_refine.solvent_model_details                    'FLAT BULK SOLVENT MODEL' 
_refine.solvent_model_param_bsol                 ? 
_refine.solvent_model_param_ksol                 ? 
_refine.ls_R_factor_gt                           ? 
_refine.ls_goodness_of_fit_gt                    ? 
_refine.ls_goodness_of_fit_ref                   ? 
_refine.ls_shift_over_su_max                     ? 
_refine.ls_shift_over_su_max_lt                  ? 
_refine.ls_shift_over_su_mean                    ? 
_refine.ls_shift_over_su_mean_lt                 ? 
_refine.pdbx_ls_sigma_I                          ? 
_refine.pdbx_ls_sigma_F                          1.34 
_refine.pdbx_ls_sigma_Fsqd                       ? 
_refine.pdbx_data_cutoff_high_absF               ? 
_refine.pdbx_data_cutoff_high_rms_absF           ? 
_refine.pdbx_data_cutoff_low_absF                ? 
_refine.pdbx_isotropic_thermal_model             ? 
_refine.pdbx_ls_cross_valid_method               THROUGHOUT 
_refine.pdbx_method_to_determine_struct          SAD 
_refine.pdbx_starting_model                      ? 
_refine.pdbx_stereochemistry_target_values       ML 
_refine.pdbx_R_Free_selection_details            ? 
_refine.pdbx_stereochem_target_val_spec_case     ? 
_refine.pdbx_overall_ESU_R                       ? 
_refine.pdbx_overall_ESU_R_Free                  ? 
_refine.pdbx_solvent_vdw_probe_radii             1.11 
_refine.pdbx_solvent_ion_probe_radii             ? 
_refine.pdbx_solvent_shrinkage_radii             0.90 
_refine.pdbx_real_space_R                        ? 
_refine.pdbx_density_correlation                 ? 
_refine.pdbx_pd_number_of_powder_patterns        ? 
_refine.pdbx_pd_number_of_points                 ? 
_refine.pdbx_pd_meas_number_of_points            ? 
_refine.pdbx_pd_proc_ls_prof_R_factor            ? 
_refine.pdbx_pd_proc_ls_prof_wR_factor           ? 
_refine.pdbx_pd_Marquardt_correlation_coeff      ? 
_refine.pdbx_pd_Fsqrd_R_factor                   ? 
_refine.pdbx_pd_ls_matrix_band_width             ? 
_refine.pdbx_overall_phase_error                 21.48 
_refine.pdbx_overall_SU_R_free_Cruickshank_DPI   ? 
_refine.pdbx_overall_SU_R_free_Blow_DPI          ? 
_refine.pdbx_overall_SU_R_Blow_DPI               ? 
_refine.pdbx_TLS_residual_ADP_flag               ? 
_refine.pdbx_diffrn_id                           1 
_refine.overall_SU_B                             ? 
_refine.overall_SU_ML                            0.17 
_refine.overall_SU_R_Cruickshank_DPI             ? 
_refine.overall_SU_R_free                        ? 
_refine.overall_FOM_free_R_set                   ? 
_refine.overall_FOM_work_R_set                   ? 
_refine.pdbx_average_fsc_overall                 ? 
_refine.pdbx_average_fsc_work                    ? 
_refine.pdbx_average_fsc_free                    ? 
# 
_refine_hist.pdbx_refine_id                   'X-RAY DIFFRACTION' 
_refine_hist.cycle_id                         LAST 
_refine_hist.pdbx_number_atoms_protein        1000 
_refine_hist.pdbx_number_atoms_nucleic_acid   0 
_refine_hist.pdbx_number_atoms_ligand         19 
_refine_hist.number_atoms_solvent             141 
_refine_hist.number_atoms_total               1160 
_refine_hist.d_res_high                       1.5 
_refine_hist.d_res_low                        35.057 
# 
loop_
_refine_ls_restr.pdbx_refine_id 
_refine_ls_restr.criterion 
_refine_ls_restr.dev_ideal 
_refine_ls_restr.dev_ideal_target 
_refine_ls_restr.number 
_refine_ls_restr.rejects 
_refine_ls_restr.type 
_refine_ls_restr.weight 
_refine_ls_restr.pdbx_restraint_function 
'X-RAY DIFFRACTION' ? 0.007  ? 1056 ? f_bond_d           ? ? 
'X-RAY DIFFRACTION' ? 1.038  ? 1424 ? f_angle_d          ? ? 
'X-RAY DIFFRACTION' ? 11.685 ? 382  ? f_dihedral_angle_d ? ? 
'X-RAY DIFFRACTION' ? 0.048  ? 149  ? f_chiral_restr     ? ? 
'X-RAY DIFFRACTION' ? 0.004  ? 186  ? f_plane_restr      ? ? 
# 
loop_
_refine_ls_shell.pdbx_refine_id 
_refine_ls_shell.d_res_high 
_refine_ls_shell.d_res_low 
_refine_ls_shell.number_reflns_all 
_refine_ls_shell.number_reflns_obs 
_refine_ls_shell.number_reflns_R_free 
_refine_ls_shell.number_reflns_R_work 
_refine_ls_shell.percent_reflns_obs 
_refine_ls_shell.percent_reflns_R_free 
_refine_ls_shell.R_factor_all 
_refine_ls_shell.R_factor_obs 
_refine_ls_shell.R_factor_R_free 
_refine_ls_shell.R_factor_R_free_error 
_refine_ls_shell.R_factor_R_work 
_refine_ls_shell.redundancy_reflns_all 
_refine_ls_shell.redundancy_reflns_obs 
_refine_ls_shell.wR_factor_all 
_refine_ls_shell.wR_factor_obs 
_refine_ls_shell.wR_factor_R_free 
_refine_ls_shell.wR_factor_R_work 
_refine_ls_shell.pdbx_total_number_of_bins_used 
_refine_ls_shell.pdbx_phase_error 
_refine_ls_shell.pdbx_fsc_work 
_refine_ls_shell.pdbx_fsc_free 
'X-RAY DIFFRACTION' 1.4950 1.5354  . . 117 2142 80.00  . . . 0.3491 . 0.3004 . . . . . . . . . . 
'X-RAY DIFFRACTION' 1.5354 1.5805  . . 142 2686 100.00 . . . 0.2839 . 0.2804 . . . . . . . . . . 
'X-RAY DIFFRACTION' 1.5805 1.6316  . . 141 2648 100.00 . . . 0.2379 . 0.2404 . . . . . . . . . . 
'X-RAY DIFFRACTION' 1.6316 1.6899  . . 137 2651 100.00 . . . 0.2712 . 0.2333 . . . . . . . . . . 
'X-RAY DIFFRACTION' 1.6899 1.7575  . . 139 2665 100.00 . . . 0.2572 . 0.2293 . . . . . . . . . . 
'X-RAY DIFFRACTION' 1.7575 1.8375  . . 136 2665 100.00 . . . 0.2119 . 0.2147 . . . . . . . . . . 
'X-RAY DIFFRACTION' 1.8375 1.9344  . . 139 2677 100.00 . . . 0.2555 . 0.1930 . . . . . . . . . . 
'X-RAY DIFFRACTION' 1.9344 2.0556  . . 137 2664 100.00 . . . 0.2311 . 0.1834 . . . . . . . . . . 
'X-RAY DIFFRACTION' 2.0556 2.2143  . . 143 2682 100.00 . . . 0.2411 . 0.1656 . . . . . . . . . . 
'X-RAY DIFFRACTION' 2.2143 2.4370  . . 146 2659 100.00 . . . 0.1848 . 0.1657 . . . . . . . . . . 
'X-RAY DIFFRACTION' 2.4370 2.7896  . . 139 2665 100.00 . . . 0.1778 . 0.1764 . . . . . . . . . . 
'X-RAY DIFFRACTION' 2.7896 3.5140  . . 141 2662 100.00 . . . 0.2001 . 0.1659 . . . . . . . . . . 
'X-RAY DIFFRACTION' 3.5140 35.0667 . . 134 2675 100.00 . . . 0.1881 . 0.1610 . . . . . . . . . . 
# 
_struct.entry_id                     5D5F 
_struct.title                        'In meso in situ serial X-ray crystallography structure of lysozyme by bromine-SAD at 100 K' 
_struct.pdbx_model_details           ? 
_struct.pdbx_formula_weight          ? 
_struct.pdbx_formula_weight_method   ? 
_struct.pdbx_model_type_details      ? 
_struct.pdbx_CASP_flag               ? 
# 
_struct_keywords.entry_id        5D5F 
_struct_keywords.text            HYDROLASE 
_struct_keywords.pdbx_keywords   HYDROLASE 
# 
loop_
_struct_asym.id 
_struct_asym.pdbx_blank_PDB_chainid_flag 
_struct_asym.pdbx_modified 
_struct_asym.entity_id 
_struct_asym.details 
A N N 1 ? 
B N N 2 ? 
C N N 2 ? 
D N N 2 ? 
E N N 2 ? 
F N N 2 ? 
G N N 2 ? 
H N N 2 ? 
I N N 3 ? 
J N N 4 ? 
K N N 5 ? 
L N N 6 ? 
# 
_struct_ref.id                         1 
_struct_ref.db_name                    UNP 
_struct_ref.db_code                    LYSC_CHICK 
_struct_ref.pdbx_db_accession          P00698 
_struct_ref.pdbx_db_isoform            ? 
_struct_ref.entity_id                  1 
_struct_ref.pdbx_seq_one_letter_code   
;KVFGRCELAAAMKRHGLDNYRGYSLGNWVCAAKFESNFNTQATNRNTDGSTDYGILQINSRWWCNDGRTPGSRNLCNIPC
SALLSSDITASVNCAKKIVSDGNGMNAWVAWRNRCKGTDVQAWIRGCRL
;
_struct_ref.pdbx_align_begin           19 
# 
_struct_ref_seq.align_id                      1 
_struct_ref_seq.ref_id                        1 
_struct_ref_seq.pdbx_PDB_id_code              5D5F 
_struct_ref_seq.pdbx_strand_id                A 
_struct_ref_seq.seq_align_beg                 1 
_struct_ref_seq.pdbx_seq_align_beg_ins_code   ? 
_struct_ref_seq.seq_align_end                 129 
_struct_ref_seq.pdbx_seq_align_end_ins_code   ? 
_struct_ref_seq.pdbx_db_accession             P00698 
_struct_ref_seq.db_align_beg                  19 
_struct_ref_seq.pdbx_db_align_beg_ins_code    ? 
_struct_ref_seq.db_align_end                  147 
_struct_ref_seq.pdbx_db_align_end_ins_code    ? 
_struct_ref_seq.pdbx_auth_seq_align_beg       1 
_struct_ref_seq.pdbx_auth_seq_align_end       129 
# 
_pdbx_struct_assembly.id                   1 
_pdbx_struct_assembly.details              author_and_software_defined_assembly 
_pdbx_struct_assembly.method_details       PISA 
_pdbx_struct_assembly.oligomeric_details   monomeric 
_pdbx_struct_assembly.oligomeric_count     1 
# 
loop_
_pdbx_struct_assembly_prop.biol_id 
_pdbx_struct_assembly_prop.type 
_pdbx_struct_assembly_prop.value 
_pdbx_struct_assembly_prop.details 
1 'ABSA (A^2)' 1280 ? 
1 MORE         -10  ? 
1 'SSA (A^2)'  6540 ? 
# 
_pdbx_struct_assembly_gen.assembly_id       1 
_pdbx_struct_assembly_gen.oper_expression   1 
_pdbx_struct_assembly_gen.asym_id_list      A,B,C,D,E,F,G,H,I,J,K,L 
# 
_pdbx_struct_oper_list.id                   1 
_pdbx_struct_oper_list.type                 'identity operation' 
_pdbx_struct_oper_list.name                 1_555 
_pdbx_struct_oper_list.symmetry_operation   x,y,z 
_pdbx_struct_oper_list.matrix[1][1]         1.0000000000 
_pdbx_struct_oper_list.matrix[1][2]         0.0000000000 
_pdbx_struct_oper_list.matrix[1][3]         0.0000000000 
_pdbx_struct_oper_list.vector[1]            0.0000000000 
_pdbx_struct_oper_list.matrix[2][1]         0.0000000000 
_pdbx_struct_oper_list.matrix[2][2]         1.0000000000 
_pdbx_struct_oper_list.matrix[2][3]         0.0000000000 
_pdbx_struct_oper_list.vector[2]            0.0000000000 
_pdbx_struct_oper_list.matrix[3][1]         0.0000000000 
_pdbx_struct_oper_list.matrix[3][2]         0.0000000000 
_pdbx_struct_oper_list.matrix[3][3]         1.0000000000 
_pdbx_struct_oper_list.vector[3]            0.0000000000 
# 
loop_
_struct_conf.conf_type_id 
_struct_conf.id 
_struct_conf.pdbx_PDB_helix_id 
_struct_conf.beg_label_comp_id 
_struct_conf.beg_label_asym_id 
_struct_conf.beg_label_seq_id 
_struct_conf.pdbx_beg_PDB_ins_code 
_struct_conf.end_label_comp_id 
_struct_conf.end_label_asym_id 
_struct_conf.end_label_seq_id 
_struct_conf.pdbx_end_PDB_ins_code 
_struct_conf.beg_auth_comp_id 
_struct_conf.beg_auth_asym_id 
_struct_conf.beg_auth_seq_id 
_struct_conf.end_auth_comp_id 
_struct_conf.end_auth_asym_id 
_struct_conf.end_auth_seq_id 
_struct_conf.pdbx_PDB_helix_class 
_struct_conf.details 
_struct_conf.pdbx_PDB_helix_length 
HELX_P HELX_P1 AA1 GLY A 4   ? HIS A 15  ? GLY A 4   HIS A 15  1 ? 12 
HELX_P HELX_P2 AA2 ASN A 19  ? TYR A 23  ? ASN A 19  TYR A 23  5 ? 5  
HELX_P HELX_P3 AA3 SER A 24  ? ASN A 37  ? SER A 24  ASN A 37  1 ? 14 
HELX_P HELX_P4 AA4 PRO A 79  ? SER A 85  ? PRO A 79  SER A 85  5 ? 7  
HELX_P HELX_P5 AA5 ILE A 88  ? SER A 100 ? ILE A 88  SER A 100 1 ? 13 
HELX_P HELX_P6 AA6 ASN A 103 ? ALA A 107 ? ASN A 103 ALA A 107 5 ? 5  
HELX_P HELX_P7 AA7 TRP A 108 ? CYS A 115 ? TRP A 108 CYS A 115 1 ? 8  
HELX_P HELX_P8 AA8 ASP A 119 ? ARG A 125 ? ASP A 119 ARG A 125 5 ? 7  
# 
_struct_conf_type.id          HELX_P 
_struct_conf_type.criteria    ? 
_struct_conf_type.reference   ? 
# 
loop_
_struct_conn.id 
_struct_conn.conn_type_id 
_struct_conn.pdbx_leaving_atom_flag 
_struct_conn.pdbx_PDB_id 
_struct_conn.ptnr1_label_asym_id 
_struct_conn.ptnr1_label_comp_id 
_struct_conn.ptnr1_label_seq_id 
_struct_conn.ptnr1_label_atom_id 
_struct_conn.pdbx_ptnr1_label_alt_id 
_struct_conn.pdbx_ptnr1_PDB_ins_code 
_struct_conn.pdbx_ptnr1_standard_comp_id 
_struct_conn.ptnr1_symmetry 
_struct_conn.ptnr2_label_asym_id 
_struct_conn.ptnr2_label_comp_id 
_struct_conn.ptnr2_label_seq_id 
_struct_conn.ptnr2_label_atom_id 
_struct_conn.pdbx_ptnr2_label_alt_id 
_struct_conn.pdbx_ptnr2_PDB_ins_code 
_struct_conn.ptnr1_auth_asym_id 
_struct_conn.ptnr1_auth_comp_id 
_struct_conn.ptnr1_auth_seq_id 
_struct_conn.ptnr2_auth_asym_id 
_struct_conn.ptnr2_auth_comp_id 
_struct_conn.ptnr2_auth_seq_id 
_struct_conn.ptnr2_symmetry 
_struct_conn.pdbx_ptnr3_label_atom_id 
_struct_conn.pdbx_ptnr3_label_seq_id 
_struct_conn.pdbx_ptnr3_label_comp_id 
_struct_conn.pdbx_ptnr3_label_asym_id 
_struct_conn.pdbx_ptnr3_label_alt_id 
_struct_conn.pdbx_ptnr3_PDB_ins_code 
_struct_conn.details 
_struct_conn.pdbx_dist_value 
_struct_conn.pdbx_value_order 
_struct_conn.pdbx_role 
disulf1 disulf ? ? A CYS 6  SG ? ? ? 1_555 A CYS 127 SG ? ? A CYS 6   A CYS 127 1_555 ? ? ? ? ? ? ? 2.040 ? ? 
disulf2 disulf ? ? A CYS 30 SG ? ? ? 1_555 A CYS 115 SG ? ? A CYS 30  A CYS 115 1_555 ? ? ? ? ? ? ? 2.046 ? ? 
disulf3 disulf ? ? A CYS 64 SG ? ? ? 1_555 A CYS 80  SG ? ? A CYS 64  A CYS 80  1_555 ? ? ? ? ? ? ? 2.033 ? ? 
disulf4 disulf ? ? A CYS 76 SG ? ? ? 1_555 A CYS 94  SG ? ? A CYS 76  A CYS 94  1_555 ? ? ? ? ? ? ? 2.035 ? ? 
metalc1 metalc ? ? A SER 60 O  ? ? ? 1_555 I NA  .   NA ? ? A SER 60  A NA  208 1_555 ? ? ? ? ? ? ? 2.289 ? ? 
metalc2 metalc ? ? A CYS 64 O  ? ? ? 1_555 I NA  .   NA ? ? A CYS 64  A NA  208 1_555 ? ? ? ? ? ? ? 2.379 ? ? 
metalc3 metalc ? ? A SER 72 OG ? ? ? 1_555 I NA  .   NA ? ? A SER 72  A NA  208 1_555 ? ? ? ? ? ? ? 2.471 ? ? 
metalc4 metalc ? ? A ARG 73 O  ? ? ? 1_555 I NA  .   NA ? ? A ARG 73  A NA  208 1_555 ? ? ? ? ? ? ? 2.465 ? ? 
metalc5 metalc ? ? I NA  .  NA ? ? ? 1_555 L HOH .   O  ? ? A NA  208 A HOH 375 1_555 ? ? ? ? ? ? ? 2.480 ? ? 
metalc6 metalc ? ? I NA  .  NA ? ? ? 1_555 L HOH .   O  ? ? A NA  208 A HOH 390 1_555 ? ? ? ? ? ? ? 2.484 ? ? 
# 
loop_
_struct_conn_type.id 
_struct_conn_type.criteria 
_struct_conn_type.reference 
disulf ? ? 
metalc ? ? 
# 
loop_
_pdbx_struct_conn_angle.id 
_pdbx_struct_conn_angle.ptnr1_label_atom_id 
_pdbx_struct_conn_angle.ptnr1_label_alt_id 
_pdbx_struct_conn_angle.ptnr1_label_asym_id 
_pdbx_struct_conn_angle.ptnr1_label_comp_id 
_pdbx_struct_conn_angle.ptnr1_label_seq_id 
_pdbx_struct_conn_angle.ptnr1_auth_atom_id 
_pdbx_struct_conn_angle.ptnr1_auth_asym_id 
_pdbx_struct_conn_angle.ptnr1_auth_comp_id 
_pdbx_struct_conn_angle.ptnr1_auth_seq_id 
_pdbx_struct_conn_angle.ptnr1_PDB_ins_code 
_pdbx_struct_conn_angle.ptnr1_symmetry 
_pdbx_struct_conn_angle.ptnr2_label_atom_id 
_pdbx_struct_conn_angle.ptnr2_label_alt_id 
_pdbx_struct_conn_angle.ptnr2_label_asym_id 
_pdbx_struct_conn_angle.ptnr2_label_comp_id 
_pdbx_struct_conn_angle.ptnr2_label_seq_id 
_pdbx_struct_conn_angle.ptnr2_auth_atom_id 
_pdbx_struct_conn_angle.ptnr2_auth_asym_id 
_pdbx_struct_conn_angle.ptnr2_auth_comp_id 
_pdbx_struct_conn_angle.ptnr2_auth_seq_id 
_pdbx_struct_conn_angle.ptnr2_PDB_ins_code 
_pdbx_struct_conn_angle.ptnr2_symmetry 
_pdbx_struct_conn_angle.ptnr3_label_atom_id 
_pdbx_struct_conn_angle.ptnr3_label_alt_id 
_pdbx_struct_conn_angle.ptnr3_label_asym_id 
_pdbx_struct_conn_angle.ptnr3_label_comp_id 
_pdbx_struct_conn_angle.ptnr3_label_seq_id 
_pdbx_struct_conn_angle.ptnr3_auth_atom_id 
_pdbx_struct_conn_angle.ptnr3_auth_asym_id 
_pdbx_struct_conn_angle.ptnr3_auth_comp_id 
_pdbx_struct_conn_angle.ptnr3_auth_seq_id 
_pdbx_struct_conn_angle.ptnr3_PDB_ins_code 
_pdbx_struct_conn_angle.ptnr3_symmetry 
_pdbx_struct_conn_angle.value 
_pdbx_struct_conn_angle.value_esd 
1  O  ? A SER 60 ? A SER 60  ? 1_555 NA ? I NA . ? A NA 208 ? 1_555 O  ? A CYS 64 ? A CYS 64  ? 1_555 89.4  ? 
2  O  ? A SER 60 ? A SER 60  ? 1_555 NA ? I NA . ? A NA 208 ? 1_555 OG ? A SER 72 ? A SER 72  ? 1_555 88.9  ? 
3  O  ? A CYS 64 ? A CYS 64  ? 1_555 NA ? I NA . ? A NA 208 ? 1_555 OG ? A SER 72 ? A SER 72  ? 1_555 163.7 ? 
4  O  ? A SER 60 ? A SER 60  ? 1_555 NA ? I NA . ? A NA 208 ? 1_555 O  ? A ARG 73 ? A ARG 73  ? 1_555 92.3  ? 
5  O  ? A CYS 64 ? A CYS 64  ? 1_555 NA ? I NA . ? A NA 208 ? 1_555 O  ? A ARG 73 ? A ARG 73  ? 1_555 95.6  ? 
6  OG ? A SER 72 ? A SER 72  ? 1_555 NA ? I NA . ? A NA 208 ? 1_555 O  ? A ARG 73 ? A ARG 73  ? 1_555 100.6 ? 
7  O  ? A SER 60 ? A SER 60  ? 1_555 NA ? I NA . ? A NA 208 ? 1_555 O  ? L HOH .  ? A HOH 375 ? 1_555 171.6 ? 
8  O  ? A CYS 64 ? A CYS 64  ? 1_555 NA ? I NA . ? A NA 208 ? 1_555 O  ? L HOH .  ? A HOH 375 ? 1_555 97.9  ? 
9  OG ? A SER 72 ? A SER 72  ? 1_555 NA ? I NA . ? A NA 208 ? 1_555 O  ? L HOH .  ? A HOH 375 ? 1_555 83.0  ? 
10 O  ? A ARG 73 ? A ARG 73  ? 1_555 NA ? I NA . ? A NA 208 ? 1_555 O  ? L HOH .  ? A HOH 375 ? 1_555 91.0  ? 
11 O  ? A SER 60 ? A SER 60  ? 1_555 NA ? I NA . ? A NA 208 ? 1_555 O  ? L HOH .  ? A HOH 390 ? 1_555 102.0 ? 
12 O  ? A CYS 64 ? A CYS 64  ? 1_555 NA ? I NA . ? A NA 208 ? 1_555 O  ? L HOH .  ? A HOH 390 ? 1_555 87.0  ? 
13 OG ? A SER 72 ? A SER 72  ? 1_555 NA ? I NA . ? A NA 208 ? 1_555 O  ? L HOH .  ? A HOH 390 ? 1_555 77.5  ? 
14 O  ? A ARG 73 ? A ARG 73  ? 1_555 NA ? I NA . ? A NA 208 ? 1_555 O  ? L HOH .  ? A HOH 390 ? 1_555 165.4 ? 
15 O  ? L HOH .  ? A HOH 375 ? 1_555 NA ? I NA . ? A NA 208 ? 1_555 O  ? L HOH .  ? A HOH 390 ? 1_555 74.5  ? 
# 
loop_
_pdbx_modification_feature.ordinal 
_pdbx_modification_feature.label_comp_id 
_pdbx_modification_feature.label_asym_id 
_pdbx_modification_feature.label_seq_id 
_pdbx_modification_feature.label_alt_id 
_pdbx_modification_feature.modified_residue_label_comp_id 
_pdbx_modification_feature.modified_residue_label_asym_id 
_pdbx_modification_feature.modified_residue_label_seq_id 
_pdbx_modification_feature.modified_residue_label_alt_id 
_pdbx_modification_feature.auth_comp_id 
_pdbx_modification_feature.auth_asym_id 
_pdbx_modification_feature.auth_seq_id 
_pdbx_modification_feature.PDB_ins_code 
_pdbx_modification_feature.symmetry 
_pdbx_modification_feature.modified_residue_auth_comp_id 
_pdbx_modification_feature.modified_residue_auth_asym_id 
_pdbx_modification_feature.modified_residue_auth_seq_id 
_pdbx_modification_feature.modified_residue_PDB_ins_code 
_pdbx_modification_feature.modified_residue_symmetry 
_pdbx_modification_feature.comp_id_linking_atom 
_pdbx_modification_feature.modified_residue_id_linking_atom 
_pdbx_modification_feature.modified_residue_id 
_pdbx_modification_feature.ref_pcm_id 
_pdbx_modification_feature.ref_comp_id 
_pdbx_modification_feature.type 
_pdbx_modification_feature.category 
1 CYS A 6  ? CYS A 127 ? CYS A 6  ? 1_555 CYS A 127 ? 1_555 SG SG . . . None 'Disulfide bridge' 
2 CYS A 30 ? CYS A 115 ? CYS A 30 ? 1_555 CYS A 115 ? 1_555 SG SG . . . None 'Disulfide bridge' 
3 CYS A 64 ? CYS A 80  ? CYS A 64 ? 1_555 CYS A 80  ? 1_555 SG SG . . . None 'Disulfide bridge' 
4 CYS A 76 ? CYS A 94  ? CYS A 76 ? 1_555 CYS A 94  ? 1_555 SG SG . . . None 'Disulfide bridge' 
# 
_struct_sheet.id               AA1 
_struct_sheet.type             ? 
_struct_sheet.number_strands   3 
_struct_sheet.details          ? 
# 
loop_
_struct_sheet_order.sheet_id 
_struct_sheet_order.range_id_1 
_struct_sheet_order.range_id_2 
_struct_sheet_order.offset 
_struct_sheet_order.sense 
AA1 1 2 ? anti-parallel 
AA1 2 3 ? anti-parallel 
# 
loop_
_struct_sheet_range.sheet_id 
_struct_sheet_range.id 
_struct_sheet_range.beg_label_comp_id 
_struct_sheet_range.beg_label_asym_id 
_struct_sheet_range.beg_label_seq_id 
_struct_sheet_range.pdbx_beg_PDB_ins_code 
_struct_sheet_range.end_label_comp_id 
_struct_sheet_range.end_label_asym_id 
_struct_sheet_range.end_label_seq_id 
_struct_sheet_range.pdbx_end_PDB_ins_code 
_struct_sheet_range.beg_auth_comp_id 
_struct_sheet_range.beg_auth_asym_id 
_struct_sheet_range.beg_auth_seq_id 
_struct_sheet_range.end_auth_comp_id 
_struct_sheet_range.end_auth_asym_id 
_struct_sheet_range.end_auth_seq_id 
AA1 1 THR A 43 ? ARG A 45 ? THR A 43 ARG A 45 
AA1 2 THR A 51 ? TYR A 53 ? THR A 51 TYR A 53 
AA1 3 ILE A 58 ? ASN A 59 ? ILE A 58 ASN A 59 
# 
loop_
_pdbx_struct_sheet_hbond.sheet_id 
_pdbx_struct_sheet_hbond.range_id_1 
_pdbx_struct_sheet_hbond.range_id_2 
_pdbx_struct_sheet_hbond.range_1_label_atom_id 
_pdbx_struct_sheet_hbond.range_1_label_comp_id 
_pdbx_struct_sheet_hbond.range_1_label_asym_id 
_pdbx_struct_sheet_hbond.range_1_label_seq_id 
_pdbx_struct_sheet_hbond.range_1_PDB_ins_code 
_pdbx_struct_sheet_hbond.range_1_auth_atom_id 
_pdbx_struct_sheet_hbond.range_1_auth_comp_id 
_pdbx_struct_sheet_hbond.range_1_auth_asym_id 
_pdbx_struct_sheet_hbond.range_1_auth_seq_id 
_pdbx_struct_sheet_hbond.range_2_label_atom_id 
_pdbx_struct_sheet_hbond.range_2_label_comp_id 
_pdbx_struct_sheet_hbond.range_2_label_asym_id 
_pdbx_struct_sheet_hbond.range_2_label_seq_id 
_pdbx_struct_sheet_hbond.range_2_PDB_ins_code 
_pdbx_struct_sheet_hbond.range_2_auth_atom_id 
_pdbx_struct_sheet_hbond.range_2_auth_comp_id 
_pdbx_struct_sheet_hbond.range_2_auth_asym_id 
_pdbx_struct_sheet_hbond.range_2_auth_seq_id 
AA1 1 2 N ASN A 44 ? N ASN A 44 O ASP A 52 ? O ASP A 52 
AA1 2 3 N TYR A 53 ? N TYR A 53 O ILE A 58 ? O ILE A 58 
# 
loop_
_struct_site.id 
_struct_site.pdbx_evidence_code 
_struct_site.pdbx_auth_asym_id 
_struct_site.pdbx_auth_comp_id 
_struct_site.pdbx_auth_seq_id 
_struct_site.pdbx_auth_ins_code 
_struct_site.pdbx_num_residues 
_struct_site.details 
AC1 Software A BR  201 ? 1 'binding site for residue BR A 201'  
AC2 Software A BR  202 ? 1 'binding site for residue BR A 202'  
AC3 Software A BR  203 ? 3 'binding site for residue BR A 203'  
AC4 Software A BR  204 ? 1 'binding site for residue BR A 204'  
AC5 Software A BR  205 ? 3 'binding site for residue BR A 205'  
AC6 Software A BR  206 ? 4 'binding site for residue BR A 206'  
AC7 Software A BR  207 ? 1 'binding site for residue BR A 207'  
AC8 Software A NA  208 ? 6 'binding site for residue NA A 208'  
AC9 Software A ACY 209 ? 7 'binding site for residue ACY A 209' 
AD1 Software A PE5 210 ? 1 'binding site for residue PE5 A 210' 
# 
loop_
_struct_site_gen.id 
_struct_site_gen.site_id 
_struct_site_gen.pdbx_num_res 
_struct_site_gen.label_comp_id 
_struct_site_gen.label_asym_id 
_struct_site_gen.label_seq_id 
_struct_site_gen.pdbx_auth_ins_code 
_struct_site_gen.auth_comp_id 
_struct_site_gen.auth_asym_id 
_struct_site_gen.auth_seq_id 
_struct_site_gen.label_atom_id 
_struct_site_gen.label_alt_id 
_struct_site_gen.symmetry 
_struct_site_gen.details 
1  AC1 1 TYR A 23  ? TYR A 23  . ? 1_555 ? 
2  AC2 1 ILE A 88  ? ILE A 88  . ? 1_555 ? 
3  AC3 3 SER A 24  ? SER A 24  . ? 1_555 ? 
4  AC3 3 GLY A 26  ? GLY A 26  . ? 1_555 ? 
5  AC3 3 GLN A 121 ? GLN A 121 . ? 1_555 ? 
6  AC4 1 LYS A 33  ? LYS A 33  . ? 1_555 ? 
7  AC5 3 ASN A 65  ? ASN A 65  . ? 1_555 ? 
8  AC5 3 ARG A 68  ? ARG A 68  . ? 1_555 ? 
9  AC5 3 THR A 69  ? THR A 69  . ? 1_555 ? 
10 AC6 4 ALA A 42  ? ALA A 42  . ? 7_557 ? 
11 AC6 4 ASN A 44  ? ASN A 44  . ? 7_557 ? 
12 AC6 4 ARG A 68  ? ARG A 68  . ? 1_555 ? 
13 AC6 4 HOH L .   ? HOH A 370 . ? 7_557 ? 
14 AC7 1 ASN A 74  ? ASN A 74  . ? 1_555 ? 
15 AC8 6 SER A 60  ? SER A 60  . ? 1_555 ? 
16 AC8 6 CYS A 64  ? CYS A 64  . ? 1_555 ? 
17 AC8 6 SER A 72  ? SER A 72  . ? 1_555 ? 
18 AC8 6 ARG A 73  ? ARG A 73  . ? 1_555 ? 
19 AC8 6 HOH L .   ? HOH A 375 . ? 1_555 ? 
20 AC8 6 HOH L .   ? HOH A 390 . ? 1_555 ? 
21 AC9 7 GLN A 57  ? GLN A 57  . ? 1_555 ? 
22 AC9 7 ILE A 58  ? ILE A 58  . ? 1_555 ? 
23 AC9 7 ASN A 59  ? ASN A 59  . ? 1_555 ? 
24 AC9 7 TRP A 63  ? TRP A 63  . ? 1_555 ? 
25 AC9 7 ALA A 107 ? ALA A 107 . ? 1_555 ? 
26 AC9 7 TRP A 108 ? TRP A 108 . ? 1_555 ? 
27 AC9 7 HOH L .   ? HOH A 337 . ? 1_555 ? 
28 AD1 1 TRP A 123 ? TRP A 123 . ? 1_555 ? 
# 
_pdbx_entry_details.entry_id                   5D5F 
_pdbx_entry_details.compound_details           ? 
_pdbx_entry_details.source_details             ? 
_pdbx_entry_details.nonpolymer_details         ? 
_pdbx_entry_details.sequence_details           ? 
_pdbx_entry_details.has_ligand_of_interest     ? 
_pdbx_entry_details.has_protein_modification   Y 
# 
_pdbx_validate_torsion.id              1 
_pdbx_validate_torsion.PDB_model_num   1 
_pdbx_validate_torsion.auth_comp_id    ARG 
_pdbx_validate_torsion.auth_asym_id    A 
_pdbx_validate_torsion.auth_seq_id     68 
_pdbx_validate_torsion.PDB_ins_code    ? 
_pdbx_validate_torsion.label_alt_id    ? 
_pdbx_validate_torsion.phi             -144.18 
_pdbx_validate_torsion.psi             23.34 
# 
loop_
_pdbx_struct_special_symmetry.id 
_pdbx_struct_special_symmetry.PDB_model_num 
_pdbx_struct_special_symmetry.auth_asym_id 
_pdbx_struct_special_symmetry.auth_comp_id 
_pdbx_struct_special_symmetry.auth_seq_id 
_pdbx_struct_special_symmetry.PDB_ins_code 
_pdbx_struct_special_symmetry.label_asym_id 
_pdbx_struct_special_symmetry.label_comp_id 
_pdbx_struct_special_symmetry.label_seq_id 
1 1 A HOH 310 ? L HOH . 
2 1 A HOH 343 ? L HOH . 
3 1 A HOH 350 ? L HOH . 
# 
loop_
_chem_comp_atom.comp_id 
_chem_comp_atom.atom_id 
_chem_comp_atom.type_symbol 
_chem_comp_atom.pdbx_aromatic_flag 
_chem_comp_atom.pdbx_stereo_config 
_chem_comp_atom.pdbx_ordinal 
ACY C    C  N N 1   
ACY O    O  N N 2   
ACY OXT  O  N N 3   
ACY CH3  C  N N 4   
ACY HXT  H  N N 5   
ACY H1   H  N N 6   
ACY H2   H  N N 7   
ACY H3   H  N N 8   
ALA N    N  N N 9   
ALA CA   C  N S 10  
ALA C    C  N N 11  
ALA O    O  N N 12  
ALA CB   C  N N 13  
ALA OXT  O  N N 14  
ALA H    H  N N 15  
ALA H2   H  N N 16  
ALA HA   H  N N 17  
ALA HB1  H  N N 18  
ALA HB2  H  N N 19  
ALA HB3  H  N N 20  
ALA HXT  H  N N 21  
ARG N    N  N N 22  
ARG CA   C  N S 23  
ARG C    C  N N 24  
ARG O    O  N N 25  
ARG CB   C  N N 26  
ARG CG   C  N N 27  
ARG CD   C  N N 28  
ARG NE   N  N N 29  
ARG CZ   C  N N 30  
ARG NH1  N  N N 31  
ARG NH2  N  N N 32  
ARG OXT  O  N N 33  
ARG H    H  N N 34  
ARG H2   H  N N 35  
ARG HA   H  N N 36  
ARG HB2  H  N N 37  
ARG HB3  H  N N 38  
ARG HG2  H  N N 39  
ARG HG3  H  N N 40  
ARG HD2  H  N N 41  
ARG HD3  H  N N 42  
ARG HE   H  N N 43  
ARG HH11 H  N N 44  
ARG HH12 H  N N 45  
ARG HH21 H  N N 46  
ARG HH22 H  N N 47  
ARG HXT  H  N N 48  
ASN N    N  N N 49  
ASN CA   C  N S 50  
ASN C    C  N N 51  
ASN O    O  N N 52  
ASN CB   C  N N 53  
ASN CG   C  N N 54  
ASN OD1  O  N N 55  
ASN ND2  N  N N 56  
ASN OXT  O  N N 57  
ASN H    H  N N 58  
ASN H2   H  N N 59  
ASN HA   H  N N 60  
ASN HB2  H  N N 61  
ASN HB3  H  N N 62  
ASN HD21 H  N N 63  
ASN HD22 H  N N 64  
ASN HXT  H  N N 65  
ASP N    N  N N 66  
ASP CA   C  N S 67  
ASP C    C  N N 68  
ASP O    O  N N 69  
ASP CB   C  N N 70  
ASP CG   C  N N 71  
ASP OD1  O  N N 72  
ASP OD2  O  N N 73  
ASP OXT  O  N N 74  
ASP H    H  N N 75  
ASP H2   H  N N 76  
ASP HA   H  N N 77  
ASP HB2  H  N N 78  
ASP HB3  H  N N 79  
ASP HD2  H  N N 80  
ASP HXT  H  N N 81  
BR  BR   BR N N 82  
CYS N    N  N N 83  
CYS CA   C  N R 84  
CYS C    C  N N 85  
CYS O    O  N N 86  
CYS CB   C  N N 87  
CYS SG   S  N N 88  
CYS OXT  O  N N 89  
CYS H    H  N N 90  
CYS H2   H  N N 91  
CYS HA   H  N N 92  
CYS HB2  H  N N 93  
CYS HB3  H  N N 94  
CYS HG   H  N N 95  
CYS HXT  H  N N 96  
GLN N    N  N N 97  
GLN CA   C  N S 98  
GLN C    C  N N 99  
GLN O    O  N N 100 
GLN CB   C  N N 101 
GLN CG   C  N N 102 
GLN CD   C  N N 103 
GLN OE1  O  N N 104 
GLN NE2  N  N N 105 
GLN OXT  O  N N 106 
GLN H    H  N N 107 
GLN H2   H  N N 108 
GLN HA   H  N N 109 
GLN HB2  H  N N 110 
GLN HB3  H  N N 111 
GLN HG2  H  N N 112 
GLN HG3  H  N N 113 
GLN HE21 H  N N 114 
GLN HE22 H  N N 115 
GLN HXT  H  N N 116 
GLU N    N  N N 117 
GLU CA   C  N S 118 
GLU C    C  N N 119 
GLU O    O  N N 120 
GLU CB   C  N N 121 
GLU CG   C  N N 122 
GLU CD   C  N N 123 
GLU OE1  O  N N 124 
GLU OE2  O  N N 125 
GLU OXT  O  N N 126 
GLU H    H  N N 127 
GLU H2   H  N N 128 
GLU HA   H  N N 129 
GLU HB2  H  N N 130 
GLU HB3  H  N N 131 
GLU HG2  H  N N 132 
GLU HG3  H  N N 133 
GLU HE2  H  N N 134 
GLU HXT  H  N N 135 
GLY N    N  N N 136 
GLY CA   C  N N 137 
GLY C    C  N N 138 
GLY O    O  N N 139 
GLY OXT  O  N N 140 
GLY H    H  N N 141 
GLY H2   H  N N 142 
GLY HA2  H  N N 143 
GLY HA3  H  N N 144 
GLY HXT  H  N N 145 
HIS N    N  N N 146 
HIS CA   C  N S 147 
HIS C    C  N N 148 
HIS O    O  N N 149 
HIS CB   C  N N 150 
HIS CG   C  Y N 151 
HIS ND1  N  Y N 152 
HIS CD2  C  Y N 153 
HIS CE1  C  Y N 154 
HIS NE2  N  Y N 155 
HIS OXT  O  N N 156 
HIS H    H  N N 157 
HIS H2   H  N N 158 
HIS HA   H  N N 159 
HIS HB2  H  N N 160 
HIS HB3  H  N N 161 
HIS HD1  H  N N 162 
HIS HD2  H  N N 163 
HIS HE1  H  N N 164 
HIS HE2  H  N N 165 
HIS HXT  H  N N 166 
HOH O    O  N N 167 
HOH H1   H  N N 168 
HOH H2   H  N N 169 
ILE N    N  N N 170 
ILE CA   C  N S 171 
ILE C    C  N N 172 
ILE O    O  N N 173 
ILE CB   C  N S 174 
ILE CG1  C  N N 175 
ILE CG2  C  N N 176 
ILE CD1  C  N N 177 
ILE OXT  O  N N 178 
ILE H    H  N N 179 
ILE H2   H  N N 180 
ILE HA   H  N N 181 
ILE HB   H  N N 182 
ILE HG12 H  N N 183 
ILE HG13 H  N N 184 
ILE HG21 H  N N 185 
ILE HG22 H  N N 186 
ILE HG23 H  N N 187 
ILE HD11 H  N N 188 
ILE HD12 H  N N 189 
ILE HD13 H  N N 190 
ILE HXT  H  N N 191 
LEU N    N  N N 192 
LEU CA   C  N S 193 
LEU C    C  N N 194 
LEU O    O  N N 195 
LEU CB   C  N N 196 
LEU CG   C  N N 197 
LEU CD1  C  N N 198 
LEU CD2  C  N N 199 
LEU OXT  O  N N 200 
LEU H    H  N N 201 
LEU H2   H  N N 202 
LEU HA   H  N N 203 
LEU HB2  H  N N 204 
LEU HB3  H  N N 205 
LEU HG   H  N N 206 
LEU HD11 H  N N 207 
LEU HD12 H  N N 208 
LEU HD13 H  N N 209 
LEU HD21 H  N N 210 
LEU HD22 H  N N 211 
LEU HD23 H  N N 212 
LEU HXT  H  N N 213 
LYS N    N  N N 214 
LYS CA   C  N S 215 
LYS C    C  N N 216 
LYS O    O  N N 217 
LYS CB   C  N N 218 
LYS CG   C  N N 219 
LYS CD   C  N N 220 
LYS CE   C  N N 221 
LYS NZ   N  N N 222 
LYS OXT  O  N N 223 
LYS H    H  N N 224 
LYS H2   H  N N 225 
LYS HA   H  N N 226 
LYS HB2  H  N N 227 
LYS HB3  H  N N 228 
LYS HG2  H  N N 229 
LYS HG3  H  N N 230 
LYS HD2  H  N N 231 
LYS HD3  H  N N 232 
LYS HE2  H  N N 233 
LYS HE3  H  N N 234 
LYS HZ1  H  N N 235 
LYS HZ2  H  N N 236 
LYS HZ3  H  N N 237 
LYS HXT  H  N N 238 
MET N    N  N N 239 
MET CA   C  N S 240 
MET C    C  N N 241 
MET O    O  N N 242 
MET CB   C  N N 243 
MET CG   C  N N 244 
MET SD   S  N N 245 
MET CE   C  N N 246 
MET OXT  O  N N 247 
MET H    H  N N 248 
MET H2   H  N N 249 
MET HA   H  N N 250 
MET HB2  H  N N 251 
MET HB3  H  N N 252 
MET HG2  H  N N 253 
MET HG3  H  N N 254 
MET HE1  H  N N 255 
MET HE2  H  N N 256 
MET HE3  H  N N 257 
MET HXT  H  N N 258 
NA  NA   NA N N 259 
PE5 C48  C  N N 260 
PE5 C50  C  N N 261 
PE5 O1   O  N N 262 
PE5 C1   C  N N 263 
PE5 C2   C  N N 264 
PE5 O2   O  N N 265 
PE5 C3   C  N N 266 
PE5 C4   C  N N 267 
PE5 O3   O  N N 268 
PE5 C5   C  N N 269 
PE5 C6   C  N N 270 
PE5 O4   O  N N 271 
PE5 C7   C  N N 272 
PE5 C8   C  N N 273 
PE5 O5   O  N N 274 
PE5 C9   C  N N 275 
PE5 C10  C  N N 276 
PE5 O6   O  N N 277 
PE5 C11  C  N N 278 
PE5 C12  C  N N 279 
PE5 O7   O  N N 280 
PE5 C13  C  N N 281 
PE5 C14  C  N N 282 
PE5 O8   O  N N 283 
PE5 C15  C  N N 284 
PE5 C16  C  N N 285 
PE5 O52  O  N N 286 
PE5 H481 H  N N 287 
PE5 H482 H  N N 288 
PE5 H483 H  N N 289 
PE5 H501 H  N N 290 
PE5 H502 H  N N 291 
PE5 H11  H  N N 292 
PE5 H12  H  N N 293 
PE5 H21  H  N N 294 
PE5 H22  H  N N 295 
PE5 H31  H  N N 296 
PE5 H32  H  N N 297 
PE5 H41  H  N N 298 
PE5 H42  H  N N 299 
PE5 H51  H  N N 300 
PE5 H52A H  N N 301 
PE5 H61  H  N N 302 
PE5 H62  H  N N 303 
PE5 H71  H  N N 304 
PE5 H72  H  N N 305 
PE5 H81  H  N N 306 
PE5 H82  H  N N 307 
PE5 H91  H  N N 308 
PE5 H92  H  N N 309 
PE5 H101 H  N N 310 
PE5 H102 H  N N 311 
PE5 H111 H  N N 312 
PE5 H112 H  N N 313 
PE5 H121 H  N N 314 
PE5 H122 H  N N 315 
PE5 H131 H  N N 316 
PE5 H132 H  N N 317 
PE5 H141 H  N N 318 
PE5 H142 H  N N 319 
PE5 H151 H  N N 320 
PE5 H152 H  N N 321 
PE5 H161 H  N N 322 
PE5 H162 H  N N 323 
PE5 H52  H  N N 324 
PHE N    N  N N 325 
PHE CA   C  N S 326 
PHE C    C  N N 327 
PHE O    O  N N 328 
PHE CB   C  N N 329 
PHE CG   C  Y N 330 
PHE CD1  C  Y N 331 
PHE CD2  C  Y N 332 
PHE CE1  C  Y N 333 
PHE CE2  C  Y N 334 
PHE CZ   C  Y N 335 
PHE OXT  O  N N 336 
PHE H    H  N N 337 
PHE H2   H  N N 338 
PHE HA   H  N N 339 
PHE HB2  H  N N 340 
PHE HB3  H  N N 341 
PHE HD1  H  N N 342 
PHE HD2  H  N N 343 
PHE HE1  H  N N 344 
PHE HE2  H  N N 345 
PHE HZ   H  N N 346 
PHE HXT  H  N N 347 
PRO N    N  N N 348 
PRO CA   C  N S 349 
PRO C    C  N N 350 
PRO O    O  N N 351 
PRO CB   C  N N 352 
PRO CG   C  N N 353 
PRO CD   C  N N 354 
PRO OXT  O  N N 355 
PRO H    H  N N 356 
PRO HA   H  N N 357 
PRO HB2  H  N N 358 
PRO HB3  H  N N 359 
PRO HG2  H  N N 360 
PRO HG3  H  N N 361 
PRO HD2  H  N N 362 
PRO HD3  H  N N 363 
PRO HXT  H  N N 364 
SER N    N  N N 365 
SER CA   C  N S 366 
SER C    C  N N 367 
SER O    O  N N 368 
SER CB   C  N N 369 
SER OG   O  N N 370 
SER OXT  O  N N 371 
SER H    H  N N 372 
SER H2   H  N N 373 
SER HA   H  N N 374 
SER HB2  H  N N 375 
SER HB3  H  N N 376 
SER HG   H  N N 377 
SER HXT  H  N N 378 
THR N    N  N N 379 
THR CA   C  N S 380 
THR C    C  N N 381 
THR O    O  N N 382 
THR CB   C  N R 383 
THR OG1  O  N N 384 
THR CG2  C  N N 385 
THR OXT  O  N N 386 
THR H    H  N N 387 
THR H2   H  N N 388 
THR HA   H  N N 389 
THR HB   H  N N 390 
THR HG1  H  N N 391 
THR HG21 H  N N 392 
THR HG22 H  N N 393 
THR HG23 H  N N 394 
THR HXT  H  N N 395 
TRP N    N  N N 396 
TRP CA   C  N S 397 
TRP C    C  N N 398 
TRP O    O  N N 399 
TRP CB   C  N N 400 
TRP CG   C  Y N 401 
TRP CD1  C  Y N 402 
TRP CD2  C  Y N 403 
TRP NE1  N  Y N 404 
TRP CE2  C  Y N 405 
TRP CE3  C  Y N 406 
TRP CZ2  C  Y N 407 
TRP CZ3  C  Y N 408 
TRP CH2  C  Y N 409 
TRP OXT  O  N N 410 
TRP H    H  N N 411 
TRP H2   H  N N 412 
TRP HA   H  N N 413 
TRP HB2  H  N N 414 
TRP HB3  H  N N 415 
TRP HD1  H  N N 416 
TRP HE1  H  N N 417 
TRP HE3  H  N N 418 
TRP HZ2  H  N N 419 
TRP HZ3  H  N N 420 
TRP HH2  H  N N 421 
TRP HXT  H  N N 422 
TYR N    N  N N 423 
TYR CA   C  N S 424 
TYR C    C  N N 425 
TYR O    O  N N 426 
TYR CB   C  N N 427 
TYR CG   C  Y N 428 
TYR CD1  C  Y N 429 
TYR CD2  C  Y N 430 
TYR CE1  C  Y N 431 
TYR CE2  C  Y N 432 
TYR CZ   C  Y N 433 
TYR OH   O  N N 434 
TYR OXT  O  N N 435 
TYR H    H  N N 436 
TYR H2   H  N N 437 
TYR HA   H  N N 438 
TYR HB2  H  N N 439 
TYR HB3  H  N N 440 
TYR HD1  H  N N 441 
TYR HD2  H  N N 442 
TYR HE1  H  N N 443 
TYR HE2  H  N N 444 
TYR HH   H  N N 445 
TYR HXT  H  N N 446 
VAL N    N  N N 447 
VAL CA   C  N S 448 
VAL C    C  N N 449 
VAL O    O  N N 450 
VAL CB   C  N N 451 
VAL CG1  C  N N 452 
VAL CG2  C  N N 453 
VAL OXT  O  N N 454 
VAL H    H  N N 455 
VAL H2   H  N N 456 
VAL HA   H  N N 457 
VAL HB   H  N N 458 
VAL HG11 H  N N 459 
VAL HG12 H  N N 460 
VAL HG13 H  N N 461 
VAL HG21 H  N N 462 
VAL HG22 H  N N 463 
VAL HG23 H  N N 464 
VAL HXT  H  N N 465 
# 
loop_
_chem_comp_bond.comp_id 
_chem_comp_bond.atom_id_1 
_chem_comp_bond.atom_id_2 
_chem_comp_bond.value_order 
_chem_comp_bond.pdbx_aromatic_flag 
_chem_comp_bond.pdbx_stereo_config 
_chem_comp_bond.pdbx_ordinal 
ACY C   O    doub N N 1   
ACY C   OXT  sing N N 2   
ACY C   CH3  sing N N 3   
ACY OXT HXT  sing N N 4   
ACY CH3 H1   sing N N 5   
ACY CH3 H2   sing N N 6   
ACY CH3 H3   sing N N 7   
ALA N   CA   sing N N 8   
ALA N   H    sing N N 9   
ALA N   H2   sing N N 10  
ALA CA  C    sing N N 11  
ALA CA  CB   sing N N 12  
ALA CA  HA   sing N N 13  
ALA C   O    doub N N 14  
ALA C   OXT  sing N N 15  
ALA CB  HB1  sing N N 16  
ALA CB  HB2  sing N N 17  
ALA CB  HB3  sing N N 18  
ALA OXT HXT  sing N N 19  
ARG N   CA   sing N N 20  
ARG N   H    sing N N 21  
ARG N   H2   sing N N 22  
ARG CA  C    sing N N 23  
ARG CA  CB   sing N N 24  
ARG CA  HA   sing N N 25  
ARG C   O    doub N N 26  
ARG C   OXT  sing N N 27  
ARG CB  CG   sing N N 28  
ARG CB  HB2  sing N N 29  
ARG CB  HB3  sing N N 30  
ARG CG  CD   sing N N 31  
ARG CG  HG2  sing N N 32  
ARG CG  HG3  sing N N 33  
ARG CD  NE   sing N N 34  
ARG CD  HD2  sing N N 35  
ARG CD  HD3  sing N N 36  
ARG NE  CZ   sing N N 37  
ARG NE  HE   sing N N 38  
ARG CZ  NH1  sing N N 39  
ARG CZ  NH2  doub N N 40  
ARG NH1 HH11 sing N N 41  
ARG NH1 HH12 sing N N 42  
ARG NH2 HH21 sing N N 43  
ARG NH2 HH22 sing N N 44  
ARG OXT HXT  sing N N 45  
ASN N   CA   sing N N 46  
ASN N   H    sing N N 47  
ASN N   H2   sing N N 48  
ASN CA  C    sing N N 49  
ASN CA  CB   sing N N 50  
ASN CA  HA   sing N N 51  
ASN C   O    doub N N 52  
ASN C   OXT  sing N N 53  
ASN CB  CG   sing N N 54  
ASN CB  HB2  sing N N 55  
ASN CB  HB3  sing N N 56  
ASN CG  OD1  doub N N 57  
ASN CG  ND2  sing N N 58  
ASN ND2 HD21 sing N N 59  
ASN ND2 HD22 sing N N 60  
ASN OXT HXT  sing N N 61  
ASP N   CA   sing N N 62  
ASP N   H    sing N N 63  
ASP N   H2   sing N N 64  
ASP CA  C    sing N N 65  
ASP CA  CB   sing N N 66  
ASP CA  HA   sing N N 67  
ASP C   O    doub N N 68  
ASP C   OXT  sing N N 69  
ASP CB  CG   sing N N 70  
ASP CB  HB2  sing N N 71  
ASP CB  HB3  sing N N 72  
ASP CG  OD1  doub N N 73  
ASP CG  OD2  sing N N 74  
ASP OD2 HD2  sing N N 75  
ASP OXT HXT  sing N N 76  
CYS N   CA   sing N N 77  
CYS N   H    sing N N 78  
CYS N   H2   sing N N 79  
CYS CA  C    sing N N 80  
CYS CA  CB   sing N N 81  
CYS CA  HA   sing N N 82  
CYS C   O    doub N N 83  
CYS C   OXT  sing N N 84  
CYS CB  SG   sing N N 85  
CYS CB  HB2  sing N N 86  
CYS CB  HB3  sing N N 87  
CYS SG  HG   sing N N 88  
CYS OXT HXT  sing N N 89  
GLN N   CA   sing N N 90  
GLN N   H    sing N N 91  
GLN N   H2   sing N N 92  
GLN CA  C    sing N N 93  
GLN CA  CB   sing N N 94  
GLN CA  HA   sing N N 95  
GLN C   O    doub N N 96  
GLN C   OXT  sing N N 97  
GLN CB  CG   sing N N 98  
GLN CB  HB2  sing N N 99  
GLN CB  HB3  sing N N 100 
GLN CG  CD   sing N N 101 
GLN CG  HG2  sing N N 102 
GLN CG  HG3  sing N N 103 
GLN CD  OE1  doub N N 104 
GLN CD  NE2  sing N N 105 
GLN NE2 HE21 sing N N 106 
GLN NE2 HE22 sing N N 107 
GLN OXT HXT  sing N N 108 
GLU N   CA   sing N N 109 
GLU N   H    sing N N 110 
GLU N   H2   sing N N 111 
GLU CA  C    sing N N 112 
GLU CA  CB   sing N N 113 
GLU CA  HA   sing N N 114 
GLU C   O    doub N N 115 
GLU C   OXT  sing N N 116 
GLU CB  CG   sing N N 117 
GLU CB  HB2  sing N N 118 
GLU CB  HB3  sing N N 119 
GLU CG  CD   sing N N 120 
GLU CG  HG2  sing N N 121 
GLU CG  HG3  sing N N 122 
GLU CD  OE1  doub N N 123 
GLU CD  OE2  sing N N 124 
GLU OE2 HE2  sing N N 125 
GLU OXT HXT  sing N N 126 
GLY N   CA   sing N N 127 
GLY N   H    sing N N 128 
GLY N   H2   sing N N 129 
GLY CA  C    sing N N 130 
GLY CA  HA2  sing N N 131 
GLY CA  HA3  sing N N 132 
GLY C   O    doub N N 133 
GLY C   OXT  sing N N 134 
GLY OXT HXT  sing N N 135 
HIS N   CA   sing N N 136 
HIS N   H    sing N N 137 
HIS N   H2   sing N N 138 
HIS CA  C    sing N N 139 
HIS CA  CB   sing N N 140 
HIS CA  HA   sing N N 141 
HIS C   O    doub N N 142 
HIS C   OXT  sing N N 143 
HIS CB  CG   sing N N 144 
HIS CB  HB2  sing N N 145 
HIS CB  HB3  sing N N 146 
HIS CG  ND1  sing Y N 147 
HIS CG  CD2  doub Y N 148 
HIS ND1 CE1  doub Y N 149 
HIS ND1 HD1  sing N N 150 
HIS CD2 NE2  sing Y N 151 
HIS CD2 HD2  sing N N 152 
HIS CE1 NE2  sing Y N 153 
HIS CE1 HE1  sing N N 154 
HIS NE2 HE2  sing N N 155 
HIS OXT HXT  sing N N 156 
HOH O   H1   sing N N 157 
HOH O   H2   sing N N 158 
ILE N   CA   sing N N 159 
ILE N   H    sing N N 160 
ILE N   H2   sing N N 161 
ILE CA  C    sing N N 162 
ILE CA  CB   sing N N 163 
ILE CA  HA   sing N N 164 
ILE C   O    doub N N 165 
ILE C   OXT  sing N N 166 
ILE CB  CG1  sing N N 167 
ILE CB  CG2  sing N N 168 
ILE CB  HB   sing N N 169 
ILE CG1 CD1  sing N N 170 
ILE CG1 HG12 sing N N 171 
ILE CG1 HG13 sing N N 172 
ILE CG2 HG21 sing N N 173 
ILE CG2 HG22 sing N N 174 
ILE CG2 HG23 sing N N 175 
ILE CD1 HD11 sing N N 176 
ILE CD1 HD12 sing N N 177 
ILE CD1 HD13 sing N N 178 
ILE OXT HXT  sing N N 179 
LEU N   CA   sing N N 180 
LEU N   H    sing N N 181 
LEU N   H2   sing N N 182 
LEU CA  C    sing N N 183 
LEU CA  CB   sing N N 184 
LEU CA  HA   sing N N 185 
LEU C   O    doub N N 186 
LEU C   OXT  sing N N 187 
LEU CB  CG   sing N N 188 
LEU CB  HB2  sing N N 189 
LEU CB  HB3  sing N N 190 
LEU CG  CD1  sing N N 191 
LEU CG  CD2  sing N N 192 
LEU CG  HG   sing N N 193 
LEU CD1 HD11 sing N N 194 
LEU CD1 HD12 sing N N 195 
LEU CD1 HD13 sing N N 196 
LEU CD2 HD21 sing N N 197 
LEU CD2 HD22 sing N N 198 
LEU CD2 HD23 sing N N 199 
LEU OXT HXT  sing N N 200 
LYS N   CA   sing N N 201 
LYS N   H    sing N N 202 
LYS N   H2   sing N N 203 
LYS CA  C    sing N N 204 
LYS CA  CB   sing N N 205 
LYS CA  HA   sing N N 206 
LYS C   O    doub N N 207 
LYS C   OXT  sing N N 208 
LYS CB  CG   sing N N 209 
LYS CB  HB2  sing N N 210 
LYS CB  HB3  sing N N 211 
LYS CG  CD   sing N N 212 
LYS CG  HG2  sing N N 213 
LYS CG  HG3  sing N N 214 
LYS CD  CE   sing N N 215 
LYS CD  HD2  sing N N 216 
LYS CD  HD3  sing N N 217 
LYS CE  NZ   sing N N 218 
LYS CE  HE2  sing N N 219 
LYS CE  HE3  sing N N 220 
LYS NZ  HZ1  sing N N 221 
LYS NZ  HZ2  sing N N 222 
LYS NZ  HZ3  sing N N 223 
LYS OXT HXT  sing N N 224 
MET N   CA   sing N N 225 
MET N   H    sing N N 226 
MET N   H2   sing N N 227 
MET CA  C    sing N N 228 
MET CA  CB   sing N N 229 
MET CA  HA   sing N N 230 
MET C   O    doub N N 231 
MET C   OXT  sing N N 232 
MET CB  CG   sing N N 233 
MET CB  HB2  sing N N 234 
MET CB  HB3  sing N N 235 
MET CG  SD   sing N N 236 
MET CG  HG2  sing N N 237 
MET CG  HG3  sing N N 238 
MET SD  CE   sing N N 239 
MET CE  HE1  sing N N 240 
MET CE  HE2  sing N N 241 
MET CE  HE3  sing N N 242 
MET OXT HXT  sing N N 243 
PE5 C48 C50  sing N N 244 
PE5 C48 H481 sing N N 245 
PE5 C48 H482 sing N N 246 
PE5 C48 H483 sing N N 247 
PE5 C50 O1   sing N N 248 
PE5 C50 H501 sing N N 249 
PE5 C50 H502 sing N N 250 
PE5 O1  C1   sing N N 251 
PE5 C1  C2   sing N N 252 
PE5 C1  H11  sing N N 253 
PE5 C1  H12  sing N N 254 
PE5 C2  O2   sing N N 255 
PE5 C2  H21  sing N N 256 
PE5 C2  H22  sing N N 257 
PE5 O2  C3   sing N N 258 
PE5 C3  C4   sing N N 259 
PE5 C3  H31  sing N N 260 
PE5 C3  H32  sing N N 261 
PE5 C4  O3   sing N N 262 
PE5 C4  H41  sing N N 263 
PE5 C4  H42  sing N N 264 
PE5 O3  C5   sing N N 265 
PE5 C5  C6   sing N N 266 
PE5 C5  H51  sing N N 267 
PE5 C5  H52A sing N N 268 
PE5 C6  O4   sing N N 269 
PE5 C6  H61  sing N N 270 
PE5 C6  H62  sing N N 271 
PE5 O4  C7   sing N N 272 
PE5 C7  C8   sing N N 273 
PE5 C7  H71  sing N N 274 
PE5 C7  H72  sing N N 275 
PE5 C8  O5   sing N N 276 
PE5 C8  H81  sing N N 277 
PE5 C8  H82  sing N N 278 
PE5 O5  C9   sing N N 279 
PE5 C9  C10  sing N N 280 
PE5 C9  H91  sing N N 281 
PE5 C9  H92  sing N N 282 
PE5 C10 O6   sing N N 283 
PE5 C10 H101 sing N N 284 
PE5 C10 H102 sing N N 285 
PE5 O6  C11  sing N N 286 
PE5 C11 C12  sing N N 287 
PE5 C11 H111 sing N N 288 
PE5 C11 H112 sing N N 289 
PE5 C12 O7   sing N N 290 
PE5 C12 H121 sing N N 291 
PE5 C12 H122 sing N N 292 
PE5 O7  C13  sing N N 293 
PE5 C13 C14  sing N N 294 
PE5 C13 H131 sing N N 295 
PE5 C13 H132 sing N N 296 
PE5 C14 O8   sing N N 297 
PE5 C14 H141 sing N N 298 
PE5 C14 H142 sing N N 299 
PE5 O8  C15  sing N N 300 
PE5 C15 C16  sing N N 301 
PE5 C15 H151 sing N N 302 
PE5 C15 H152 sing N N 303 
PE5 C16 O52  sing N N 304 
PE5 C16 H161 sing N N 305 
PE5 C16 H162 sing N N 306 
PE5 O52 H52  sing N N 307 
PHE N   CA   sing N N 308 
PHE N   H    sing N N 309 
PHE N   H2   sing N N 310 
PHE CA  C    sing N N 311 
PHE CA  CB   sing N N 312 
PHE CA  HA   sing N N 313 
PHE C   O    doub N N 314 
PHE C   OXT  sing N N 315 
PHE CB  CG   sing N N 316 
PHE CB  HB2  sing N N 317 
PHE CB  HB3  sing N N 318 
PHE CG  CD1  doub Y N 319 
PHE CG  CD2  sing Y N 320 
PHE CD1 CE1  sing Y N 321 
PHE CD1 HD1  sing N N 322 
PHE CD2 CE2  doub Y N 323 
PHE CD2 HD2  sing N N 324 
PHE CE1 CZ   doub Y N 325 
PHE CE1 HE1  sing N N 326 
PHE CE2 CZ   sing Y N 327 
PHE CE2 HE2  sing N N 328 
PHE CZ  HZ   sing N N 329 
PHE OXT HXT  sing N N 330 
PRO N   CA   sing N N 331 
PRO N   CD   sing N N 332 
PRO N   H    sing N N 333 
PRO CA  C    sing N N 334 
PRO CA  CB   sing N N 335 
PRO CA  HA   sing N N 336 
PRO C   O    doub N N 337 
PRO C   OXT  sing N N 338 
PRO CB  CG   sing N N 339 
PRO CB  HB2  sing N N 340 
PRO CB  HB3  sing N N 341 
PRO CG  CD   sing N N 342 
PRO CG  HG2  sing N N 343 
PRO CG  HG3  sing N N 344 
PRO CD  HD2  sing N N 345 
PRO CD  HD3  sing N N 346 
PRO OXT HXT  sing N N 347 
SER N   CA   sing N N 348 
SER N   H    sing N N 349 
SER N   H2   sing N N 350 
SER CA  C    sing N N 351 
SER CA  CB   sing N N 352 
SER CA  HA   sing N N 353 
SER C   O    doub N N 354 
SER C   OXT  sing N N 355 
SER CB  OG   sing N N 356 
SER CB  HB2  sing N N 357 
SER CB  HB3  sing N N 358 
SER OG  HG   sing N N 359 
SER OXT HXT  sing N N 360 
THR N   CA   sing N N 361 
THR N   H    sing N N 362 
THR N   H2   sing N N 363 
THR CA  C    sing N N 364 
THR CA  CB   sing N N 365 
THR CA  HA   sing N N 366 
THR C   O    doub N N 367 
THR C   OXT  sing N N 368 
THR CB  OG1  sing N N 369 
THR CB  CG2  sing N N 370 
THR CB  HB   sing N N 371 
THR OG1 HG1  sing N N 372 
THR CG2 HG21 sing N N 373 
THR CG2 HG22 sing N N 374 
THR CG2 HG23 sing N N 375 
THR OXT HXT  sing N N 376 
TRP N   CA   sing N N 377 
TRP N   H    sing N N 378 
TRP N   H2   sing N N 379 
TRP CA  C    sing N N 380 
TRP CA  CB   sing N N 381 
TRP CA  HA   sing N N 382 
TRP C   O    doub N N 383 
TRP C   OXT  sing N N 384 
TRP CB  CG   sing N N 385 
TRP CB  HB2  sing N N 386 
TRP CB  HB3  sing N N 387 
TRP CG  CD1  doub Y N 388 
TRP CG  CD2  sing Y N 389 
TRP CD1 NE1  sing Y N 390 
TRP CD1 HD1  sing N N 391 
TRP CD2 CE2  doub Y N 392 
TRP CD2 CE3  sing Y N 393 
TRP NE1 CE2  sing Y N 394 
TRP NE1 HE1  sing N N 395 
TRP CE2 CZ2  sing Y N 396 
TRP CE3 CZ3  doub Y N 397 
TRP CE3 HE3  sing N N 398 
TRP CZ2 CH2  doub Y N 399 
TRP CZ2 HZ2  sing N N 400 
TRP CZ3 CH2  sing Y N 401 
TRP CZ3 HZ3  sing N N 402 
TRP CH2 HH2  sing N N 403 
TRP OXT HXT  sing N N 404 
TYR N   CA   sing N N 405 
TYR N   H    sing N N 406 
TYR N   H2   sing N N 407 
TYR CA  C    sing N N 408 
TYR CA  CB   sing N N 409 
TYR CA  HA   sing N N 410 
TYR C   O    doub N N 411 
TYR C   OXT  sing N N 412 
TYR CB  CG   sing N N 413 
TYR CB  HB2  sing N N 414 
TYR CB  HB3  sing N N 415 
TYR CG  CD1  doub Y N 416 
TYR CG  CD2  sing Y N 417 
TYR CD1 CE1  sing Y N 418 
TYR CD1 HD1  sing N N 419 
TYR CD2 CE2  doub Y N 420 
TYR CD2 HD2  sing N N 421 
TYR CE1 CZ   doub Y N 422 
TYR CE1 HE1  sing N N 423 
TYR CE2 CZ   sing Y N 424 
TYR CE2 HE2  sing N N 425 
TYR CZ  OH   sing N N 426 
TYR OH  HH   sing N N 427 
TYR OXT HXT  sing N N 428 
VAL N   CA   sing N N 429 
VAL N   H    sing N N 430 
VAL N   H2   sing N N 431 
VAL CA  C    sing N N 432 
VAL CA  CB   sing N N 433 
VAL CA  HA   sing N N 434 
VAL C   O    doub N N 435 
VAL C   OXT  sing N N 436 
VAL CB  CG1  sing N N 437 
VAL CB  CG2  sing N N 438 
VAL CB  HB   sing N N 439 
VAL CG1 HG11 sing N N 440 
VAL CG1 HG12 sing N N 441 
VAL CG1 HG13 sing N N 442 
VAL CG2 HG21 sing N N 443 
VAL CG2 HG22 sing N N 444 
VAL CG2 HG23 sing N N 445 
VAL OXT HXT  sing N N 446 
# 
_pdbx_audit_support.funding_organization   'Science Foundation Ireland' 
_pdbx_audit_support.country                Ireland 
_pdbx_audit_support.grant_number           12/IA/1255 
_pdbx_audit_support.ordinal                1 
# 
_atom_sites.entry_id                    5D5F 
_atom_sites.fract_transf_matrix[1][1]   0.00341140 
_atom_sites.fract_transf_matrix[1][2]   -0.01229147 
_atom_sites.fract_transf_matrix[1][3]   0.00015195 
_atom_sites.fract_transf_matrix[2][1]   -0.01038764 
_atom_sites.fract_transf_matrix[2][2]   -0.00279825 
_atom_sites.fract_transf_matrix[2][3]   0.00685622 
_atom_sites.fract_transf_matrix[3][1]   -0.01360136 
_atom_sites.fract_transf_matrix[3][2]   -0.00405013 
_atom_sites.fract_transf_matrix[3][3]   -0.02225998 
_atom_sites.fract_transf_vector[1]      2.010519 
_atom_sites.fract_transf_vector[2]      1.748457 
_atom_sites.fract_transf_vector[3]      1.011300 
# 
loop_
_atom_type.symbol 
BR 
C  
N  
NA 
O  
S  
# 
loop_
_atom_site.group_PDB 
_atom_site.id 
_atom_site.type_symbol 
_atom_site.label_atom_id 
_atom_site.label_alt_id 
_atom_site.label_comp_id 
_atom_site.label_asym_id 
_atom_site.label_entity_id 
_atom_site.label_seq_id 
_atom_site.pdbx_PDB_ins_code 
_atom_site.Cartn_x 
_atom_site.Cartn_y 
_atom_site.Cartn_z 
_atom_site.occupancy 
_atom_site.B_iso_or_equiv 
_atom_site.pdbx_formal_charge 
_atom_site.auth_seq_id 
_atom_site.auth_comp_id 
_atom_site.auth_asym_id 
_atom_site.auth_atom_id 
_atom_site.pdbx_PDB_model_num 
ATOM   1    N  N   . LYS A 1 1   ? -4.394  2.763   12.839  1.00 16.71 ? 1   LYS A N   1 
ATOM   2    C  CA  . LYS A 1 1   ? -3.279  2.083   13.495  1.00 17.27 ? 1   LYS A CA  1 
ATOM   3    C  C   . LYS A 1 1   ? -1.981  2.516   12.867  1.00 16.49 ? 1   LYS A C   1 
ATOM   4    O  O   . LYS A 1 1   ? -1.856  2.519   11.643  1.00 16.84 ? 1   LYS A O   1 
ATOM   5    C  CB  . LYS A 1 1   ? -3.425  0.560   13.379  1.00 17.44 ? 1   LYS A CB  1 
ATOM   6    C  CG  . LYS A 1 1   ? -2.238  -0.233  13.899  1.00 15.79 ? 1   LYS A CG  1 
ATOM   7    C  CD  . LYS A 1 1   ? -2.564  -1.720  13.965  1.00 19.07 ? 1   LYS A CD  1 
ATOM   8    C  CE  . LYS A 1 1   ? -1.335  -2.505  14.423  1.00 21.23 ? 1   LYS A CE  1 
ATOM   9    N  NZ  . LYS A 1 1   ? -1.633  -3.947  14.711  1.00 27.98 ? 1   LYS A NZ  1 
ATOM   10   N  N   . VAL A 1 2   ? -1.014  2.862   13.703  1.00 17.44 ? 2   VAL A N   1 
ATOM   11   C  CA  . VAL A 1 2   ? 0.325   3.137   13.235  1.00 17.68 ? 2   VAL A CA  1 
ATOM   12   C  C   . VAL A 1 2   ? 1.170   1.912   13.556  1.00 19.43 ? 2   VAL A C   1 
ATOM   13   O  O   . VAL A 1 2   ? 1.368   1.581   14.734  1.00 19.53 ? 2   VAL A O   1 
ATOM   14   C  CB  . VAL A 1 2   ? 0.915   4.402   13.888  1.00 22.15 ? 2   VAL A CB  1 
ATOM   15   C  CG1 . VAL A 1 2   ? 2.333   4.649   13.404  1.00 22.47 ? 2   VAL A CG1 1 
ATOM   16   C  CG2 . VAL A 1 2   ? 0.030   5.624   13.586  1.00 17.97 ? 2   VAL A CG2 1 
ATOM   17   N  N   . PHE A 1 3   ? 1.610   1.214   12.511  1.00 16.01 ? 3   PHE A N   1 
ATOM   18   C  CA  . PHE A 1 3   ? 2.394   -0.012  12.671  1.00 17.00 ? 3   PHE A CA  1 
ATOM   19   C  C   . PHE A 1 3   ? 3.828   0.312   13.030  1.00 17.48 ? 3   PHE A C   1 
ATOM   20   O  O   . PHE A 1 3   ? 4.358   1.329   12.605  1.00 18.39 ? 3   PHE A O   1 
ATOM   21   C  CB  . PHE A 1 3   ? 2.396   -0.843  11.370  1.00 16.37 ? 3   PHE A CB  1 
ATOM   22   C  CG  . PHE A 1 3   ? 1.213   -1.763  11.205  1.00 16.97 ? 3   PHE A CG  1 
ATOM   23   C  CD1 . PHE A 1 3   ? -0.013  -1.280  10.758  1.00 19.05 ? 3   PHE A CD1 1 
ATOM   24   C  CD2 . PHE A 1 3   ? 1.342   -3.121  11.440  1.00 16.70 ? 3   PHE A CD2 1 
ATOM   25   C  CE1 . PHE A 1 3   ? -1.088  -2.131  10.582  1.00 15.92 ? 3   PHE A CE1 1 
ATOM   26   C  CE2 . PHE A 1 3   ? 0.271   -3.984  11.274  1.00 17.48 ? 3   PHE A CE2 1 
ATOM   27   C  CZ  . PHE A 1 3   ? -0.941  -3.502  10.834  1.00 19.52 ? 3   PHE A CZ  1 
ATOM   28   N  N   . GLY A 1 4   ? 4.472   -0.584  13.768  1.00 18.78 ? 4   GLY A N   1 
ATOM   29   C  CA  . GLY A 1 4   ? 5.915   -0.579  13.818  1.00 20.02 ? 4   GLY A CA  1 
ATOM   30   C  C   . GLY A 1 4   ? 6.457   -1.188  12.531  1.00 19.60 ? 4   GLY A C   1 
ATOM   31   O  O   . GLY A 1 4   ? 5.762   -1.923  11.825  1.00 17.46 ? 4   GLY A O   1 
ATOM   32   N  N   . ARG A 1 5   ? 7.713   -0.885  12.233  1.00 21.06 ? 5   ARG A N   1 
ATOM   33   C  CA  . ARG A 1 5   ? 8.383   -1.382  11.043  1.00 17.28 ? 5   ARG A CA  1 
ATOM   34   C  C   . ARG A 1 5   ? 8.342   -2.912  10.941  1.00 20.92 ? 5   ARG A C   1 
ATOM   35   O  O   . ARG A 1 5   ? 7.801   -3.472  9.980   1.00 20.91 ? 5   ARG A O   1 
ATOM   36   C  CB  . ARG A 1 5   ? 9.834   -0.883  11.035  1.00 22.98 ? 5   ARG A CB  1 
ATOM   37   C  CG  . ARG A 1 5   ? 10.657  -1.387  9.900   1.00 24.18 ? 5   ARG A CG  1 
ATOM   38   C  CD  . ARG A 1 5   ? 12.057  -0.752  9.900   1.00 21.74 ? 5   ARG A CD  1 
ATOM   39   N  NE  . ARG A 1 5   ? 12.853  -1.066  11.090  1.00 22.96 ? 5   ARG A NE  1 
ATOM   40   C  CZ  . ARG A 1 5   ? 13.667  -2.117  11.196  1.00 24.45 ? 5   ARG A CZ  1 
ATOM   41   N  NH1 . ARG A 1 5   ? 13.780  -2.984  10.196  1.00 22.37 ? 5   ARG A NH1 1 
ATOM   42   N  NH2 . ARG A 1 5   ? 14.362  -2.319  12.310  1.00 23.05 ? 5   ARG A NH2 1 
ATOM   43   N  N   . CYS A 1 6   ? 8.905   -3.599  11.929  1.00 19.43 ? 6   CYS A N   1 
ATOM   44   C  CA  . CYS A 1 6   ? 8.918   -5.060  11.879  1.00 19.29 ? 6   CYS A CA  1 
ATOM   45   C  C   . CYS A 1 6   ? 7.511   -5.674  12.072  1.00 17.32 ? 6   CYS A C   1 
ATOM   46   O  O   . CYS A 1 6   ? 7.216   -6.739  11.531  1.00 18.57 ? 6   CYS A O   1 
ATOM   47   C  CB  . CYS A 1 6   ? 9.885   -5.621  12.925  1.00 18.00 ? 6   CYS A CB  1 
ATOM   48   S  SG  . CYS A 1 6   ? 11.585  -5.180  12.645  1.00 21.82 ? 6   CYS A SG  1 
ATOM   49   N  N   . GLU A 1 7   ? 6.642   -5.003  12.828  1.00 20.54 ? 7   GLU A N   1 
ATOM   50   C  CA  . GLU A 1 7   ? 5.248   -5.437  12.945  1.00 18.60 ? 7   GLU A CA  1 
ATOM   51   C  C   . GLU A 1 7   ? 4.558   -5.447  11.575  1.00 17.70 ? 7   GLU A C   1 
ATOM   52   O  O   . GLU A 1 7   ? 3.844   -6.393  11.220  1.00 17.32 ? 7   GLU A O   1 
ATOM   53   C  CB  . GLU A 1 7   ? 4.478   -4.523  13.896  1.00 20.38 ? 7   GLU A CB  1 
ATOM   54   C  CG  . GLU A 1 7   ? 3.032   -4.935  14.124  1.00 19.36 ? 7   GLU A CG  1 
ATOM   55   C  CD  . GLU A 1 7   ? 2.276   -3.902  14.937  1.00 22.83 ? 7   GLU A CD  1 
ATOM   56   O  OE1 . GLU A 1 7   ? 2.739   -2.732  15.013  1.00 21.93 ? 7   GLU A OE1 1 
ATOM   57   O  OE2 . GLU A 1 7   ? 1.224   -4.262  15.497  1.00 23.47 ? 7   GLU A OE2 1 
ATOM   58   N  N   . LEU A 1 8   ? 4.769   -4.381  10.804  1.00 16.40 ? 8   LEU A N   1 
ATOM   59   C  CA  . LEU A 1 8   ? 4.172   -4.319  9.481   1.00 17.92 ? 8   LEU A CA  1 
ATOM   60   C  C   . LEU A 1 8   ? 4.781   -5.356  8.548   1.00 17.39 ? 8   LEU A C   1 
ATOM   61   O  O   . LEU A 1 8   ? 4.065   -5.975  7.769   1.00 17.49 ? 8   LEU A O   1 
ATOM   62   C  CB  . LEU A 1 8   ? 4.337   -2.922  8.869   1.00 16.47 ? 8   LEU A CB  1 
ATOM   63   C  CG  . LEU A 1 8   ? 3.656   -2.775  7.509   1.00 16.70 ? 8   LEU A CG  1 
ATOM   64   C  CD1 . LEU A 1 8   ? 2.139   -3.042  7.585   1.00 15.94 ? 8   LEU A CD1 1 
ATOM   65   C  CD2 . LEU A 1 8   ? 3.935   -1.381  6.961   1.00 19.05 ? 8   LEU A CD2 1 
ATOM   66   N  N   . ALA A 1 9   ? 6.099   -5.540  8.627   1.00 18.09 ? 9   ALA A N   1 
ATOM   67   C  CA  . ALA A 1 9   ? 6.772   -6.542  7.819   1.00 16.64 ? 9   ALA A CA  1 
ATOM   68   C  C   . ALA A 1 9   ? 6.142   -7.912  8.065   1.00 17.78 ? 9   ALA A C   1 
ATOM   69   O  O   . ALA A 1 9   ? 5.836   -8.632  7.127   1.00 17.33 ? 9   ALA A O   1 
ATOM   70   C  CB  . ALA A 1 9   ? 8.263   -6.560  8.117   1.00 18.10 ? 9   ALA A CB  1 
ATOM   71   N  N   . ALA A 1 10  ? 5.922   -8.255  9.331   1.00 17.21 ? 10  ALA A N   1 
ATOM   72   C  CA  . ALA A 1 10  ? 5.310   -9.539  9.677   1.00 19.11 ? 10  ALA A CA  1 
ATOM   73   C  C   . ALA A 1 10  ? 3.886   -9.671  9.147   1.00 16.78 ? 10  ALA A C   1 
ATOM   74   O  O   . ALA A 1 10  ? 3.480   -10.730 8.660   1.00 19.21 ? 10  ALA A O   1 
ATOM   75   C  CB  . ALA A 1 10  ? 5.325   -9.730  11.194  1.00 19.91 ? 10  ALA A CB  1 
ATOM   76   N  N   . ALA A 1 11  ? 3.102   -8.606  9.269   1.00 16.63 ? 11  ALA A N   1 
ATOM   77   C  CA  . ALA A 1 11  ? 1.728   -8.664  8.790   1.00 14.38 ? 11  ALA A CA  1 
ATOM   78   C  C   . ALA A 1 11  ? 1.706   -8.792  7.271   1.00 17.40 ? 11  ALA A C   1 
ATOM   79   O  O   . ALA A 1 11  ? 0.874   -9.494  6.705   1.00 16.52 ? 11  ALA A O   1 
ATOM   80   C  CB  . ALA A 1 11  ? 0.938   -7.434  9.241   1.00 17.35 ? 11  ALA A CB  1 
ATOM   81   N  N   . MET A 1 12  ? 2.625   -8.104  6.610   1.00 17.29 ? 12  MET A N   1 
ATOM   82   C  CA  . MET A 1 12  ? 2.679   -8.190  5.154   1.00 17.34 ? 12  MET A CA  1 
ATOM   83   C  C   . MET A 1 12  ? 3.051   -9.605  4.719   1.00 17.39 ? 12  MET A C   1 
ATOM   84   O  O   . MET A 1 12  ? 2.475   -10.135 3.774   1.00 19.51 ? 12  MET A O   1 
ATOM   85   C  CB  . MET A 1 12  ? 3.657   -7.164  4.595   1.00 17.70 ? 12  MET A CB  1 
ATOM   86   C  CG  . MET A 1 12  ? 3.090   -5.745  4.571   1.00 16.74 ? 12  MET A CG  1 
ATOM   87   S  SD  . MET A 1 12  ? 4.336   -4.586  3.997   1.00 15.81 ? 12  MET A SD  1 
ATOM   88   C  CE  . MET A 1 12  ? 3.291   -3.186  3.547   1.00 16.45 ? 12  MET A CE  1 
ATOM   89   N  N   . LYS A 1 13  ? 3.999   -10.215 5.426   1.00 17.74 ? 13  LYS A N   1 
ATOM   90   C  CA  . LYS A 1 13  ? 4.424   -11.578 5.121   1.00 17.69 ? 13  LYS A CA  1 
ATOM   91   C  C   . LYS A 1 13  ? 3.282   -12.566 5.351   1.00 17.94 ? 13  LYS A C   1 
ATOM   92   O  O   . LYS A 1 13  ? 3.049   -13.458 4.535   1.00 20.44 ? 13  LYS A O   1 
ATOM   93   C  CB  . LYS A 1 13  ? 5.634   -11.970 5.972   1.00 18.63 ? 13  LYS A CB  1 
ATOM   94   C  CG  . LYS A 1 13  ? 6.190   -13.353 5.611   1.00 20.37 ? 13  LYS A CG  1 
ATOM   95   C  CD  . LYS A 1 13  ? 7.505   -13.639 6.327   1.00 22.07 ? 13  LYS A CD  1 
ATOM   96   C  CE  . LYS A 1 13  ? 8.088   -14.967 5.863   1.00 25.80 ? 13  LYS A CE  1 
ATOM   97   N  NZ  . LYS A 1 13  ? 9.385   -15.258 6.509   1.00 27.33 ? 13  LYS A NZ  1 
ATOM   98   N  N   . ARG A 1 14  ? 2.544   -12.393 6.441   1.00 18.07 ? 14  ARG A N   1 
ATOM   99   C  CA  A ARG A 1 14  ? 1.447   -13.309 6.737   0.14 22.69 ? 14  ARG A CA  1 
ATOM   100  C  CA  B ARG A 1 14  ? 1.436   -13.299 6.739   0.86 22.76 ? 14  ARG A CA  1 
ATOM   101  C  C   . ARG A 1 14  ? 0.380   -13.270 5.643   1.00 21.77 ? 14  ARG A C   1 
ATOM   102  O  O   . ARG A 1 14  ? -0.248  -14.289 5.351   1.00 25.31 ? 14  ARG A O   1 
ATOM   103  C  CB  A ARG A 1 14  ? 0.815   -12.995 8.095   0.14 24.19 ? 14  ARG A CB  1 
ATOM   104  C  CB  B ARG A 1 14  ? 0.798   -12.956 8.085   0.86 24.29 ? 14  ARG A CB  1 
ATOM   105  C  CG  A ARG A 1 14  ? -0.075  -14.119 8.611   0.14 26.35 ? 14  ARG A CG  1 
ATOM   106  C  CG  B ARG A 1 14  ? -0.330  -13.902 8.448   0.86 26.62 ? 14  ARG A CG  1 
ATOM   107  C  CD  A ARG A 1 14  ? -0.617  -13.843 10.004  0.14 26.27 ? 14  ARG A CD  1 
ATOM   108  C  CD  B ARG A 1 14  ? -0.613  -13.863 9.924   0.86 26.33 ? 14  ARG A CD  1 
ATOM   109  N  NE  A ARG A 1 14  ? -1.727  -12.896 9.991   0.14 26.71 ? 14  ARG A NE  1 
ATOM   110  N  NE  B ARG A 1 14  ? -0.916  -12.507 10.344  0.86 28.46 ? 14  ARG A NE  1 
ATOM   111  C  CZ  A ARG A 1 14  ? -1.635  -11.628 10.379  0.14 26.65 ? 14  ARG A CZ  1 
ATOM   112  C  CZ  B ARG A 1 14  ? -2.132  -11.974 10.289  0.86 27.75 ? 14  ARG A CZ  1 
ATOM   113  N  NH1 A ARG A 1 14  ? -0.480  -11.148 10.819  0.14 25.54 ? 14  ARG A NH1 1 
ATOM   114  N  NH1 B ARG A 1 14  ? -2.318  -10.725 10.686  0.86 28.60 ? 14  ARG A NH1 1 
ATOM   115  N  NH2 A ARG A 1 14  ? -2.701  -10.842 10.331  0.14 27.80 ? 14  ARG A NH2 1 
ATOM   116  N  NH2 B ARG A 1 14  ? -3.156  -12.699 9.832   0.86 27.03 ? 14  ARG A NH2 1 
ATOM   117  N  N   . HIS A 1 15  ? 0.189   -12.094 5.043   1.00 17.48 ? 15  HIS A N   1 
ATOM   118  C  CA  . HIS A 1 15  ? -0.791  -11.914 3.975   1.00 17.45 ? 15  HIS A CA  1 
ATOM   119  C  C   . HIS A 1 15  ? -0.186  -12.155 2.589   1.00 21.10 ? 15  HIS A C   1 
ATOM   120  O  O   . HIS A 1 15  ? -0.792  -11.810 1.572   1.00 22.48 ? 15  HIS A O   1 
ATOM   121  C  CB  . HIS A 1 15  ? -1.415  -10.508 4.043   1.00 18.91 ? 15  HIS A CB  1 
ATOM   122  C  CG  . HIS A 1 15  ? -2.319  -10.306 5.223   1.00 20.74 ? 15  HIS A CG  1 
ATOM   123  N  ND1 . HIS A 1 15  ? -1.864  -9.843  6.438   1.00 23.01 ? 15  HIS A ND1 1 
ATOM   124  C  CD2 . HIS A 1 15  ? -3.644  -10.539 5.379   1.00 22.80 ? 15  HIS A CD2 1 
ATOM   125  C  CE1 . HIS A 1 15  ? -2.874  -9.778  7.289   1.00 22.12 ? 15  HIS A CE1 1 
ATOM   126  N  NE2 . HIS A 1 15  ? -3.963  -10.197 6.672   1.00 23.76 ? 15  HIS A NE2 1 
ATOM   127  N  N   . GLY A 1 16  ? 1.001   -12.752 2.555   1.00 19.86 ? 16  GLY A N   1 
ATOM   128  C  CA  . GLY A 1 16  ? 1.594   -13.218 1.310   1.00 19.99 ? 16  GLY A CA  1 
ATOM   129  C  C   . GLY A 1 16  ? 2.082   -12.137 0.366   1.00 20.10 ? 16  GLY A C   1 
ATOM   130  O  O   . GLY A 1 16  ? 2.075   -12.326 -0.859  1.00 20.07 ? 16  GLY A O   1 
ATOM   131  N  N   . LEU A 1 17  ? 2.519   -11.012 0.921   1.00 16.60 ? 17  LEU A N   1 
ATOM   132  C  CA  . LEU A 1 17  ? 2.998   -9.904  0.094   1.00 19.78 ? 17  LEU A CA  1 
ATOM   133  C  C   . LEU A 1 17  ? 4.498   -10.010 -0.175  1.00 19.72 ? 17  LEU A C   1 
ATOM   134  O  O   . LEU A 1 17  ? 4.999   -9.475  -1.167  1.00 18.60 ? 17  LEU A O   1 
ATOM   135  C  CB  . LEU A 1 17  ? 2.675   -8.565  0.760   1.00 19.61 ? 17  LEU A CB  1 
ATOM   136  C  CG  . LEU A 1 17  ? 2.765   -7.308  -0.096  1.00 19.74 ? 17  LEU A CG  1 
ATOM   137  C  CD1 . LEU A 1 17  ? 1.849   -7.425  -1.306  1.00 18.05 ? 17  LEU A CD1 1 
ATOM   138  C  CD2 . LEU A 1 17  ? 2.414   -6.079  0.727   1.00 17.68 ? 17  LEU A CD2 1 
ATOM   139  N  N   . ASP A 1 18  ? 5.221   -10.692 0.713   1.00 20.63 ? 18  ASP A N   1 
ATOM   140  C  CA  . ASP A 1 18  ? 6.655   -10.861 0.541   1.00 19.11 ? 18  ASP A CA  1 
ATOM   141  C  C   . ASP A 1 18  ? 6.970   -11.671 -0.720  1.00 21.16 ? 18  ASP A C   1 
ATOM   142  O  O   . ASP A 1 18  ? 6.452   -12.772 -0.903  1.00 23.03 ? 18  ASP A O   1 
ATOM   143  C  CB  . ASP A 1 18  ? 7.284   -11.520 1.774   1.00 21.92 ? 18  ASP A CB  1 
ATOM   144  C  CG  . ASP A 1 18  ? 6.695   -12.891 2.088   1.00 23.33 ? 18  ASP A CG  1 
ATOM   145  O  OD1 . ASP A 1 18  ? 5.452   -13.049 2.055   1.00 20.74 ? 18  ASP A OD1 1 
ATOM   146  O  OD2 . ASP A 1 18  ? 7.498   -13.816 2.364   1.00 24.99 ? 18  ASP A OD2 1 
ATOM   147  N  N   . ASN A 1 19  ? 7.828   -11.091 -1.568  1.00 19.57 ? 19  ASN A N   1 
ATOM   148  C  CA  . ASN A 1 19  ? 8.212   -11.622 -2.882  1.00 18.86 ? 19  ASN A CA  1 
ATOM   149  C  C   . ASN A 1 19  ? 7.081   -11.653 -3.903  1.00 19.16 ? 19  ASN A C   1 
ATOM   150  O  O   . ASN A 1 19  ? 7.230   -12.251 -4.972  1.00 20.14 ? 19  ASN A O   1 
ATOM   151  C  CB  . ASN A 1 19  ? 8.816   -13.022 -2.741  1.00 21.84 ? 19  ASN A CB  1 
ATOM   152  C  CG  . ASN A 1 19  ? 9.974   -13.049 -1.777  1.00 25.65 ? 19  ASN A CG  1 
ATOM   153  O  OD1 . ASN A 1 19  ? 10.794  -12.130 -1.753  1.00 26.32 ? 19  ASN A OD1 1 
ATOM   154  N  ND2 . ASN A 1 19  ? 10.047  -14.096 -0.965  1.00 27.20 ? 19  ASN A ND2 1 
ATOM   155  N  N   . TYR A 1 20  ? 5.959   -11.003 -3.593  1.00 19.97 ? 20  TYR A N   1 
ATOM   156  C  CA  . TYR A 1 20  ? 4.840   -10.972 -4.520  1.00 17.29 ? 20  TYR A CA  1 
ATOM   157  C  C   . TYR A 1 20  ? 5.249   -10.190 -5.765  1.00 17.45 ? 20  TYR A C   1 
ATOM   158  O  O   . TYR A 1 20  ? 5.760   -9.059  -5.673  1.00 16.87 ? 20  TYR A O   1 
ATOM   159  C  CB  . TYR A 1 20  ? 3.593   -10.364 -3.869  1.00 17.27 ? 20  TYR A CB  1 
ATOM   160  C  CG  . TYR A 1 20  ? 2.355   -10.570 -4.695  1.00 19.02 ? 20  TYR A CG  1 
ATOM   161  C  CD1 . TYR A 1 20  ? 1.584   -11.712 -4.541  1.00 17.35 ? 20  TYR A CD1 1 
ATOM   162  C  CD2 . TYR A 1 20  ? 1.973   -9.644  -5.653  1.00 17.71 ? 20  TYR A CD2 1 
ATOM   163  C  CE1 . TYR A 1 20  ? 0.459   -11.924 -5.309  1.00 19.75 ? 20  TYR A CE1 1 
ATOM   164  C  CE2 . TYR A 1 20  ? 0.841   -9.842  -6.426  1.00 18.21 ? 20  TYR A CE2 1 
ATOM   165  C  CZ  . TYR A 1 20  ? 0.096   -10.989 -6.256  1.00 18.47 ? 20  TYR A CZ  1 
ATOM   166  O  OH  . TYR A 1 20  ? -1.031  -11.184 -7.021  1.00 24.91 ? 20  TYR A OH  1 
ATOM   167  N  N   . ARG A 1 21  ? 5.044   -10.817 -6.921  1.00 18.76 ? 21  ARG A N   1 
ATOM   168  C  CA  . ARG A 1 21  ? 5.420   -10.236 -8.198  1.00 18.47 ? 21  ARG A CA  1 
ATOM   169  C  C   . ARG A 1 21  ? 6.923   -9.933  -8.221  1.00 17.03 ? 21  ARG A C   1 
ATOM   170  O  O   . ARG A 1 21  ? 7.376   -9.052  -8.949  1.00 18.53 ? 21  ARG A O   1 
ATOM   171  C  CB  . ARG A 1 21  ? 4.601   -8.972  -8.468  1.00 21.79 ? 21  ARG A CB  1 
ATOM   172  C  CG  . ARG A 1 21  ? 4.216   -8.755  -9.907  1.00 30.23 ? 21  ARG A CG  1 
ATOM   173  C  CD  . ARG A 1 21  ? 3.145   -9.737  -10.325 1.00 30.00 ? 21  ARG A CD  1 
ATOM   174  N  NE  . ARG A 1 21  ? 2.730   -9.507  -11.701 1.00 40.18 ? 21  ARG A NE  1 
ATOM   175  C  CZ  . ARG A 1 21  ? 1.755   -10.177 -12.305 1.00 42.32 ? 21  ARG A CZ  1 
ATOM   176  N  NH1 . ARG A 1 21  ? 1.087   -11.117 -11.647 1.00 46.51 ? 21  ARG A NH1 1 
ATOM   177  N  NH2 . ARG A 1 21  ? 1.443   -9.901  -13.563 1.00 42.07 ? 21  ARG A NH2 1 
ATOM   178  N  N   . GLY A 1 22  ? 7.690   -10.674 -7.418  1.00 16.04 ? 22  GLY A N   1 
ATOM   179  C  CA  . GLY A 1 22  ? 9.134   -10.534 -7.413  1.00 16.93 ? 22  GLY A CA  1 
ATOM   180  C  C   . GLY A 1 22  ? 9.655   -9.389  -6.565  1.00 16.63 ? 22  GLY A C   1 
ATOM   181  O  O   . GLY A 1 22  ? 10.852  -9.106  -6.568  1.00 18.82 ? 22  GLY A O   1 
ATOM   182  N  N   . TYR A 1 23  ? 8.762   -8.717  -5.838  1.00 17.65 ? 23  TYR A N   1 
ATOM   183  C  CA  . TYR A 1 23  ? 9.180   -7.627  -4.959  1.00 16.38 ? 23  TYR A CA  1 
ATOM   184  C  C   . TYR A 1 23  ? 9.371   -8.113  -3.532  1.00 17.05 ? 23  TYR A C   1 
ATOM   185  O  O   . TYR A 1 23  ? 8.414   -8.509  -2.867  1.00 15.62 ? 23  TYR A O   1 
ATOM   186  C  CB  . TYR A 1 23  ? 8.160   -6.482  -4.989  1.00 16.21 ? 23  TYR A CB  1 
ATOM   187  C  CG  . TYR A 1 23  ? 8.169   -5.766  -6.302  1.00 14.73 ? 23  TYR A CG  1 
ATOM   188  C  CD1 . TYR A 1 23  ? 9.084   -4.748  -6.550  1.00 16.16 ? 23  TYR A CD1 1 
ATOM   189  C  CD2 . TYR A 1 23  ? 7.276   -6.124  -7.310  1.00 15.73 ? 23  TYR A CD2 1 
ATOM   190  C  CE1 . TYR A 1 23  ? 9.104   -4.096  -7.775  1.00 14.80 ? 23  TYR A CE1 1 
ATOM   191  C  CE2 . TYR A 1 23  ? 7.291   -5.479  -8.535  1.00 15.15 ? 23  TYR A CE2 1 
ATOM   192  C  CZ  . TYR A 1 23  ? 8.212   -4.458  -8.754  1.00 15.43 ? 23  TYR A CZ  1 
ATOM   193  O  OH  . TYR A 1 23  ? 8.251   -3.800  -9.972  1.00 14.61 ? 23  TYR A OH  1 
ATOM   194  N  N   . SER A 1 24  ? 10.615  -8.075  -3.073  1.00 17.06 ? 24  SER A N   1 
ATOM   195  C  CA  . SER A 1 24  ? 10.941  -8.529  -1.725  1.00 16.64 ? 24  SER A CA  1 
ATOM   196  C  C   . SER A 1 24  ? 10.222  -7.701  -0.665  1.00 16.15 ? 24  SER A C   1 
ATOM   197  O  O   . SER A 1 24  ? 9.801   -6.562  -0.909  1.00 16.87 ? 24  SER A O   1 
ATOM   198  C  CB  . SER A 1 24  ? 12.448  -8.470  -1.489  1.00 19.07 ? 24  SER A CB  1 
ATOM   199  O  OG  . SER A 1 24  ? 12.908  -7.133  -1.566  1.00 19.22 ? 24  SER A OG  1 
ATOM   200  N  N   . LEU A 1 25  ? 10.095  -8.283  0.520   1.00 16.97 ? 25  LEU A N   1 
ATOM   201  C  CA  . LEU A 1 25  ? 9.379   -7.638  1.620   1.00 17.33 ? 25  LEU A CA  1 
ATOM   202  C  C   . LEU A 1 25  ? 9.863   -6.218  1.932   1.00 13.79 ? 25  LEU A C   1 
ATOM   203  O  O   . LEU A 1 25  ? 9.048   -5.328  2.272   1.00 15.57 ? 25  LEU A O   1 
ATOM   204  C  CB  . LEU A 1 25  ? 9.483   -8.522  2.860   1.00 18.17 ? 25  LEU A CB  1 
ATOM   205  C  CG  . LEU A 1 25  ? 8.606   -8.170  4.060   1.00 17.14 ? 25  LEU A CG  1 
ATOM   206  C  CD1 . LEU A 1 25  ? 7.152   -8.011  3.644   1.00 18.86 ? 25  LEU A CD1 1 
ATOM   207  C  CD2 . LEU A 1 25  ? 8.725   -9.283  5.105   1.00 18.72 ? 25  LEU A CD2 1 
ATOM   208  N  N   . GLY A 1 26  ? 11.167  -5.991  1.799   1.00 16.42 ? 26  GLY A N   1 
ATOM   209  C  CA  . GLY A 1 26  ? 11.752  -4.680  2.046   1.00 17.24 ? 26  GLY A CA  1 
ATOM   210  C  C   . GLY A 1 26  ? 11.204  -3.584  1.149   1.00 16.76 ? 26  GLY A C   1 
ATOM   211  O  O   . GLY A 1 26  ? 11.014  -2.441  1.582   1.00 15.80 ? 26  GLY A O   1 
ATOM   212  N  N   . ASN A 1 27  ? 10.934  -3.926  -0.107  1.00 15.45 ? 27  ASN A N   1 
ATOM   213  C  CA  . ASN A 1 27  ? 10.289  -2.984  -1.022  1.00 13.94 ? 27  ASN A CA  1 
ATOM   214  C  C   . ASN A 1 27  ? 8.911   -2.517  -0.536  1.00 15.02 ? 27  ASN A C   1 
ATOM   215  O  O   . ASN A 1 27  ? 8.589   -1.336  -0.643  1.00 14.87 ? 27  ASN A O   1 
ATOM   216  C  CB  . ASN A 1 27  ? 10.138  -3.595  -2.409  1.00 15.27 ? 27  ASN A CB  1 
ATOM   217  C  CG  . ASN A 1 27  ? 11.437  -3.609  -3.165  1.00 15.01 ? 27  ASN A CG  1 
ATOM   218  O  OD1 . ASN A 1 27  ? 11.852  -2.592  -3.719  1.00 16.52 ? 27  ASN A OD1 1 
ATOM   219  N  ND2 . ASN A 1 27  ? 12.090  -4.758  -3.191  1.00 17.62 ? 27  ASN A ND2 1 
ATOM   220  N  N   . TRP A 1 28  ? 8.110   -3.447  -0.023  1.00 15.82 ? 28  TRP A N   1 
ATOM   221  C  CA  . TRP A 1 28  ? 6.759   -3.135  0.434   1.00 12.91 ? 28  TRP A CA  1 
ATOM   222  C  C   . TRP A 1 28  ? 6.780   -2.311  1.714   1.00 13.32 ? 28  TRP A C   1 
ATOM   223  O  O   . TRP A 1 28  ? 6.000   -1.378  1.871   1.00 15.29 ? 28  TRP A O   1 
ATOM   224  C  CB  . TRP A 1 28  ? 5.953   -4.433  0.649   1.00 14.15 ? 28  TRP A CB  1 
ATOM   225  C  CG  . TRP A 1 28  ? 5.729   -5.184  -0.620  1.00 14.51 ? 28  TRP A CG  1 
ATOM   226  C  CD1 . TRP A 1 28  ? 6.382   -6.313  -1.039  1.00 16.10 ? 28  TRP A CD1 1 
ATOM   227  C  CD2 . TRP A 1 28  ? 4.813   -4.837  -1.662  1.00 14.56 ? 28  TRP A CD2 1 
ATOM   228  N  NE1 . TRP A 1 28  ? 5.911   -6.698  -2.277  1.00 15.39 ? 28  TRP A NE1 1 
ATOM   229  C  CE2 . TRP A 1 28  ? 4.943   -5.811  -2.677  1.00 13.37 ? 28  TRP A CE2 1 
ATOM   230  C  CE3 . TRP A 1 28  ? 3.871   -3.818  -1.818  1.00 15.31 ? 28  TRP A CE3 1 
ATOM   231  C  CZ2 . TRP A 1 28  ? 4.173   -5.783  -3.837  1.00 16.84 ? 28  TRP A CZ2 1 
ATOM   232  C  CZ3 . TRP A 1 28  ? 3.115   -3.788  -2.980  1.00 16.13 ? 28  TRP A CZ3 1 
ATOM   233  C  CH2 . TRP A 1 28  ? 3.267   -4.768  -3.968  1.00 17.17 ? 28  TRP A CH2 1 
ATOM   234  N  N   . VAL A 1 29  ? 7.681   -2.661  2.627   1.00 15.23 ? 29  VAL A N   1 
ATOM   235  C  CA  . VAL A 1 29  ? 7.834   -1.889  3.864   1.00 13.86 ? 29  VAL A CA  1 
ATOM   236  C  C   . VAL A 1 29  ? 8.332   -0.459  3.569   1.00 16.24 ? 29  VAL A C   1 
ATOM   237  O  O   . VAL A 1 29  ? 7.836   0.523   4.140   1.00 15.58 ? 29  VAL A O   1 
ATOM   238  C  CB  . VAL A 1 29  ? 8.781   -2.617  4.849   1.00 15.74 ? 29  VAL A CB  1 
ATOM   239  C  CG1 . VAL A 1 29  ? 9.038   -1.752  6.077   1.00 16.31 ? 29  VAL A CG1 1 
ATOM   240  C  CG2 . VAL A 1 29  ? 8.175   -3.976  5.250   1.00 16.92 ? 29  VAL A CG2 1 
ATOM   241  N  N   . CYS A 1 30  ? 9.278   -0.336  2.641   1.00 15.92 ? 30  CYS A N   1 
ATOM   242  C  CA  . CYS A 1 30  ? 9.783   0.967   2.244   1.00 13.76 ? 30  CYS A CA  1 
ATOM   243  C  C   . CYS A 1 30  ? 8.667   1.792   1.607   1.00 13.01 ? 30  CYS A C   1 
ATOM   244  O  O   . CYS A 1 30  ? 8.502   2.977   1.918   1.00 14.58 ? 30  CYS A O   1 
ATOM   245  C  CB  . CYS A 1 30  ? 10.964  0.805   1.282   1.00 14.55 ? 30  CYS A CB  1 
ATOM   246  S  SG  . CYS A 1 30  ? 11.743  2.352   0.797   1.00 16.31 ? 30  CYS A SG  1 
ATOM   247  N  N   . ALA A 1 31  ? 7.883   1.166   0.735   1.00 13.82 ? 31  ALA A N   1 
ATOM   248  C  CA  . ALA A 1 31  ? 6.764   1.882   0.113   1.00 16.12 ? 31  ALA A CA  1 
ATOM   249  C  C   . ALA A 1 31  ? 5.776   2.382   1.155   1.00 15.90 ? 31  ALA A C   1 
ATOM   250  O  O   . ALA A 1 31  ? 5.330   3.519   1.096   1.00 16.46 ? 31  ALA A O   1 
ATOM   251  C  CB  . ALA A 1 31  ? 6.058   0.991   -0.900  1.00 14.34 ? 31  ALA A CB  1 
ATOM   252  N  N   . ALA A 1 32  ? 5.443   1.536   2.122   1.00 14.51 ? 32  ALA A N   1 
ATOM   253  C  CA  . ALA A 1 32  ? 4.496   1.934   3.163   1.00 13.09 ? 32  ALA A CA  1 
ATOM   254  C  C   . ALA A 1 32  ? 5.064   3.066   4.008   1.00 15.84 ? 32  ALA A C   1 
ATOM   255  O  O   . ALA A 1 32  ? 4.345   3.977   4.428   1.00 16.08 ? 32  ALA A O   1 
ATOM   256  C  CB  . ALA A 1 32  ? 4.152   0.751   4.038   1.00 14.19 ? 32  ALA A CB  1 
ATOM   257  N  N   . LYS A 1 33  ? 6.363   3.003   4.284   1.00 13.86 ? 33  LYS A N   1 
ATOM   258  C  CA  . LYS A 1 33  ? 7.003   4.049   5.068   1.00 16.24 ? 33  LYS A CA  1 
ATOM   259  C  C   . LYS A 1 33  ? 6.798   5.432   4.461   1.00 14.36 ? 33  LYS A C   1 
ATOM   260  O  O   . LYS A 1 33  ? 6.401   6.380   5.142   1.00 14.35 ? 33  LYS A O   1 
ATOM   261  C  CB  . LYS A 1 33  ? 8.504   3.773   5.192   1.00 16.29 ? 33  LYS A CB  1 
ATOM   262  C  CG  . LYS A 1 33  ? 9.281   4.913   5.832   1.00 19.37 ? 33  LYS A CG  1 
ATOM   263  C  CD  . LYS A 1 33  ? 8.968   5.062   7.315   1.00 19.10 ? 33  LYS A CD  1 
ATOM   264  C  CE  . LYS A 1 33  ? 9.720   6.230   7.931   1.00 25.59 ? 33  LYS A CE  1 
ATOM   265  N  NZ  . LYS A 1 33  ? 9.386   6.360   9.384   1.00 29.65 ? 33  LYS A NZ  1 
ATOM   266  N  N   . PHE A 1 34  ? 7.070   5.544   3.170   1.00 16.76 ? 34  PHE A N   1 
ATOM   267  C  CA  . PHE A 1 34  ? 7.068   6.859   2.541   1.00 17.30 ? 34  PHE A CA  1 
ATOM   268  C  C   . PHE A 1 34  ? 5.700   7.257   1.995   1.00 17.54 ? 34  PHE A C   1 
ATOM   269  O  O   . PHE A 1 34  ? 5.438   8.450   1.767   1.00 19.16 ? 34  PHE A O   1 
ATOM   270  C  CB  . PHE A 1 34  ? 8.155   6.894   1.467   1.00 16.36 ? 34  PHE A CB  1 
ATOM   271  C  CG  . PHE A 1 34  ? 9.533   6.860   2.050   1.00 16.29 ? 34  PHE A CG  1 
ATOM   272  C  CD1 . PHE A 1 34  ? 9.888   7.765   3.029   1.00 15.10 ? 34  PHE A CD1 1 
ATOM   273  C  CD2 . PHE A 1 34  ? 10.445  5.891   1.668   1.00 18.51 ? 34  PHE A CD2 1 
ATOM   274  C  CE1 . PHE A 1 34  ? 11.145  7.736   3.603   1.00 20.87 ? 34  PHE A CE1 1 
ATOM   275  C  CE2 . PHE A 1 34  ? 11.701  5.850   2.233   1.00 21.20 ? 34  PHE A CE2 1 
ATOM   276  C  CZ  . PHE A 1 34  ? 12.049  6.776   3.200   1.00 19.47 ? 34  PHE A CZ  1 
ATOM   277  N  N   . GLU A 1 35  ? 4.812   6.282   1.819   1.00 15.18 ? 35  GLU A N   1 
ATOM   278  C  CA  . GLU A 1 35  ? 3.438   6.608   1.435   1.00 17.61 ? 35  GLU A CA  1 
ATOM   279  C  C   . GLU A 1 35  ? 2.614   7.100   2.632   1.00 16.16 ? 35  GLU A C   1 
ATOM   280  O  O   . GLU A 1 35  ? 1.881   8.087   2.518   1.00 16.31 ? 35  GLU A O   1 
ATOM   281  C  CB  . GLU A 1 35  ? 2.739   5.396   0.793   1.00 14.86 ? 35  GLU A CB  1 
ATOM   282  C  CG  . GLU A 1 35  ? 3.265   5.003   -0.580  1.00 17.96 ? 35  GLU A CG  1 
ATOM   283  C  CD  . GLU A 1 35  ? 2.952   6.039   -1.655  1.00 20.11 ? 35  GLU A CD  1 
ATOM   284  O  OE1 . GLU A 1 35  ? 2.204   7.006   -1.379  1.00 18.98 ? 35  GLU A OE1 1 
ATOM   285  O  OE2 . GLU A 1 35  ? 3.483   5.891   -2.771  1.00 19.13 ? 35  GLU A OE2 1 
ATOM   286  N  N   . SER A 1 36  ? 2.730   6.417   3.775   1.00 15.17 ? 36  SER A N   1 
ATOM   287  C  CA  . SER A 1 36  ? 1.830   6.676   4.913   1.00 16.35 ? 36  SER A CA  1 
ATOM   288  C  C   . SER A 1 36  ? 2.504   6.828   6.263   1.00 15.64 ? 36  SER A C   1 
ATOM   289  O  O   . SER A 1 36  ? 1.833   7.086   7.261   1.00 17.31 ? 36  SER A O   1 
ATOM   290  C  CB  . SER A 1 36  ? 0.836   5.533   5.036   1.00 14.62 ? 36  SER A CB  1 
ATOM   291  O  OG  . SER A 1 36  ? 1.539   4.362   5.432   1.00 13.87 ? 36  SER A OG  1 
ATOM   292  N  N   . ASN A 1 37  ? 3.819   6.636   6.305   1.00 16.52 ? 37  ASN A N   1 
ATOM   293  C  CA  . ASN A 1 37  ? 4.538   6.533   7.577   1.00 20.65 ? 37  ASN A CA  1 
ATOM   294  C  C   . ASN A 1 37  ? 3.926   5.450   8.475   1.00 14.60 ? 37  ASN A C   1 
ATOM   295  O  O   . ASN A 1 37  ? 3.841   5.610   9.697   1.00 17.21 ? 37  ASN A O   1 
ATOM   296  C  CB  . ASN A 1 37  ? 4.567   7.882   8.295   1.00 16.49 ? 37  ASN A CB  1 
ATOM   297  C  CG  . ASN A 1 37  ? 5.783   8.030   9.182   1.00 23.55 ? 37  ASN A CG  1 
ATOM   298  O  OD1 . ASN A 1 37  ? 6.753   7.288   9.042   1.00 24.56 ? 37  ASN A OD1 1 
ATOM   299  N  ND2 . ASN A 1 37  ? 5.740   8.984   10.099  1.00 23.33 ? 37  ASN A ND2 1 
ATOM   300  N  N   . PHE A 1 38  ? 3.486   4.364   7.833   1.00 14.86 ? 38  PHE A N   1 
ATOM   301  C  CA  . PHE A 1 38  ? 2.973   3.158   8.486   1.00 15.58 ? 38  PHE A CA  1 
ATOM   302  C  C   . PHE A 1 38  ? 1.607   3.383   9.145   1.00 16.75 ? 38  PHE A C   1 
ATOM   303  O  O   . PHE A 1 38  ? 1.185   2.588   9.979   1.00 17.22 ? 38  PHE A O   1 
ATOM   304  C  CB  . PHE A 1 38  ? 3.960   2.633   9.542   1.00 16.48 ? 38  PHE A CB  1 
ATOM   305  C  CG  . PHE A 1 38  ? 5.320   2.241   9.000   1.00 14.81 ? 38  PHE A CG  1 
ATOM   306  C  CD1 . PHE A 1 38  ? 5.463   1.687   7.737   1.00 17.34 ? 38  PHE A CD1 1 
ATOM   307  C  CD2 . PHE A 1 38  ? 6.457   2.388   9.789   1.00 18.17 ? 38  PHE A CD2 1 
ATOM   308  C  CE1 . PHE A 1 38  ? 6.724   1.300   7.268   1.00 17.31 ? 38  PHE A CE1 1 
ATOM   309  C  CE2 . PHE A 1 38  ? 7.725   2.007   9.322   1.00 17.71 ? 38  PHE A CE2 1 
ATOM   310  C  CZ  . PHE A 1 38  ? 7.855   1.463   8.064   1.00 19.01 ? 38  PHE A CZ  1 
ATOM   311  N  N   . ASN A 1 39  ? 0.912   4.443   8.746   1.00 13.85 ? 39  ASN A N   1 
ATOM   312  C  CA  . ASN A 1 39  ? -0.379  4.785   9.340   1.00 14.94 ? 39  ASN A CA  1 
ATOM   313  C  C   . ASN A 1 39  ? -1.552  4.310   8.477   1.00 15.88 ? 39  ASN A C   1 
ATOM   314  O  O   . ASN A 1 39  ? -1.757  4.799   7.365   1.00 16.79 ? 39  ASN A O   1 
ATOM   315  C  CB  . ASN A 1 39  ? -0.428  6.304   9.572   1.00 15.00 ? 39  ASN A CB  1 
ATOM   316  C  CG  . ASN A 1 39  ? -1.735  6.771   10.190  1.00 17.62 ? 39  ASN A CG  1 
ATOM   317  O  OD1 . ASN A 1 39  ? -2.571  5.971   10.626  1.00 15.83 ? 39  ASN A OD1 1 
ATOM   318  N  ND2 . ASN A 1 39  ? -1.914  8.083   10.231  1.00 20.46 ? 39  ASN A ND2 1 
ATOM   319  N  N   . THR A 1 40  ? -2.321  3.344   8.965   1.00 14.72 ? 40  THR A N   1 
ATOM   320  C  CA  . THR A 1 40  ? -3.435  2.833   8.164   1.00 14.28 ? 40  THR A CA  1 
ATOM   321  C  C   . THR A 1 40  ? -4.495  3.899   7.888   1.00 14.73 ? 40  THR A C   1 
ATOM   322  O  O   . THR A 1 40  ? -5.210  3.791   6.912   1.00 15.24 ? 40  THR A O   1 
ATOM   323  C  CB  . THR A 1 40  ? -4.148  1.622   8.822   1.00 17.40 ? 40  THR A CB  1 
ATOM   324  O  OG1 . THR A 1 40  ? -4.847  2.042   10.005  1.00 17.04 ? 40  THR A OG1 1 
ATOM   325  C  CG2 . THR A 1 40  ? -3.157  0.526   9.171   1.00 16.64 ? 40  THR A CG2 1 
ATOM   326  N  N   . GLN A 1 41  ? -4.583  4.935   8.725   1.00 14.15 ? 41  GLN A N   1 
ATOM   327  C  CA  . GLN A 1 41  ? -5.631  5.941   8.515   1.00 14.07 ? 41  GLN A CA  1 
ATOM   328  C  C   . GLN A 1 41  ? -5.222  7.088   7.600   1.00 15.13 ? 41  GLN A C   1 
ATOM   329  O  O   . GLN A 1 41  ? -5.998  8.019   7.416   1.00 16.69 ? 41  GLN A O   1 
ATOM   330  C  CB  . GLN A 1 41  ? -6.096  6.519   9.854   1.00 13.61 ? 41  GLN A CB  1 
ATOM   331  C  CG  . GLN A 1 41  ? -6.630  5.452   10.795  1.00 15.71 ? 41  GLN A CG  1 
ATOM   332  C  CD  . GLN A 1 41  ? -7.401  6.040   11.941  1.00 17.20 ? 41  GLN A CD  1 
ATOM   333  O  OE1 . GLN A 1 41  ? -8.537  6.476   11.769  1.00 18.73 ? 41  GLN A OE1 1 
ATOM   334  N  NE2 . GLN A 1 41  ? -6.792  6.062   13.121  1.00 16.99 ? 41  GLN A NE2 1 
ATOM   335  N  N   . ALA A 1 42  ? -4.035  7.029   6.997   1.00 12.96 ? 42  ALA A N   1 
ATOM   336  C  CA  . ALA A 1 42  ? -3.588  8.150   6.178   1.00 14.35 ? 42  ALA A CA  1 
ATOM   337  C  C   . ALA A 1 42  ? -4.489  8.389   4.959   1.00 15.80 ? 42  ALA A C   1 
ATOM   338  O  O   . ALA A 1 42  ? -4.860  7.451   4.269   1.00 15.69 ? 42  ALA A O   1 
ATOM   339  C  CB  . ALA A 1 42  ? -2.150  7.930   5.726   1.00 15.60 ? 42  ALA A CB  1 
ATOM   340  N  N   . THR A 1 43  ? -4.846  9.650   4.715   1.00 16.11 ? 43  THR A N   1 
ATOM   341  C  CA  . THR A 1 43  ? -5.588  10.027  3.507   1.00 16.02 ? 43  THR A CA  1 
ATOM   342  C  C   . THR A 1 43  ? -4.967  11.284  2.928   1.00 17.37 ? 43  THR A C   1 
ATOM   343  O  O   . THR A 1 43  ? -4.521  12.159  3.669   1.00 20.79 ? 43  THR A O   1 
ATOM   344  C  CB  . THR A 1 43  ? -7.098  10.309  3.751   1.00 16.28 ? 43  THR A CB  1 
ATOM   345  O  OG1 . THR A 1 43  ? -7.245  11.405  4.660   1.00 18.58 ? 43  THR A OG1 1 
ATOM   346  C  CG2 . THR A 1 43  ? -7.836  9.091   4.275   1.00 14.94 ? 43  THR A CG2 1 
ATOM   347  N  N   . ASN A 1 44  ? -4.951  11.381  1.606   1.00 15.95 ? 44  ASN A N   1 
ATOM   348  C  CA  . ASN A 1 44  ? -4.417  12.572  0.959   1.00 18.57 ? 44  ASN A CA  1 
ATOM   349  C  C   . ASN A 1 44  ? -5.173  12.873  -0.320  1.00 15.84 ? 44  ASN A C   1 
ATOM   350  O  O   . ASN A 1 44  ? -5.307  11.999  -1.158  1.00 15.49 ? 44  ASN A O   1 
ATOM   351  C  CB  . ASN A 1 44  ? -2.925  12.396  0.664   1.00 19.45 ? 44  ASN A CB  1 
ATOM   352  C  CG  . ASN A 1 44  ? -2.061  12.483  1.926   1.00 20.43 ? 44  ASN A CG  1 
ATOM   353  O  OD1 . ASN A 1 44  ? -1.893  13.568  2.507   1.00 22.68 ? 44  ASN A OD1 1 
ATOM   354  N  ND2 . ASN A 1 44  ? -1.510  11.345  2.354   1.00 21.12 ? 44  ASN A ND2 1 
ATOM   355  N  N   . ARG A 1 45  ? -5.654  14.107  -0.464  1.00 17.43 ? 45  ARG A N   1 
ATOM   356  C  CA  . ARG A 1 45  ? -6.365  14.539  -1.676  1.00 16.16 ? 45  ARG A CA  1 
ATOM   357  C  C   . ARG A 1 45  ? -5.409  14.802  -2.833  1.00 17.29 ? 45  ARG A C   1 
ATOM   358  O  O   . ARG A 1 45  ? -4.393  15.465  -2.648  1.00 22.12 ? 45  ARG A O   1 
ATOM   359  C  CB  . ARG A 1 45  ? -7.171  15.818  -1.413  1.00 17.70 ? 45  ARG A CB  1 
ATOM   360  C  CG  . ARG A 1 45  ? -8.315  16.054  -2.408  1.00 21.83 ? 45  ARG A CG  1 
ATOM   361  C  CD  . ARG A 1 45  ? -9.423  15.085  -2.103  1.00 26.23 ? 45  ARG A CD  1 
ATOM   362  N  NE  . ARG A 1 45  ? -10.547 15.097  -3.038  1.00 27.54 ? 45  ARG A NE  1 
ATOM   363  C  CZ  . ARG A 1 45  ? -11.687 15.751  -2.834  1.00 25.68 ? 45  ARG A CZ  1 
ATOM   364  N  NH1 . ARG A 1 45  ? -11.855 16.479  -1.737  1.00 27.59 ? 45  ARG A NH1 1 
ATOM   365  N  NH2 . ARG A 1 45  ? -12.662 15.666  -3.727  1.00 23.29 ? 45  ARG A NH2 1 
ATOM   366  N  N   . ASN A 1 46  ? -5.746  14.304  -4.020  1.00 15.76 ? 46  ASN A N   1 
ATOM   367  C  CA  . ASN A 1 46  ? -5.006  14.648  -5.233  1.00 19.39 ? 46  ASN A CA  1 
ATOM   368  C  C   . ASN A 1 46  ? -5.626  15.852  -5.956  1.00 21.30 ? 46  ASN A C   1 
ATOM   369  O  O   . ASN A 1 46  ? -6.789  16.197  -5.729  1.00 21.86 ? 46  ASN A O   1 
ATOM   370  C  CB  . ASN A 1 46  ? -4.951  13.440  -6.170  1.00 19.46 ? 46  ASN A CB  1 
ATOM   371  C  CG  . ASN A 1 46  ? -4.359  12.211  -5.501  1.00 19.48 ? 46  ASN A CG  1 
ATOM   372  O  OD1 . ASN A 1 46  ? -3.307  12.285  -4.862  1.00 23.93 ? 46  ASN A OD1 1 
ATOM   373  N  ND2 . ASN A 1 46  ? -5.044  11.082  -5.625  1.00 19.43 ? 46  ASN A ND2 1 
ATOM   374  N  N   . THR A 1 47  ? -4.838  16.492  -6.817  1.00 24.71 ? 47  THR A N   1 
ATOM   375  C  CA  . THR A 1 47  ? -5.269  17.699  -7.520  1.00 23.72 ? 47  THR A CA  1 
ATOM   376  C  C   . THR A 1 47  ? -6.503  17.472  -8.376  1.00 24.98 ? 47  THR A C   1 
ATOM   377  O  O   . THR A 1 47  ? -7.300  18.398  -8.588  1.00 25.36 ? 47  THR A O   1 
ATOM   378  C  CB  . THR A 1 47  ? -4.133  18.261  -8.433  1.00 27.16 ? 47  THR A CB  1 
ATOM   379  O  OG1 . THR A 1 47  ? -3.715  17.260  -9.373  1.00 31.75 ? 47  THR A OG1 1 
ATOM   380  C  CG2 . THR A 1 47  ? -2.954  18.675  -7.607  1.00 31.15 ? 47  THR A CG2 1 
ATOM   381  N  N   . ASP A 1 48  ? -6.666  16.245  -8.857  1.00 19.12 ? 48  ASP A N   1 
ATOM   382  C  CA  . ASP A 1 48  ? -7.750  15.914  -9.778  1.00 22.84 ? 48  ASP A CA  1 
ATOM   383  C  C   . ASP A 1 48  ? -9.048  15.588  -9.041  1.00 23.96 ? 48  ASP A C   1 
ATOM   384  O  O   . ASP A 1 48  ? -10.070 15.324  -9.664  1.00 26.01 ? 48  ASP A O   1 
ATOM   385  C  CB  . ASP A 1 48  ? -7.336  14.755  -10.703 1.00 24.99 ? 48  ASP A CB  1 
ATOM   386  C  CG  . ASP A 1 48  ? -7.119  13.429  -9.957  1.00 26.78 ? 48  ASP A CG  1 
ATOM   387  O  OD1 . ASP A 1 48  ? -7.247  13.384  -8.718  1.00 24.61 ? 48  ASP A OD1 1 
ATOM   388  O  OD2 . ASP A 1 48  ? -6.804  12.422  -10.623 1.00 30.29 ? 48  ASP A OD2 1 
ATOM   389  N  N   . GLY A 1 49  ? -9.014  15.620  -7.715  1.00 21.20 ? 49  GLY A N   1 
ATOM   390  C  CA  . GLY A 1 49  ? -10.219 15.362  -6.946  1.00 21.22 ? 49  GLY A CA  1 
ATOM   391  C  C   . GLY A 1 49  ? -10.262 13.963  -6.347  1.00 20.91 ? 49  GLY A C   1 
ATOM   392  O  O   . GLY A 1 49  ? -11.083 13.694  -5.475  1.00 20.69 ? 49  GLY A O   1 
ATOM   393  N  N   . SER A 1 50  ? -9.401  13.064  -6.815  1.00 18.13 ? 50  SER A N   1 
ATOM   394  C  CA  . SER A 1 50  ? -9.324  11.729  -6.222  1.00 18.94 ? 50  SER A CA  1 
ATOM   395  C  C   . SER A 1 50  ? -8.625  11.810  -4.866  1.00 17.51 ? 50  SER A C   1 
ATOM   396  O  O   . SER A 1 50  ? -8.072  12.848  -4.520  1.00 17.20 ? 50  SER A O   1 
ATOM   397  C  CB  . SER A 1 50  ? -8.580  10.765  -7.146  1.00 17.15 ? 50  SER A CB  1 
ATOM   398  O  OG  . SER A 1 50  ? -7.237  11.190  -7.343  1.00 19.01 ? 50  SER A OG  1 
ATOM   399  N  N   . THR A 1 51  ? -8.637  10.704  -4.118  1.00 15.60 ? 51  THR A N   1 
ATOM   400  C  CA  . THR A 1 51  ? -8.005  10.654  -2.804  1.00 15.01 ? 51  THR A CA  1 
ATOM   401  C  C   . THR A 1 51  ? -7.237  9.335   -2.666  1.00 15.15 ? 51  THR A C   1 
ATOM   402  O  O   . THR A 1 51  ? -7.693  8.307   -3.164  1.00 14.80 ? 51  THR A O   1 
ATOM   403  C  CB  . THR A 1 51  ? -9.056  10.777  -1.681  1.00 16.70 ? 51  THR A CB  1 
ATOM   404  O  OG1 . THR A 1 51  ? -9.783  12.006  -1.833  1.00 16.32 ? 51  THR A OG1 1 
ATOM   405  C  CG2 . THR A 1 51  ? -8.409  10.739  -0.292  1.00 17.30 ? 51  THR A CG2 1 
ATOM   406  N  N   . ASP A 1 52  ? -6.078  9.387   -2.007  1.00 15.27 ? 52  ASP A N   1 
ATOM   407  C  CA  . ASP A 1 52  ? -5.272  8.203   -1.691  1.00 16.30 ? 52  ASP A CA  1 
ATOM   408  C  C   . ASP A 1 52  ? -5.546  7.737   -0.265  1.00 13.69 ? 52  ASP A C   1 
ATOM   409  O  O   . ASP A 1 52  ? -5.603  8.557   0.646   1.00 13.11 ? 52  ASP A O   1 
ATOM   410  C  CB  . ASP A 1 52  ? -3.776  8.487   -1.846  1.00 15.80 ? 52  ASP A CB  1 
ATOM   411  C  CG  . ASP A 1 52  ? -3.390  8.888   -3.253  1.00 21.71 ? 52  ASP A CG  1 
ATOM   412  O  OD1 . ASP A 1 52  ? -4.136  8.586   -4.203  1.00 16.74 ? 52  ASP A OD1 1 
ATOM   413  O  OD2 . ASP A 1 52  ? -2.302  9.476   -3.415  1.00 27.69 ? 52  ASP A OD2 1 
ATOM   414  N  N   . TYR A 1 53  ? -5.685  6.418   -0.080  1.00 13.66 ? 53  TYR A N   1 
ATOM   415  C  CA  . TYR A 1 53  ? -6.114  5.849   1.194   1.00 12.64 ? 53  TYR A CA  1 
ATOM   416  C  C   . TYR A 1 53  ? -5.191  4.777   1.746   1.00 14.63 ? 53  TYR A C   1 
ATOM   417  O  O   . TYR A 1 53  ? -4.815  3.839   1.038   1.00 14.48 ? 53  TYR A O   1 
ATOM   418  C  CB  . TYR A 1 53  ? -7.504  5.232   1.058   1.00 12.76 ? 53  TYR A CB  1 
ATOM   419  C  CG  . TYR A 1 53  ? -8.583  6.229   0.710   1.00 14.71 ? 53  TYR A CG  1 
ATOM   420  C  CD1 . TYR A 1 53  ? -8.854  6.568   -0.619  1.00 14.47 ? 53  TYR A CD1 1 
ATOM   421  C  CD2 . TYR A 1 53  ? -9.337  6.829   1.708   1.00 14.65 ? 53  TYR A CD2 1 
ATOM   422  C  CE1 . TYR A 1 53  ? -9.834  7.489   -0.928  1.00 14.25 ? 53  TYR A CE1 1 
ATOM   423  C  CE2 . TYR A 1 53  ? -10.326 7.738   1.413   1.00 15.42 ? 53  TYR A CE2 1 
ATOM   424  C  CZ  . TYR A 1 53  ? -10.573 8.068   0.091   1.00 13.93 ? 53  TYR A CZ  1 
ATOM   425  O  OH  . TYR A 1 53  ? -11.552 8.977   -0.222  1.00 15.64 ? 53  TYR A OH  1 
ATOM   426  N  N   . GLY A 1 54  ? -4.859  4.900   3.023   1.00 15.01 ? 54  GLY A N   1 
ATOM   427  C  CA  . GLY A 1 54  ? -4.288  3.777   3.738   1.00 15.77 ? 54  GLY A CA  1 
ATOM   428  C  C   . GLY A 1 54  ? -2.781  3.688   3.716   1.00 14.10 ? 54  GLY A C   1 
ATOM   429  O  O   . GLY A 1 54  ? -2.081  4.594   3.283   1.00 14.94 ? 54  GLY A O   1 
ATOM   430  N  N   . ILE A 1 55  ? -2.290  2.550   4.177   1.00 15.67 ? 55  ILE A N   1 
ATOM   431  C  CA  . ILE A 1 55  ? -0.874  2.371   4.411   1.00 14.98 ? 55  ILE A CA  1 
ATOM   432  C  C   . ILE A 1 55  ? -0.050  2.397   3.112   1.00 15.20 ? 55  ILE A C   1 
ATOM   433  O  O   . ILE A 1 55  ? 1.134   2.762   3.127   1.00 17.10 ? 55  ILE A O   1 
ATOM   434  C  CB  . ILE A 1 55  ? -0.666  1.049   5.208   1.00 20.66 ? 55  ILE A CB  1 
ATOM   435  C  CG1 . ILE A 1 55  ? 0.589   1.117   6.075   1.00 27.29 ? 55  ILE A CG1 1 
ATOM   436  C  CG2 . ILE A 1 55  ? -0.767  -0.196  4.309   1.00 21.39 ? 55  ILE A CG2 1 
ATOM   437  C  CD1 . ILE A 1 55  ? 0.484   0.272   7.315   1.00 27.58 ? 55  ILE A CD1 1 
ATOM   438  N  N   . LEU A 1 56  ? -0.688  2.064   1.991   1.00 14.82 ? 56  LEU A N   1 
ATOM   439  C  CA  . LEU A 1 56  ? -0.046  2.152   0.685   1.00 16.64 ? 56  LEU A CA  1 
ATOM   440  C  C   . LEU A 1 56  ? -0.733  3.184   -0.232  1.00 16.74 ? 56  LEU A C   1 
ATOM   441  O  O   . LEU A 1 56  ? -0.527  3.180   -1.438  1.00 15.20 ? 56  LEU A O   1 
ATOM   442  C  CB  . LEU A 1 56  ? -0.010  0.761   0.023   1.00 16.68 ? 56  LEU A CB  1 
ATOM   443  C  CG  . LEU A 1 56  ? 1.015   -0.190  0.670   1.00 15.99 ? 56  LEU A CG  1 
ATOM   444  C  CD1 . LEU A 1 56  ? 0.773   -1.635  0.270   1.00 18.32 ? 56  LEU A CD1 1 
ATOM   445  C  CD2 . LEU A 1 56  ? 2.420   0.227   0.276   1.00 19.08 ? 56  LEU A CD2 1 
ATOM   446  N  N   . GLN A 1 57  ? -1.522  4.092   0.361   1.00 14.21 ? 57  GLN A N   1 
ATOM   447  C  CA  . GLN A 1 57  ? -2.059  5.252   -0.357  1.00 15.21 ? 57  GLN A CA  1 
ATOM   448  C  C   . GLN A 1 57  ? -2.658  4.898   -1.716  1.00 15.57 ? 57  GLN A C   1 
ATOM   449  O  O   . GLN A 1 57  ? -2.268  5.432   -2.765  1.00 18.04 ? 57  GLN A O   1 
ATOM   450  C  CB  . GLN A 1 57  ? -0.959  6.299   -0.506  1.00 16.63 ? 57  GLN A CB  1 
ATOM   451  C  CG  . GLN A 1 57  ? -0.639  6.986   0.813   1.00 12.39 ? 57  GLN A CG  1 
ATOM   452  C  CD  . GLN A 1 57  ? -1.790  7.859   1.282   1.00 15.32 ? 57  GLN A CD  1 
ATOM   453  O  OE1 . GLN A 1 57  ? -1.945  8.990   0.817   1.00 16.04 ? 57  GLN A OE1 1 
ATOM   454  N  NE2 . GLN A 1 57  ? -2.594  7.347   2.214   1.00 15.75 ? 57  GLN A NE2 1 
ATOM   455  N  N   . ILE A 1 58  ? -3.609  3.974   -1.674  1.00 15.55 ? 58  ILE A N   1 
ATOM   456  C  CA  . ILE A 1 58  ? -4.278  3.510   -2.865  1.00 16.78 ? 58  ILE A CA  1 
ATOM   457  C  C   . ILE A 1 58  ? -5.318  4.537   -3.334  1.00 14.03 ? 58  ILE A C   1 
ATOM   458  O  O   . ILE A 1 58  ? -6.097  5.065   -2.546  1.00 16.68 ? 58  ILE A O   1 
ATOM   459  C  CB  . ILE A 1 58  ? -4.887  2.140   -2.593  1.00 15.70 ? 58  ILE A CB  1 
ATOM   460  C  CG1 . ILE A 1 58  ? -3.746  1.114   -2.485  1.00 14.36 ? 58  ILE A CG1 1 
ATOM   461  C  CG2 . ILE A 1 58  ? -5.861  1.761   -3.678  1.00 17.07 ? 58  ILE A CG2 1 
ATOM   462  C  CD1 . ILE A 1 58  ? -4.180  -0.249  -1.960  1.00 19.24 ? 58  ILE A CD1 1 
ATOM   463  N  N   . ASN A 1 59  ? -5.288  4.819   -4.632  1.00 16.43 ? 59  ASN A N   1 
ATOM   464  C  CA  . ASN A 1 59  ? -6.006  5.933   -5.253  1.00 17.22 ? 59  ASN A CA  1 
ATOM   465  C  C   . ASN A 1 59  ? -7.437  5.593   -5.662  1.00 16.43 ? 59  ASN A C   1 
ATOM   466  O  O   . ASN A 1 59  ? -7.668  4.616   -6.376  1.00 18.91 ? 59  ASN A O   1 
ATOM   467  C  CB  . ASN A 1 59  ? -5.214  6.387   -6.489  1.00 17.93 ? 59  ASN A CB  1 
ATOM   468  C  CG  . ASN A 1 59  ? -5.573  7.780   -6.960  1.00 20.75 ? 59  ASN A CG  1 
ATOM   469  O  OD1 . ASN A 1 59  ? -6.639  8.312   -6.652  1.00 23.86 ? 59  ASN A OD1 1 
ATOM   470  N  ND2 . ASN A 1 59  ? -4.684  8.369   -7.750  1.00 24.70 ? 59  ASN A ND2 1 
ATOM   471  N  N   . SER A 1 60  ? -8.380  6.428   -5.233  1.00 17.19 ? 60  SER A N   1 
ATOM   472  C  CA  . SER A 1 60  ? -9.794  6.246   -5.559  1.00 16.05 ? 60  SER A CA  1 
ATOM   473  C  C   . SER A 1 60  ? -10.084 6.446   -7.045  1.00 18.22 ? 60  SER A C   1 
ATOM   474  O  O   . SER A 1 60  ? -11.153 6.064   -7.528  1.00 17.64 ? 60  SER A O   1 
ATOM   475  C  CB  . SER A 1 60  ? -10.652 7.208   -4.745  1.00 16.29 ? 60  SER A CB  1 
ATOM   476  O  OG  . SER A 1 60  ? -10.372 8.562   -5.098  1.00 17.50 ? 60  SER A OG  1 
ATOM   477  N  N   . ARG A 1 61  ? -9.142  7.047   -7.765  1.00 20.02 ? 61  ARG A N   1 
ATOM   478  C  CA  . ARG A 1 61  ? -9.294  7.243   -9.208  1.00 23.23 ? 61  ARG A CA  1 
ATOM   479  C  C   . ARG A 1 61  ? -9.533  5.916   -9.920  1.00 23.62 ? 61  ARG A C   1 
ATOM   480  O  O   . ARG A 1 61  ? -10.310 5.845   -10.872 1.00 22.16 ? 61  ARG A O   1 
ATOM   481  C  CB  . ARG A 1 61  ? -8.058  7.934   -9.782  1.00 20.91 ? 61  ARG A CB  1 
ATOM   482  C  CG  . ARG A 1 61  ? -8.073  8.120   -11.303 1.00 27.58 ? 61  ARG A CG  1 
ATOM   483  C  CD  . ARG A 1 61  ? -9.183  9.068   -11.749 1.00 28.21 ? 61  ARG A CD  1 
ATOM   484  N  NE  . ARG A 1 61  ? -9.184  9.256   -13.200 1.00 42.45 ? 61  ARG A NE  1 
ATOM   485  C  CZ  . ARG A 1 61  ? -9.722  8.404   -14.070 1.00 49.06 ? 61  ARG A CZ  1 
ATOM   486  N  NH1 . ARG A 1 61  ? -10.307 7.286   -13.647 1.00 41.67 ? 61  ARG A NH1 1 
ATOM   487  N  NH2 . ARG A 1 61  ? -9.671  8.665   -15.372 1.00 51.66 ? 61  ARG A NH2 1 
ATOM   488  N  N   . TRP A 1 62  ? -8.879  4.859   -9.441  1.00 16.95 ? 62  TRP A N   1 
ATOM   489  C  CA  . TRP A 1 62  ? -8.924  3.564   -10.115 1.00 19.10 ? 62  TRP A CA  1 
ATOM   490  C  C   . TRP A 1 62  ? -9.392  2.407   -9.251  1.00 19.21 ? 62  TRP A C   1 
ATOM   491  O  O   . TRP A 1 62  ? -10.027 1.475   -9.744  1.00 20.50 ? 62  TRP A O   1 
ATOM   492  C  CB  . TRP A 1 62  ? -7.535  3.206   -10.657 1.00 22.47 ? 62  TRP A CB  1 
ATOM   493  C  CG  . TRP A 1 62  ? -6.963  4.255   -11.533 1.00 24.91 ? 62  TRP A CG  1 
ATOM   494  C  CD1 . TRP A 1 62  ? -5.994  5.159   -11.212 1.00 26.38 ? 62  TRP A CD1 1 
ATOM   495  C  CD2 . TRP A 1 62  ? -7.340  4.528   -12.883 1.00 29.47 ? 62  TRP A CD2 1 
ATOM   496  N  NE1 . TRP A 1 62  ? -5.737  5.978   -12.288 1.00 34.46 ? 62  TRP A NE1 1 
ATOM   497  C  CE2 . TRP A 1 62  ? -6.553  5.611   -13.324 1.00 32.00 ? 62  TRP A CE2 1 
ATOM   498  C  CE3 . TRP A 1 62  ? -8.266  3.961   -13.760 1.00 31.70 ? 62  TRP A CE3 1 
ATOM   499  C  CZ2 . TRP A 1 62  ? -6.667  6.136   -14.607 1.00 40.96 ? 62  TRP A CZ2 1 
ATOM   500  C  CZ3 . TRP A 1 62  ? -8.376  4.483   -15.030 1.00 40.63 ? 62  TRP A CZ3 1 
ATOM   501  C  CH2 . TRP A 1 62  ? -7.581  5.559   -15.444 1.00 42.79 ? 62  TRP A CH2 1 
ATOM   502  N  N   . TRP A 1 63  ? -9.062  2.439   -7.964  1.00 17.47 ? 63  TRP A N   1 
ATOM   503  C  CA  . TRP A 1 63  ? -9.039  1.187   -7.208  1.00 16.43 ? 63  TRP A CA  1 
ATOM   504  C  C   . TRP A 1 63  ? -10.127 0.977   -6.157  1.00 17.63 ? 63  TRP A C   1 
ATOM   505  O  O   . TRP A 1 63  ? -10.397 -0.165  -5.805  1.00 17.77 ? 63  TRP A O   1 
ATOM   506  C  CB  . TRP A 1 63  ? -7.664  1.024   -6.542  1.00 16.20 ? 63  TRP A CB  1 
ATOM   507  C  CG  . TRP A 1 63  ? -6.552  1.145   -7.541  1.00 15.86 ? 63  TRP A CG  1 
ATOM   508  C  CD1 . TRP A 1 63  ? -5.721  2.208   -7.711  1.00 19.37 ? 63  TRP A CD1 1 
ATOM   509  C  CD2 . TRP A 1 63  ? -6.191  0.186   -8.544  1.00 18.75 ? 63  TRP A CD2 1 
ATOM   510  N  NE1 . TRP A 1 63  ? -4.841  1.963   -8.743  1.00 19.40 ? 63  TRP A NE1 1 
ATOM   511  C  CE2 . TRP A 1 63  ? -5.118  0.732   -9.274  1.00 17.28 ? 63  TRP A CE2 1 
ATOM   512  C  CE3 . TRP A 1 63  ? -6.656  -1.088  -8.880  1.00 17.89 ? 63  TRP A CE3 1 
ATOM   513  C  CZ2 . TRP A 1 63  ? -4.502  0.040   -10.322 1.00 16.54 ? 63  TRP A CZ2 1 
ATOM   514  C  CZ3 . TRP A 1 63  ? -6.053  -1.762  -9.924  1.00 21.45 ? 63  TRP A CZ3 1 
ATOM   515  C  CH2 . TRP A 1 63  ? -4.992  -1.196  -10.633 1.00 20.83 ? 63  TRP A CH2 1 
ATOM   516  N  N   . CYS A 1 64  ? -10.722 2.047   -5.642  1.00 16.87 ? 64  CYS A N   1 
ATOM   517  C  CA  . CYS A 1 64  ? -11.728 1.907   -4.594  1.00 18.08 ? 64  CYS A CA  1 
ATOM   518  C  C   . CYS A 1 64  ? -12.794 2.958   -4.766  1.00 14.05 ? 64  CYS A C   1 
ATOM   519  O  O   . CYS A 1 64  ? -12.573 3.960   -5.444  1.00 15.37 ? 64  CYS A O   1 
ATOM   520  C  CB  . CYS A 1 64  ? -11.098 2.014   -3.199  1.00 17.03 ? 64  CYS A CB  1 
ATOM   521  S  SG  . CYS A 1 64  ? -10.265 3.591   -2.838  1.00 16.24 ? 64  CYS A SG  1 
ATOM   522  N  N   . ASN A 1 65  ? -13.937 2.756   -4.120  1.00 14.67 ? 65  ASN A N   1 
ATOM   523  C  CA  . ASN A 1 65  ? -14.996 3.747   -4.194  1.00 17.67 ? 65  ASN A CA  1 
ATOM   524  C  C   . ASN A 1 65  ? -15.096 4.600   -2.939  1.00 16.72 ? 65  ASN A C   1 
ATOM   525  O  O   . ASN A 1 65  ? -15.232 4.063   -1.828  1.00 16.11 ? 65  ASN A O   1 
ATOM   526  C  CB  . ASN A 1 65  ? -16.355 3.095   -4.442  1.00 19.41 ? 65  ASN A CB  1 
ATOM   527  C  CG  . ASN A 1 65  ? -17.459 4.123   -4.444  1.00 22.66 ? 65  ASN A CG  1 
ATOM   528  O  OD1 . ASN A 1 65  ? -17.529 4.944   -5.348  1.00 25.53 ? 65  ASN A OD1 1 
ATOM   529  N  ND2 . ASN A 1 65  ? -18.299 4.108   -3.422  1.00 24.40 ? 65  ASN A ND2 1 
ATOM   530  N  N   . ASP A 1 66  ? -15.049 5.920   -3.111  1.00 18.04 ? 66  ASP A N   1 
ATOM   531  C  CA  . ASP A 1 66  ? -15.239 6.825   -1.984  1.00 15.34 ? 66  ASP A CA  1 
ATOM   532  C  C   . ASP A 1 66  ? -16.435 7.771   -2.193  1.00 17.55 ? 66  ASP A C   1 
ATOM   533  O  O   . ASP A 1 66  ? -16.683 8.652   -1.376  1.00 18.76 ? 66  ASP A O   1 
ATOM   534  C  CB  . ASP A 1 66  ? -13.949 7.625   -1.662  1.00 16.64 ? 66  ASP A CB  1 
ATOM   535  C  CG  . ASP A 1 66  ? -13.537 8.630   -2.752  1.00 19.22 ? 66  ASP A CG  1 
ATOM   536  O  OD1 . ASP A 1 66  ? -14.255 8.832   -3.757  1.00 15.79 ? 66  ASP A OD1 1 
ATOM   537  O  OD2 . ASP A 1 66  ? -12.465 9.266   -2.564  1.00 17.76 ? 66  ASP A OD2 1 
ATOM   538  N  N   . GLY A 1 67  ? -17.179 7.558   -3.271  1.00 18.27 ? 67  GLY A N   1 
ATOM   539  C  CA  . GLY A 1 67  ? -18.401 8.302   -3.534  1.00 20.67 ? 67  GLY A CA  1 
ATOM   540  C  C   . GLY A 1 67  ? -18.238 9.751   -3.946  1.00 24.27 ? 67  GLY A C   1 
ATOM   541  O  O   . GLY A 1 67  ? -19.224 10.479  -4.056  1.00 24.22 ? 67  GLY A O   1 
ATOM   542  N  N   . ARG A 1 68  ? -17.007 10.186  -4.183  1.00 18.87 ? 68  ARG A N   1 
ATOM   543  C  CA  . ARG A 1 68  ? -16.779 11.587  -4.510  1.00 17.98 ? 68  ARG A CA  1 
ATOM   544  C  C   . ARG A 1 68  ? -15.664 11.780  -5.527  1.00 20.60 ? 68  ARG A C   1 
ATOM   545  O  O   . ARG A 1 68  ? -15.053 12.848  -5.603  1.00 23.76 ? 68  ARG A O   1 
ATOM   546  C  CB  . ARG A 1 68  ? -16.466 12.382  -3.243  1.00 22.62 ? 68  ARG A CB  1 
ATOM   547  C  CG  . ARG A 1 68  ? -15.131 12.030  -2.611  1.00 21.07 ? 68  ARG A CG  1 
ATOM   548  C  CD  . ARG A 1 68  ? -14.761 13.035  -1.554  1.00 20.62 ? 68  ARG A CD  1 
ATOM   549  N  NE  . ARG A 1 68  ? -13.329 13.065  -1.298  1.00 24.35 ? 68  ARG A NE  1 
ATOM   550  C  CZ  . ARG A 1 68  ? -12.769 13.691  -0.265  1.00 22.86 ? 68  ARG A CZ  1 
ATOM   551  N  NH1 . ARG A 1 68  ? -13.538 14.330  0.611   1.00 22.70 ? 68  ARG A NH1 1 
ATOM   552  N  NH2 . ARG A 1 68  ? -11.442 13.674  -0.101  1.00 19.16 ? 68  ARG A NH2 1 
ATOM   553  N  N   . THR A 1 69  ? -15.398 10.748  -6.308  1.00 19.79 ? 69  THR A N   1 
ATOM   554  C  CA  . THR A 1 69  ? -14.439 10.864  -7.389  1.00 20.40 ? 69  THR A CA  1 
ATOM   555  C  C   . THR A 1 69  ? -15.155 10.556  -8.700  1.00 23.76 ? 69  THR A C   1 
ATOM   556  O  O   . THR A 1 69  ? -15.030 9.463   -9.220  1.00 20.35 ? 69  THR A O   1 
ATOM   557  C  CB  . THR A 1 69  ? -13.240 9.909   -7.177  1.00 18.12 ? 69  THR A CB  1 
ATOM   558  O  OG1 . THR A 1 69  ? -12.778 10.042  -5.827  1.00 17.93 ? 69  THR A OG1 1 
ATOM   559  C  CG2 . THR A 1 69  ? -12.100 10.243  -8.139  1.00 22.57 ? 69  THR A CG2 1 
ATOM   560  N  N   . PRO A 1 70  ? -15.934 11.525  -9.218  1.00 26.67 ? 70  PRO A N   1 
ATOM   561  C  CA  . PRO A 1 70  ? -16.714 11.323  -10.445 1.00 30.62 ? 70  PRO A CA  1 
ATOM   562  C  C   . PRO A 1 70  ? -15.887 10.727  -11.580 1.00 31.78 ? 70  PRO A C   1 
ATOM   563  O  O   . PRO A 1 70  ? -14.782 11.202  -11.850 1.00 31.09 ? 70  PRO A O   1 
ATOM   564  C  CB  . PRO A 1 70  ? -17.171 12.744  -10.810 1.00 30.30 ? 70  PRO A CB  1 
ATOM   565  C  CG  . PRO A 1 70  ? -17.198 13.471  -9.527  1.00 25.33 ? 70  PRO A CG  1 
ATOM   566  C  CD  . PRO A 1 70  ? -16.051 12.907  -8.718  1.00 28.53 ? 70  PRO A CD  1 
ATOM   567  N  N   . GLY A 1 71  ? -16.403 9.682   -12.219 1.00 27.65 ? 71  GLY A N   1 
ATOM   568  C  CA  . GLY A 1 71  ? -15.738 9.109   -13.371 1.00 31.11 ? 71  GLY A CA  1 
ATOM   569  C  C   . GLY A 1 71  ? -14.717 8.034   -13.046 1.00 29.50 ? 71  GLY A C   1 
ATOM   570  O  O   . GLY A 1 71  ? -14.167 7.404   -13.945 1.00 33.13 ? 71  GLY A O   1 
ATOM   571  N  N   . SER A 1 72  ? -14.465 7.815   -11.761 1.00 28.27 ? 72  SER A N   1 
ATOM   572  C  CA  . SER A 1 72  ? -13.439 6.865   -11.339 1.00 24.95 ? 72  SER A CA  1 
ATOM   573  C  C   . SER A 1 72  ? -13.895 5.417   -11.441 1.00 27.72 ? 72  SER A C   1 
ATOM   574  O  O   . SER A 1 72  ? -15.089 5.133   -11.583 1.00 26.64 ? 72  SER A O   1 
ATOM   575  C  CB  . SER A 1 72  ? -13.010 7.153   -9.899  1.00 24.16 ? 72  SER A CB  1 
ATOM   576  O  OG  . SER A 1 72  ? -14.049 6.847   -8.984  1.00 24.38 ? 72  SER A OG  1 
ATOM   577  N  N   . ARG A 1 73  ? -12.934 4.502   -11.354 1.00 24.50 ? 73  ARG A N   1 
ATOM   578  C  CA  . ARG A 1 73  ? -13.235 3.076   -11.287 1.00 24.18 ? 73  ARG A CA  1 
ATOM   579  C  C   . ARG A 1 73  ? -13.062 2.575   -9.860  1.00 23.94 ? 73  ARG A C   1 
ATOM   580  O  O   . ARG A 1 73  ? -12.627 3.325   -8.976  1.00 21.61 ? 73  ARG A O   1 
ATOM   581  C  CB  . ARG A 1 73  ? -12.337 2.293   -12.242 1.00 25.51 ? 73  ARG A CB  1 
ATOM   582  C  CG  . ARG A 1 73  ? -12.163 2.978   -13.584 1.00 26.06 ? 73  ARG A CG  1 
ATOM   583  C  CD  . ARG A 1 73  ? -11.773 1.997   -14.667 1.00 36.32 ? 73  ARG A CD  1 
ATOM   584  N  NE  . ARG A 1 73  ? -12.796 0.974   -14.846 1.00 49.80 ? 73  ARG A NE  1 
ATOM   585  C  CZ  . ARG A 1 73  ? -12.877 0.178   -15.906 1.00 52.82 ? 73  ARG A CZ  1 
ATOM   586  N  NH1 . ARG A 1 73  ? -11.998 0.294   -16.893 1.00 53.46 ? 73  ARG A NH1 1 
ATOM   587  N  NH2 . ARG A 1 73  ? -13.840 -0.728  -15.983 1.00 59.16 ? 73  ARG A NH2 1 
ATOM   588  N  N   . ASN A 1 74  ? -13.415 1.311   -9.652  1.00 22.11 ? 74  ASN A N   1 
ATOM   589  C  CA  . ASN A 1 74  ? -13.356 0.646   -8.358  1.00 19.33 ? 74  ASN A CA  1 
ATOM   590  C  C   . ASN A 1 74  ? -12.857 -0.775  -8.601  1.00 20.24 ? 74  ASN A C   1 
ATOM   591  O  O   . ASN A 1 74  ? -13.549 -1.755  -8.333  1.00 19.26 ? 74  ASN A O   1 
ATOM   592  C  CB  . ASN A 1 74  ? -14.735 0.659   -7.676  1.00 17.95 ? 74  ASN A CB  1 
ATOM   593  C  CG  . ASN A 1 74  ? -14.734 -0.026  -6.298  1.00 18.14 ? 74  ASN A CG  1 
ATOM   594  O  OD1 . ASN A 1 74  ? -13.686 -0.333  -5.746  1.00 18.12 ? 74  ASN A OD1 1 
ATOM   595  N  ND2 . ASN A 1 74  ? -15.923 -0.272  -5.752  1.00 19.61 ? 74  ASN A ND2 1 
ATOM   596  N  N   . LEU A 1 75  ? -11.642 -0.873  -9.129  1.00 20.79 ? 75  LEU A N   1 
ATOM   597  C  CA  . LEU A 1 75  ? -11.123 -2.153  -9.606  1.00 21.36 ? 75  LEU A CA  1 
ATOM   598  C  C   . LEU A 1 75  ? -10.872 -3.170  -8.496  1.00 21.94 ? 75  LEU A C   1 
ATOM   599  O  O   . LEU A 1 75  ? -10.863 -4.381  -8.745  1.00 22.46 ? 75  LEU A O   1 
ATOM   600  C  CB  . LEU A 1 75  ? -9.844  -1.923  -10.407 1.00 20.98 ? 75  LEU A CB  1 
ATOM   601  C  CG  . LEU A 1 75  ? -10.066 -1.177  -11.729 1.00 24.41 ? 75  LEU A CG  1 
ATOM   602  C  CD1 . LEU A 1 75  ? -8.742  -0.777  -12.377 1.00 19.34 ? 75  LEU A CD1 1 
ATOM   603  C  CD2 . LEU A 1 75  ? -10.894 -2.034  -12.681 1.00 27.18 ? 75  LEU A CD2 1 
ATOM   604  N  N   . CYS A 1 76  ? -10.674 -2.699  -7.266  1.00 18.19 ? 76  CYS A N   1 
ATOM   605  C  CA  . CYS A 1 76  ? -10.519 -3.643  -6.159  1.00 19.81 ? 76  CYS A CA  1 
ATOM   606  C  C   . CYS A 1 76  ? -11.860 -4.000  -5.536  1.00 21.45 ? 76  CYS A C   1 
ATOM   607  O  O   . CYS A 1 76  ? -11.923 -4.838  -4.639  1.00 20.54 ? 76  CYS A O   1 
ATOM   608  C  CB  . CYS A 1 76  ? -9.569  -3.076  -5.098  1.00 19.25 ? 76  CYS A CB  1 
ATOM   609  S  SG  . CYS A 1 76  ? -7.857  -3.033  -5.695  1.00 19.45 ? 76  CYS A SG  1 
ATOM   610  N  N   . ASN A 1 77  ? -12.926 -3.369  -6.026  1.00 20.36 ? 77  ASN A N   1 
ATOM   611  C  CA  . ASN A 1 77  ? -14.290 -3.664  -5.582  1.00 20.46 ? 77  ASN A CA  1 
ATOM   612  C  C   . ASN A 1 77  ? -14.467 -3.506  -4.075  1.00 22.40 ? 77  ASN A C   1 
ATOM   613  O  O   . ASN A 1 77  ? -14.984 -4.398  -3.388  1.00 19.36 ? 77  ASN A O   1 
ATOM   614  C  CB  . ASN A 1 77  ? -14.693 -5.084  -6.003  1.00 23.09 ? 77  ASN A CB  1 
ATOM   615  C  CG  . ASN A 1 77  ? -16.188 -5.298  -5.956  1.00 35.66 ? 77  ASN A CG  1 
ATOM   616  O  OD1 . ASN A 1 77  ? -16.957 -4.403  -6.312  1.00 36.91 ? 77  ASN A OD1 1 
ATOM   617  N  ND2 . ASN A 1 77  ? -16.611 -6.481  -5.508  1.00 35.22 ? 77  ASN A ND2 1 
ATOM   618  N  N   . ILE A 1 78  ? -14.064 -2.343  -3.573  1.00 19.60 ? 78  ILE A N   1 
ATOM   619  C  CA  A ILE A 1 78  ? -14.065 -2.084  -2.137  0.71 18.15 ? 78  ILE A CA  1 
ATOM   620  C  CA  B ILE A 1 78  ? -14.007 -2.096  -2.143  0.29 18.22 ? 78  ILE A CA  1 
ATOM   621  C  C   . ILE A 1 78  ? -14.336 -0.625  -1.839  1.00 19.13 ? 78  ILE A C   1 
ATOM   622  O  O   . ILE A 1 78  ? -14.002 0.253   -2.633  1.00 17.75 ? 78  ILE A O   1 
ATOM   623  C  CB  A ILE A 1 78  ? -12.718 -2.448  -1.467  0.71 18.63 ? 78  ILE A CB  1 
ATOM   624  C  CB  B ILE A 1 78  ? -12.595 -2.475  -1.602  0.29 18.60 ? 78  ILE A CB  1 
ATOM   625  C  CG1 A ILE A 1 78  ? -11.557 -1.855  -2.266  0.71 17.70 ? 78  ILE A CG1 1 
ATOM   626  C  CG1 B ILE A 1 78  ? -12.663 -2.983  -0.166  0.29 20.28 ? 78  ILE A CG1 1 
ATOM   627  C  CG2 A ILE A 1 78  ? -12.593 -3.943  -1.285  0.71 19.81 ? 78  ILE A CG2 1 
ATOM   628  C  CG2 B ILE A 1 78  ? -11.597 -1.333  -1.766  0.29 18.48 ? 78  ILE A CG2 1 
ATOM   629  C  CD1 A ILE A 1 78  ? -10.241 -1.796  -1.506  0.71 18.58 ? 78  ILE A CD1 1 
ATOM   630  C  CD1 B ILE A 1 78  ? -13.264 -4.355  -0.041  0.29 21.68 ? 78  ILE A CD1 1 
ATOM   631  N  N   . PRO A 1 79  ? -14.982 -0.354  -0.690  1.00 17.06 ? 79  PRO A N   1 
ATOM   632  C  CA  . PRO A 1 79  ? -15.082 1.048   -0.273  1.00 19.12 ? 79  PRO A CA  1 
ATOM   633  C  C   . PRO A 1 79  ? -13.684 1.522   0.101   1.00 17.17 ? 79  PRO A C   1 
ATOM   634  O  O   . PRO A 1 79  ? -12.946 0.715   0.672   1.00 16.97 ? 79  PRO A O   1 
ATOM   635  C  CB  . PRO A 1 79  ? -15.974 1.010   0.972   1.00 17.39 ? 79  PRO A CB  1 
ATOM   636  C  CG  . PRO A 1 79  ? -16.562 -0.364  1.006   1.00 23.57 ? 79  PRO A CG  1 
ATOM   637  C  CD  . PRO A 1 79  ? -15.648 -1.268  0.254   1.00 18.31 ? 79  PRO A CD  1 
ATOM   638  N  N   . CYS A 1 80  ? -13.324 2.772   -0.180  1.00 14.86 ? 80  CYS A N   1 
ATOM   639  C  CA  . CYS A 1 80  ? -11.978 3.232   0.155   1.00 14.14 ? 80  CYS A CA  1 
ATOM   640  C  C   . CYS A 1 80  ? -11.740 3.176   1.657   1.00 16.36 ? 80  CYS A C   1 
ATOM   641  O  O   . CYS A 1 80  ? -10.602 3.015   2.100   1.00 15.55 ? 80  CYS A O   1 
ATOM   642  C  CB  . CYS A 1 80  ? -11.738 4.650   -0.373  1.00 14.55 ? 80  CYS A CB  1 
ATOM   643  S  SG  . CYS A 1 80  ? -11.782 4.775   -2.183  1.00 15.19 ? 80  CYS A SG  1 
ATOM   644  N  N   . SER A 1 81  ? -12.815 3.282   2.442   1.00 14.22 ? 81  SER A N   1 
ATOM   645  C  CA  . SER A 1 81  ? -12.707 3.239   3.899   1.00 14.99 ? 81  SER A CA  1 
ATOM   646  C  C   . SER A 1 81  ? -12.156 1.904   4.388   1.00 15.80 ? 81  SER A C   1 
ATOM   647  O  O   . SER A 1 81  ? -11.548 1.835   5.448   1.00 16.95 ? 81  SER A O   1 
ATOM   648  C  CB  . SER A 1 81  ? -14.069 3.507   4.552   1.00 18.35 ? 81  SER A CB  1 
ATOM   649  O  OG  . SER A 1 81  ? -15.012 2.511   4.186   1.00 19.42 ? 81  SER A OG  1 
ATOM   650  N  N   . ALA A 1 82  ? -12.369 0.840   3.619   1.00 15.64 ? 82  ALA A N   1 
ATOM   651  C  CA  . ALA A 1 82  ? -11.832 -0.473  3.974   1.00 16.36 ? 82  ALA A CA  1 
ATOM   652  C  C   . ALA A 1 82  ? -10.318 -0.450  4.012   1.00 19.29 ? 82  ALA A C   1 
ATOM   653  O  O   . ALA A 1 82  ? -9.686  -1.283  4.672   1.00 20.86 ? 82  ALA A O   1 
ATOM   654  C  CB  . ALA A 1 82  ? -12.301 -1.528  2.988   1.00 20.19 ? 82  ALA A CB  1 
ATOM   655  N  N   . LEU A 1 83  ? -9.737  0.496   3.276   1.00 16.53 ? 83  LEU A N   1 
ATOM   656  C  CA  . LEU A 1 83  ? -8.287  0.619   3.186   1.00 16.58 ? 83  LEU A CA  1 
ATOM   657  C  C   . LEU A 1 83  ? -7.703  1.406   4.364   1.00 16.91 ? 83  LEU A C   1 
ATOM   658  O  O   . LEU A 1 83  ? -6.491  1.669   4.411   1.00 17.86 ? 83  LEU A O   1 
ATOM   659  C  CB  . LEU A 1 83  ? -7.906  1.294   1.868   1.00 17.29 ? 83  LEU A CB  1 
ATOM   660  C  CG  . LEU A 1 83  ? -8.279  0.578   0.579   1.00 18.78 ? 83  LEU A CG  1 
ATOM   661  C  CD1 . LEU A 1 83  ? -8.172  1.546   -0.609  1.00 19.54 ? 83  LEU A CD1 1 
ATOM   662  C  CD2 . LEU A 1 83  ? -7.374  -0.625  0.383   1.00 21.24 ? 83  LEU A CD2 1 
ATOM   663  N  N   . LEU A 1 84  ? -8.560  1.794   5.309   1.00 15.52 ? 84  LEU A N   1 
ATOM   664  C  CA  . LEU A 1 84  ? -8.113  2.554   6.470   1.00 16.44 ? 84  LEU A CA  1 
ATOM   665  C  C   . LEU A 1 84  ? -8.169  1.727   7.755   1.00 15.45 ? 84  LEU A C   1 
ATOM   666  O  O   . LEU A 1 84  ? -7.841  2.225   8.842   1.00 20.92 ? 84  LEU A O   1 
ATOM   667  C  CB  . LEU A 1 84  ? -8.964  3.815   6.638   1.00 17.16 ? 84  LEU A CB  1 
ATOM   668  C  CG  . LEU A 1 84  ? -8.994  4.757   5.441   1.00 16.73 ? 84  LEU A CG  1 
ATOM   669  C  CD1 . LEU A 1 84  ? -9.942  5.875   5.769   1.00 19.93 ? 84  LEU A CD1 1 
ATOM   670  C  CD2 . LEU A 1 84  ? -7.613  5.319   5.107   1.00 15.37 ? 84  LEU A CD2 1 
ATOM   671  N  N   . SER A 1 85  ? -8.577  0.467   7.624   1.00 16.09 ? 85  SER A N   1 
ATOM   672  C  CA  A SER A 1 85  ? -8.731  -0.409  8.780   0.29 17.56 ? 85  SER A CA  1 
ATOM   673  C  CA  B SER A 1 85  ? -8.724  -0.425  8.765   0.71 17.50 ? 85  SER A CA  1 
ATOM   674  C  C   . SER A 1 85  ? -7.405  -0.765  9.447   1.00 17.63 ? 85  SER A C   1 
ATOM   675  O  O   . SER A 1 85  ? -6.337  -0.733  8.821   1.00 18.49 ? 85  SER A O   1 
ATOM   676  C  CB  A SER A 1 85  ? -9.461  -1.692  8.376   0.29 18.39 ? 85  SER A CB  1 
ATOM   677  C  CB  B SER A 1 85  ? -9.402  -1.723  8.337   0.71 18.38 ? 85  SER A CB  1 
ATOM   678  O  OG  A SER A 1 85  ? -8.831  -2.301  7.265   0.29 18.30 ? 85  SER A OG  1 
ATOM   679  O  OG  B SER A 1 85  ? -9.360  -2.663  9.387   0.71 20.19 ? 85  SER A OG  1 
ATOM   680  N  N   . SER A 1 86  ? -7.480  -1.116  10.728  1.00 17.45 ? 86  SER A N   1 
ATOM   681  C  CA  A SER A 1 86  ? -6.301  -1.581  11.455  0.83 17.60 ? 86  SER A CA  1 
ATOM   682  C  CA  B SER A 1 86  ? -6.314  -1.594  11.468  0.17 17.68 ? 86  SER A CA  1 
ATOM   683  C  C   . SER A 1 86  ? -5.794  -2.903  10.882  1.00 16.23 ? 86  SER A C   1 
ATOM   684  O  O   . SER A 1 86  ? -4.608  -3.204  10.962  1.00 18.27 ? 86  SER A O   1 
ATOM   685  C  CB  A SER A 1 86  ? -6.606  -1.732  12.949  0.83 19.20 ? 86  SER A CB  1 
ATOM   686  C  CB  B SER A 1 86  ? -6.655  -1.783  12.947  0.17 19.29 ? 86  SER A CB  1 
ATOM   687  O  OG  A SER A 1 86  ? -7.638  -2.675  13.158  0.83 23.79 ? 86  SER A OG  1 
ATOM   688  O  OG  B SER A 1 86  ? -7.260  -0.620  13.479  0.17 21.30 ? 86  SER A OG  1 
ATOM   689  N  N   . ASP A 1 87  ? -6.701  -3.672  10.302  1.00 18.31 ? 87  ASP A N   1 
ATOM   690  C  CA  . ASP A 1 87  ? -6.373  -4.917  9.636   1.00 18.22 ? 87  ASP A CA  1 
ATOM   691  C  C   . ASP A 1 87  ? -6.004  -4.608  8.186   1.00 18.97 ? 87  ASP A C   1 
ATOM   692  O  O   . ASP A 1 87  ? -6.811  -4.029  7.457   1.00 18.06 ? 87  ASP A O   1 
ATOM   693  C  CB  . ASP A 1 87  ? -7.576  -5.862  9.725   1.00 18.20 ? 87  ASP A CB  1 
ATOM   694  C  CG  . ASP A 1 87  ? -7.316  -7.209  9.098   1.00 26.19 ? 87  ASP A CG  1 
ATOM   695  O  OD1 . ASP A 1 87  ? -6.990  -7.265  7.901   1.00 19.96 ? 87  ASP A OD1 1 
ATOM   696  O  OD2 . ASP A 1 87  ? -7.442  -8.223  9.811   1.00 29.90 ? 87  ASP A OD2 1 
ATOM   697  N  N   . ILE A 1 88  ? -4.807  -5.000  7.756   1.00 18.04 ? 88  ILE A N   1 
ATOM   698  C  CA  . ILE A 1 88  ? -4.329  -4.584  6.434   1.00 16.82 ? 88  ILE A CA  1 
ATOM   699  C  C   . ILE A 1 88  ? -4.748  -5.488  5.284   1.00 18.89 ? 88  ILE A C   1 
ATOM   700  O  O   . ILE A 1 88  ? -4.292  -5.285  4.159   1.00 15.70 ? 88  ILE A O   1 
ATOM   701  C  CB  . ILE A 1 88  ? -2.782  -4.475  6.396   1.00 17.00 ? 88  ILE A CB  1 
ATOM   702  C  CG1 . ILE A 1 88  ? -2.100  -5.857  6.515   1.00 16.99 ? 88  ILE A CG1 1 
ATOM   703  C  CG2 . ILE A 1 88  ? -2.313  -3.469  7.428   1.00 17.82 ? 88  ILE A CG2 1 
ATOM   704  C  CD1 . ILE A 1 88  ? -0.586  -5.801  6.303   1.00 18.12 ? 88  ILE A CD1 1 
ATOM   705  N  N   . THR A 1 89  ? -5.611  -6.469  5.546   1.00 19.05 ? 89  THR A N   1 
ATOM   706  C  CA  . THR A 1 89  ? -5.987  -7.422  4.503   1.00 18.88 ? 89  THR A CA  1 
ATOM   707  C  C   . THR A 1 89  ? -6.490  -6.746  3.217   1.00 17.96 ? 89  THR A C   1 
ATOM   708  O  O   . THR A 1 89  ? -6.037  -7.090  2.124   1.00 17.76 ? 89  THR A O   1 
ATOM   709  C  CB  . THR A 1 89  ? -7.079  -8.406  4.974   1.00 18.32 ? 89  THR A CB  1 
ATOM   710  O  OG1 . THR A 1 89  ? -6.621  -9.123  6.132   1.00 20.34 ? 89  THR A OG1 1 
ATOM   711  C  CG2 . THR A 1 89  ? -7.392  -9.403  3.879   1.00 21.52 ? 89  THR A CG2 1 
ATOM   712  N  N   . ALA A 1 90  ? -7.407  -5.789  3.338   1.00 17.16 ? 90  ALA A N   1 
ATOM   713  C  CA  . ALA A 1 90  ? -7.946  -5.136  2.143   1.00 17.30 ? 90  ALA A CA  1 
ATOM   714  C  C   . ALA A 1 90  ? -6.859  -4.373  1.381   1.00 18.90 ? 90  ALA A C   1 
ATOM   715  O  O   . ALA A 1 90  ? -6.806  -4.444  0.157   1.00 18.06 ? 90  ALA A O   1 
ATOM   716  C  CB  . ALA A 1 90  ? -9.107  -4.204  2.505   1.00 21.41 ? 90  ALA A CB  1 
ATOM   717  N  N   . SER A 1 91  ? -5.979  -3.670  2.088   1.00 16.19 ? 91  SER A N   1 
ATOM   718  C  CA  . SER A 1 91  ? -4.896  -2.951  1.420   1.00 15.94 ? 91  SER A CA  1 
ATOM   719  C  C   . SER A 1 91  ? -3.941  -3.904  0.694   1.00 14.94 ? 91  SER A C   1 
ATOM   720  O  O   . SER A 1 91  ? -3.520  -3.622  -0.427  1.00 17.55 ? 91  SER A O   1 
ATOM   721  C  CB  . SER A 1 91  ? -4.120  -2.092  2.414   1.00 17.36 ? 91  SER A CB  1 
ATOM   722  O  OG  . SER A 1 91  ? -4.807  -0.877  2.676   1.00 16.05 ? 91  SER A OG  1 
ATOM   723  N  N   . VAL A 1 92  ? -3.612  -5.025  1.332   1.00 15.64 ? 92  VAL A N   1 
ATOM   724  C  CA  . VAL A 1 92  ? -2.712  -6.000  0.731   1.00 16.23 ? 92  VAL A CA  1 
ATOM   725  C  C   . VAL A 1 92  ? -3.332  -6.625  -0.515  1.00 16.62 ? 92  VAL A C   1 
ATOM   726  O  O   . VAL A 1 92  ? -2.682  -6.722  -1.563  1.00 17.57 ? 92  VAL A O   1 
ATOM   727  C  CB  . VAL A 1 92  ? -2.349  -7.118  1.735   1.00 15.83 ? 92  VAL A CB  1 
ATOM   728  C  CG1 . VAL A 1 92  ? -1.609  -8.272  1.021   1.00 19.49 ? 92  VAL A CG1 1 
ATOM   729  C  CG2 . VAL A 1 92  ? -1.506  -6.551  2.858   1.00 18.91 ? 92  VAL A CG2 1 
ATOM   730  N  N   . ASN A 1 93  ? -4.583  -7.061  -0.410  1.00 16.80 ? 93  ASN A N   1 
ATOM   731  C  CA  . ASN A 1 93  ? -5.233  -7.689  -1.557  1.00 19.62 ? 93  ASN A CA  1 
ATOM   732  C  C   . ASN A 1 93  ? -5.351  -6.725  -2.730  1.00 19.29 ? 93  ASN A C   1 
ATOM   733  O  O   . ASN A 1 93  ? -5.142  -7.115  -3.886  1.00 18.80 ? 93  ASN A O   1 
ATOM   734  C  CB  . ASN A 1 93  ? -6.601  -8.240  -1.170  1.00 21.60 ? 93  ASN A CB  1 
ATOM   735  C  CG  . ASN A 1 93  ? -6.494  -9.453  -0.274  1.00 28.16 ? 93  ASN A CG  1 
ATOM   736  O  OD1 . ASN A 1 93  ? -5.469  -10.134 -0.261  1.00 30.48 ? 93  ASN A OD1 1 
ATOM   737  N  ND2 . ASN A 1 93  ? -7.544  -9.725  0.484   1.00 28.93 ? 93  ASN A ND2 1 
ATOM   738  N  N   . CYS A 1 94  ? -5.645  -5.463  -2.441  1.00 16.66 ? 94  CYS A N   1 
ATOM   739  C  CA  . CYS A 1 94  ? -5.757  -4.461  -3.500  1.00 16.76 ? 94  CYS A CA  1 
ATOM   740  C  C   . CYS A 1 94  ? -4.373  -4.144  -4.081  1.00 16.91 ? 94  CYS A C   1 
ATOM   741  O  O   . CYS A 1 94  ? -4.204  -4.057  -5.299  1.00 18.41 ? 94  CYS A O   1 
ATOM   742  C  CB  . CYS A 1 94  ? -6.450  -3.185  -2.978  1.00 16.36 ? 94  CYS A CB  1 
ATOM   743  S  SG  . CYS A 1 94  ? -6.848  -1.969  -4.286  1.00 18.91 ? 94  CYS A SG  1 
ATOM   744  N  N   . ALA A 1 95  ? -3.365  -4.035  -3.214  1.00 15.53 ? 95  ALA A N   1 
ATOM   745  C  CA  . ALA A 1 95  ? -1.990  -3.815  -3.674  1.00 16.27 ? 95  ALA A CA  1 
ATOM   746  C  C   . ALA A 1 95  ? -1.496  -4.933  -4.598  1.00 17.10 ? 95  ALA A C   1 
ATOM   747  O  O   . ALA A 1 95  ? -0.748  -4.683  -5.549  1.00 16.45 ? 95  ALA A O   1 
ATOM   748  C  CB  . ALA A 1 95  ? -1.057  -3.665  -2.492  1.00 18.23 ? 95  ALA A CB  1 
ATOM   749  N  N   . LYS A 1 96  ? -1.913  -6.163  -4.327  1.00 14.83 ? 96  LYS A N   1 
ATOM   750  C  CA  . LYS A 1 96  ? -1.537  -7.283  -5.180  1.00 15.42 ? 96  LYS A CA  1 
ATOM   751  C  C   . LYS A 1 96  ? -2.103  -7.088  -6.585  1.00 16.55 ? 96  LYS A C   1 
ATOM   752  O  O   . LYS A 1 96  ? -1.438  -7.385  -7.581  1.00 18.25 ? 96  LYS A O   1 
ATOM   753  C  CB  . LYS A 1 96  ? -2.028  -8.598  -4.573  1.00 16.94 ? 96  LYS A CB  1 
ATOM   754  C  CG  . LYS A 1 96  ? -1.188  -9.090  -3.399  1.00 16.87 ? 96  LYS A CG  1 
ATOM   755  C  CD  . LYS A 1 96  ? -1.769  -10.386 -2.825  1.00 18.15 ? 96  LYS A CD  1 
ATOM   756  C  CE  . LYS A 1 96  ? -0.922  -10.913 -1.662  1.00 17.25 ? 96  LYS A CE  1 
ATOM   757  N  NZ  . LYS A 1 96  ? -1.636  -12.039 -0.964  1.00 19.18 ? 96  LYS A NZ  1 
ATOM   758  N  N   . LYS A 1 97  ? -3.319  -6.566  -6.673  1.00 16.35 ? 97  LYS A N   1 
ATOM   759  C  CA  . LYS A 1 97  ? -3.900  -6.271  -7.976  1.00 19.29 ? 97  LYS A CA  1 
ATOM   760  C  C   . LYS A 1 97  ? -3.146  -5.140  -8.690  1.00 18.58 ? 97  LYS A C   1 
ATOM   761  O  O   . LYS A 1 97  ? -2.845  -5.234  -9.883  1.00 19.56 ? 97  LYS A O   1 
ATOM   762  C  CB  . LYS A 1 97  ? -5.377  -5.913  -7.822  1.00 20.28 ? 97  LYS A CB  1 
ATOM   763  C  CG  . LYS A 1 97  ? -6.148  -5.974  -9.123  1.00 29.25 ? 97  LYS A CG  1 
ATOM   764  C  CD  . LYS A 1 97  ? -7.603  -5.586  -8.906  1.00 28.88 ? 97  LYS A CD  1 
ATOM   765  C  CE  . LYS A 1 97  ? -8.161  -6.176  -7.602  1.00 36.19 ? 97  LYS A CE  1 
ATOM   766  N  NZ  . LYS A 1 97  ? -8.094  -7.668  -7.526  1.00 46.54 ? 97  LYS A NZ  1 
ATOM   767  N  N   . ILE A 1 98  ? -2.842  -4.069  -7.958  1.00 16.69 ? 98  ILE A N   1 
ATOM   768  C  CA  . ILE A 1 98  ? -2.158  -2.912  -8.518  1.00 15.40 ? 98  ILE A CA  1 
ATOM   769  C  C   . ILE A 1 98  ? -0.771  -3.283  -9.068  1.00 18.91 ? 98  ILE A C   1 
ATOM   770  O  O   . ILE A 1 98  ? -0.410  -2.914  -10.192 1.00 19.35 ? 98  ILE A O   1 
ATOM   771  C  CB  . ILE A 1 98  ? -2.022  -1.793  -7.458  1.00 14.52 ? 98  ILE A CB  1 
ATOM   772  C  CG1 . ILE A 1 98  ? -3.408  -1.320  -6.993  1.00 16.72 ? 98  ILE A CG1 1 
ATOM   773  C  CG2 . ILE A 1 98  ? -1.199  -0.620  -8.006  1.00 17.78 ? 98  ILE A CG2 1 
ATOM   774  C  CD1 . ILE A 1 98  ? -3.374  -0.327  -5.852  1.00 18.03 ? 98  ILE A CD1 1 
ATOM   775  N  N   . VAL A 1 99  ? -0.011  -4.052  -8.296  1.00 15.59 ? 99  VAL A N   1 
ATOM   776  C  CA  . VAL A 1 99  ? 1.369   -4.353  -8.685  1.00 15.25 ? 99  VAL A CA  1 
ATOM   777  C  C   . VAL A 1 99  ? 1.398   -5.351  -9.837  1.00 21.51 ? 99  VAL A C   1 
ATOM   778  O  O   . VAL A 1 99  ? 2.437   -5.561  -10.471 1.00 20.18 ? 99  VAL A O   1 
ATOM   779  C  CB  . VAL A 1 99  ? 2.169   -4.875  -7.480  1.00 16.71 ? 99  VAL A CB  1 
ATOM   780  C  CG1 . VAL A 1 99  ? 1.719   -6.282  -7.113  1.00 17.84 ? 99  VAL A CG1 1 
ATOM   781  C  CG2 . VAL A 1 99  ? 3.666   -4.840  -7.754  1.00 16.92 ? 99  VAL A CG2 1 
ATOM   782  N  N   . SER A 1 100 ? 0.240   -5.941  -10.126 1.00 19.66 ? 100 SER A N   1 
ATOM   783  C  CA  . SER A 1 100 ? 0.123   -6.911  -11.213 1.00 20.14 ? 100 SER A CA  1 
ATOM   784  C  C   . SER A 1 100 ? -0.323  -6.274  -12.535 1.00 21.12 ? 100 SER A C   1 
ATOM   785  O  O   . SER A 1 100 ? -0.417  -6.964  -13.547 1.00 27.32 ? 100 SER A O   1 
ATOM   786  C  CB  . SER A 1 100 ? -0.860  -8.031  -10.830 1.00 20.65 ? 100 SER A CB  1 
ATOM   787  O  OG  . SER A 1 100 ? -0.416  -8.794  -9.718  1.00 23.24 ? 100 SER A OG  1 
ATOM   788  N  N   . ASP A 1 101 ? -0.614  -4.980  -12.539 1.00 21.06 ? 101 ASP A N   1 
ATOM   789  C  CA  . ASP A 1 101 ? -1.303  -4.401  -13.698 1.00 25.43 ? 101 ASP A CA  1 
ATOM   790  C  C   . ASP A 1 101 ? -0.382  -3.994  -14.846 1.00 27.80 ? 101 ASP A C   1 
ATOM   791  O  O   . ASP A 1 101 ? -0.855  -3.514  -15.875 1.00 30.34 ? 101 ASP A O   1 
ATOM   792  C  CB  . ASP A 1 101 ? -2.172  -3.211  -13.259 1.00 27.00 ? 101 ASP A CB  1 
ATOM   793  C  CG  . ASP A 1 101 ? -1.380  -1.946  -12.986 1.00 29.63 ? 101 ASP A CG  1 
ATOM   794  O  OD1 . ASP A 1 101 ? -0.127  -1.957  -13.017 1.00 35.24 ? 101 ASP A OD1 1 
ATOM   795  O  OD2 . ASP A 1 101 ? -2.031  -0.914  -12.710 1.00 33.71 ? 101 ASP A OD2 1 
ATOM   796  N  N   . GLY A 1 102 ? 0.923   -4.182  -14.677 1.00 24.75 ? 102 GLY A N   1 
ATOM   797  C  CA  . GLY A 1 102 ? 1.856   -3.961  -15.777 1.00 28.15 ? 102 GLY A CA  1 
ATOM   798  C  C   . GLY A 1 102 ? 3.068   -3.124  -15.414 1.00 25.98 ? 102 GLY A C   1 
ATOM   799  O  O   . GLY A 1 102 ? 4.155   -3.308  -15.968 1.00 25.88 ? 102 GLY A O   1 
ATOM   800  N  N   . ASN A 1 103 ? 2.893   -2.203  -14.473 1.00 21.65 ? 103 ASN A N   1 
ATOM   801  C  CA  . ASN A 1 103 ? 3.967   -1.280  -14.146 1.00 23.74 ? 103 ASN A CA  1 
ATOM   802  C  C   . ASN A 1 103 ? 4.668   -1.606  -12.832 1.00 18.86 ? 103 ASN A C   1 
ATOM   803  O  O   . ASN A 1 103 ? 5.517   -0.836  -12.375 1.00 20.45 ? 103 ASN A O   1 
ATOM   804  C  CB  . ASN A 1 103 ? 3.434   0.150   -14.122 1.00 30.68 ? 103 ASN A CB  1 
ATOM   805  C  CG  . ASN A 1 103 ? 2.833   0.558   -15.453 1.00 42.19 ? 103 ASN A CG  1 
ATOM   806  O  OD1 . ASN A 1 103 ? 3.556   0.905   -16.387 1.00 45.41 ? 103 ASN A OD1 1 
ATOM   807  N  ND2 . ASN A 1 103 ? 1.506   0.511   -15.549 1.00 39.47 ? 103 ASN A ND2 1 
ATOM   808  N  N   . GLY A 1 104 ? 4.349   -2.764  -12.261 1.00 20.32 ? 104 GLY A N   1 
ATOM   809  C  CA  . GLY A 1 104 ? 4.990   -3.199  -11.030 1.00 18.01 ? 104 GLY A CA  1 
ATOM   810  C  C   . GLY A 1 104 ? 4.841   -2.140  -9.951  1.00 16.86 ? 104 GLY A C   1 
ATOM   811  O  O   . GLY A 1 104 ? 3.823   -1.465  -9.865  1.00 18.54 ? 104 GLY A O   1 
ATOM   812  N  N   . MET A 1 105 ? 5.865   -1.956  -9.134  1.00 14.47 ? 105 MET A N   1 
ATOM   813  C  CA  . MET A 1 105 ? 5.724   -1.022  -8.021  1.00 14.11 ? 105 MET A CA  1 
ATOM   814  C  C   . MET A 1 105 ? 5.918   0.436   -8.440  1.00 14.89 ? 105 MET A C   1 
ATOM   815  O  O   . MET A 1 105 ? 5.795   1.341   -7.619  1.00 16.51 ? 105 MET A O   1 
ATOM   816  C  CB  . MET A 1 105 ? 6.683   -1.393  -6.896  1.00 13.96 ? 105 MET A CB  1 
ATOM   817  C  CG  . MET A 1 105 ? 6.231   -2.632  -6.124  1.00 15.02 ? 105 MET A CG  1 
ATOM   818  S  SD  . MET A 1 105 ? 7.054   -2.866  -4.528  1.00 15.26 ? 105 MET A SD  1 
ATOM   819  C  CE  . MET A 1 105 ? 6.276   -1.573  -3.528  1.00 16.07 ? 105 MET A CE  1 
ATOM   820  N  N   . ASN A 1 106 ? 6.172   0.685   -9.723  1.00 16.99 ? 106 ASN A N   1 
ATOM   821  C  CA  . ASN A 1 106 ? 6.254   2.068   -10.188 1.00 16.08 ? 106 ASN A CA  1 
ATOM   822  C  C   . ASN A 1 106 ? 4.911   2.789   -10.052 1.00 15.78 ? 106 ASN A C   1 
ATOM   823  O  O   . ASN A 1 106 ? 4.852   4.015   -10.122 1.00 18.92 ? 106 ASN A O   1 
ATOM   824  C  CB  . ASN A 1 106 ? 6.745   2.135   -11.632 1.00 17.47 ? 106 ASN A CB  1 
ATOM   825  C  CG  . ASN A 1 106 ? 8.167   1.631   -11.782 1.00 15.89 ? 106 ASN A CG  1 
ATOM   826  O  OD1 . ASN A 1 106 ? 9.117   2.281   -11.352 1.00 16.44 ? 106 ASN A OD1 1 
ATOM   827  N  ND2 . ASN A 1 106 ? 8.318   0.461   -12.391 1.00 18.72 ? 106 ASN A ND2 1 
ATOM   828  N  N   . ALA A 1 107 ? 3.843   2.024   -9.829  1.00 16.91 ? 107 ALA A N   1 
ATOM   829  C  CA  . ALA A 1 107 ? 2.525   2.611   -9.558  1.00 17.02 ? 107 ALA A CA  1 
ATOM   830  C  C   . ALA A 1 107 ? 2.561   3.502   -8.317  1.00 20.97 ? 107 ALA A C   1 
ATOM   831  O  O   . ALA A 1 107 ? 1.766   4.439   -8.181  1.00 20.61 ? 107 ALA A O   1 
ATOM   832  C  CB  . ALA A 1 107 ? 1.490   1.526   -9.381  1.00 19.35 ? 107 ALA A CB  1 
ATOM   833  N  N   . TRP A 1 108 ? 3.487   3.199   -7.406  1.00 17.44 ? 108 TRP A N   1 
ATOM   834  C  CA  . TRP A 1 108 ? 3.679   4.009   -6.209  1.00 16.88 ? 108 TRP A CA  1 
ATOM   835  C  C   . TRP A 1 108 ? 4.815   4.992   -6.426  1.00 17.98 ? 108 TRP A C   1 
ATOM   836  O  O   . TRP A 1 108 ? 5.995   4.618   -6.379  1.00 17.55 ? 108 TRP A O   1 
ATOM   837  C  CB  . TRP A 1 108 ? 3.954   3.123   -4.989  1.00 16.26 ? 108 TRP A CB  1 
ATOM   838  C  CG  . TRP A 1 108 ? 2.747   2.368   -4.522  1.00 17.82 ? 108 TRP A CG  1 
ATOM   839  C  CD1 . TRP A 1 108 ? 1.784   2.818   -3.671  1.00 15.46 ? 108 TRP A CD1 1 
ATOM   840  C  CD2 . TRP A 1 108 ? 2.366   1.035   -4.890  1.00 16.12 ? 108 TRP A CD2 1 
ATOM   841  N  NE1 . TRP A 1 108 ? 0.828   1.851   -3.478  1.00 17.66 ? 108 TRP A NE1 1 
ATOM   842  C  CE2 . TRP A 1 108 ? 1.162   0.743   -4.212  1.00 15.20 ? 108 TRP A CE2 1 
ATOM   843  C  CE3 . TRP A 1 108 ? 2.934   0.047   -5.716  1.00 15.69 ? 108 TRP A CE3 1 
ATOM   844  C  CZ2 . TRP A 1 108 ? 0.505   -0.486  -4.342  1.00 17.50 ? 108 TRP A CZ2 1 
ATOM   845  C  CZ3 . TRP A 1 108 ? 2.278   -1.170  -5.843  1.00 14.80 ? 108 TRP A CZ3 1 
ATOM   846  C  CH2 . TRP A 1 108 ? 1.076   -1.430  -5.156  1.00 16.42 ? 108 TRP A CH2 1 
ATOM   847  N  N   . VAL A 1 109 ? 4.456   6.250   -6.658  1.00 18.96 ? 109 VAL A N   1 
ATOM   848  C  CA  . VAL A 1 109 ? 5.444   7.277   -6.959  1.00 22.20 ? 109 VAL A CA  1 
ATOM   849  C  C   . VAL A 1 109 ? 6.503   7.385   -5.861  1.00 17.67 ? 109 VAL A C   1 
ATOM   850  O  O   . VAL A 1 109 ? 7.684   7.523   -6.175  1.00 18.70 ? 109 VAL A O   1 
ATOM   851  C  CB  . VAL A 1 109 ? 4.774   8.644   -7.192  1.00 27.75 ? 109 VAL A CB  1 
ATOM   852  C  CG1 . VAL A 1 109 ? 5.823   9.724   -7.417  1.00 24.55 ? 109 VAL A CG1 1 
ATOM   853  C  CG2 . VAL A 1 109 ? 3.862   8.558   -8.402  1.00 31.89 ? 109 VAL A CG2 1 
ATOM   854  N  N   . ALA A 1 110 ? 6.102   7.271   -4.600  1.00 19.41 ? 110 ALA A N   1 
ATOM   855  C  CA  . ALA A 1 110 ? 7.050   7.321   -3.494  1.00 16.17 ? 110 ALA A CA  1 
ATOM   856  C  C   . ALA A 1 110 ? 8.004   6.132   -3.541  1.00 15.93 ? 110 ALA A C   1 
ATOM   857  O  O   . ALA A 1 110 ? 9.172   6.262   -3.181  1.00 18.51 ? 110 ALA A O   1 
ATOM   858  C  CB  . ALA A 1 110 ? 6.332   7.351   -2.153  1.00 18.99 ? 110 ALA A CB  1 
ATOM   859  N  N   . TRP A 1 111 ? 7.518   4.963   -3.955  1.00 15.70 ? 111 TRP A N   1 
ATOM   860  C  CA  . TRP A 1 111 ? 8.436   3.830   -4.075  1.00 12.87 ? 111 TRP A CA  1 
ATOM   861  C  C   . TRP A 1 111 ? 9.469   4.117   -5.161  1.00 16.74 ? 111 TRP A C   1 
ATOM   862  O  O   . TRP A 1 111 ? 10.668  3.917   -4.958  1.00 15.95 ? 111 TRP A O   1 
ATOM   863  C  CB  . TRP A 1 111 ? 7.704   2.516   -4.388  1.00 15.18 ? 111 TRP A CB  1 
ATOM   864  C  CG  . TRP A 1 111 ? 8.673   1.357   -4.644  1.00 14.29 ? 111 TRP A CG  1 
ATOM   865  C  CD1 . TRP A 1 111 ? 9.243   0.533   -3.708  1.00 14.44 ? 111 TRP A CD1 1 
ATOM   866  C  CD2 . TRP A 1 111 ? 9.189   0.926   -5.914  1.00 14.60 ? 111 TRP A CD2 1 
ATOM   867  N  NE1 . TRP A 1 111 ? 10.063  -0.391  -4.323  1.00 16.89 ? 111 TRP A NE1 1 
ATOM   868  C  CE2 . TRP A 1 111 ? 10.049  -0.167  -5.672  1.00 13.31 ? 111 TRP A CE2 1 
ATOM   869  C  CE3 . TRP A 1 111 ? 8.989   1.345   -7.234  1.00 15.84 ? 111 TRP A CE3 1 
ATOM   870  C  CZ2 . TRP A 1 111 ? 10.722  -0.834  -6.700  1.00 15.83 ? 111 TRP A CZ2 1 
ATOM   871  C  CZ3 . TRP A 1 111 ? 9.658   0.685   -8.248  1.00 15.51 ? 111 TRP A CZ3 1 
ATOM   872  C  CH2 . TRP A 1 111 ? 10.514  -0.401  -7.975  1.00 14.92 ? 111 TRP A CH2 1 
ATOM   873  N  N   . ARG A 1 112 ? 9.018   4.590   -6.319  0.98 15.10 ? 112 ARG A N   1 
ATOM   874  C  CA  . ARG A 1 112 ? 9.956   4.851   -7.408  0.98 16.37 ? 112 ARG A CA  1 
ATOM   875  C  C   . ARG A 1 112 ? 10.995  5.909   -7.013  0.98 15.38 ? 112 ARG A C   1 
ATOM   876  O  O   . ARG A 1 112 ? 12.190  5.771   -7.295  0.98 16.50 ? 112 ARG A O   1 
ATOM   877  C  CB  . ARG A 1 112 ? 9.210   5.290   -8.674  0.98 20.54 ? 112 ARG A CB  1 
ATOM   878  C  CG  . ARG A 1 112 ? 10.131  5.715   -9.801  0.98 23.82 ? 112 ARG A CG  1 
ATOM   879  C  CD  . ARG A 1 112 ? 9.378   5.964   -11.101 0.98 30.26 ? 112 ARG A CD  1 
ATOM   880  N  NE  . ARG A 1 112 ? 8.291   6.928   -10.943 0.98 34.29 ? 112 ARG A NE  1 
ATOM   881  C  CZ  . ARG A 1 112 ? 8.454   8.248   -10.923 0.98 38.87 ? 112 ARG A CZ  1 
ATOM   882  N  NH1 . ARG A 1 112 ? 7.399   9.041   -10.785 0.98 37.97 ? 112 ARG A NH1 1 
ATOM   883  N  NH2 . ARG A 1 112 ? 9.671   8.776   -11.026 0.98 32.25 ? 112 ARG A NH2 1 
ATOM   884  N  N   . ASN A 1 113 ? 10.546  6.951   -6.324  1.00 15.47 ? 113 ASN A N   1 
ATOM   885  C  CA  . ASN A 1 113 ? 11.443  8.062   -6.018  1.00 14.51 ? 113 ASN A CA  1 
ATOM   886  C  C   . ASN A 1 113 ? 12.280  7.881   -4.764  1.00 16.95 ? 113 ASN A C   1 
ATOM   887  O  O   . ASN A 1 113 ? 13.294  8.553   -4.608  1.00 18.69 ? 113 ASN A O   1 
ATOM   888  C  CB  . ASN A 1 113 ? 10.647  9.362   -5.905  1.00 15.38 ? 113 ASN A CB  1 
ATOM   889  C  CG  . ASN A 1 113 ? 10.222  9.868   -7.246  1.00 15.05 ? 113 ASN A CG  1 
ATOM   890  O  OD1 . ASN A 1 113 ? 10.933  9.661   -8.243  1.00 20.78 ? 113 ASN A OD1 1 
ATOM   891  N  ND2 . ASN A 1 113 ? 9.054   10.520  -7.305  1.00 18.18 ? 113 ASN A ND2 1 
ATOM   892  N  N   . ARG A 1 114 ? 11.885  6.976   -3.872  1.00 16.05 ? 114 ARG A N   1 
ATOM   893  C  CA  . ARG A 1 114 ? 12.568  6.899   -2.580  1.00 14.35 ? 114 ARG A CA  1 
ATOM   894  C  C   . ARG A 1 114 ? 13.000  5.496   -2.159  1.00 18.47 ? 114 ARG A C   1 
ATOM   895  O  O   . ARG A 1 114 ? 13.760  5.356   -1.201  1.00 17.82 ? 114 ARG A O   1 
ATOM   896  C  CB  . ARG A 1 114 ? 11.675  7.511   -1.496  1.00 19.14 ? 114 ARG A CB  1 
ATOM   897  C  CG  . ARG A 1 114 ? 11.210  8.919   -1.866  1.00 18.40 ? 114 ARG A CG  1 
ATOM   898  C  CD  . ARG A 1 114 ? 10.303  9.505   -0.820  1.00 17.34 ? 114 ARG A CD  1 
ATOM   899  N  NE  . ARG A 1 114 ? 11.021  9.899   0.390   1.00 14.28 ? 114 ARG A NE  1 
ATOM   900  C  CZ  . ARG A 1 114 ? 10.447  10.561  1.396   1.00 16.42 ? 114 ARG A CZ  1 
ATOM   901  N  NH1 . ARG A 1 114 ? 9.158   10.880  1.323   1.00 15.23 ? 114 ARG A NH1 1 
ATOM   902  N  NH2 . ARG A 1 114 ? 11.148  10.902  2.462   1.00 17.50 ? 114 ARG A NH2 1 
ATOM   903  N  N   . CYS A 1 115 ? 12.523  4.467   -2.859  1.00 15.71 ? 115 CYS A N   1 
ATOM   904  C  CA  . CYS A 1 115 ? 12.893  3.088   -2.530  1.00 14.18 ? 115 CYS A CA  1 
ATOM   905  C  C   . CYS A 1 115 ? 13.627  2.348   -3.646  1.00 15.87 ? 115 CYS A C   1 
ATOM   906  O  O   . CYS A 1 115 ? 14.589  1.634   -3.385  1.00 16.11 ? 115 CYS A O   1 
ATOM   907  C  CB  . CYS A 1 115 ? 11.644  2.271   -2.171  1.00 15.56 ? 115 CYS A CB  1 
ATOM   908  S  SG  . CYS A 1 115 ? 10.667  2.959   -0.834  1.00 16.53 ? 115 CYS A SG  1 
ATOM   909  N  N   . LYS A 1 116 ? 13.123  2.481   -4.869  1.00 14.87 ? 116 LYS A N   1 
ATOM   910  C  CA  . LYS A 1 116 ? 13.695  1.829   -6.044  1.00 14.40 ? 116 LYS A CA  1 
ATOM   911  C  C   . LYS A 1 116 ? 15.194  2.077   -6.165  1.00 17.21 ? 116 LYS A C   1 
ATOM   912  O  O   . LYS A 1 116 ? 15.636  3.220   -6.161  1.00 19.08 ? 116 LYS A O   1 
ATOM   913  C  CB  . LYS A 1 116 ? 12.978  2.331   -7.296  1.00 17.80 ? 116 LYS A CB  1 
ATOM   914  C  CG  . LYS A 1 116 ? 13.305  1.586   -8.579  1.00 15.72 ? 116 LYS A CG  1 
ATOM   915  C  CD  . LYS A 1 116 ? 12.526  2.214   -9.739  1.00 17.51 ? 116 LYS A CD  1 
ATOM   916  C  CE  . LYS A 1 116 ? 12.682  1.414   -11.020 1.00 17.52 ? 116 LYS A CE  1 
ATOM   917  N  NZ  . LYS A 1 116 ? 11.935  2.046   -12.146 1.00 16.91 ? 116 LYS A NZ  1 
ATOM   918  N  N   . GLY A 1 117 ? 15.969  0.998   -6.265  1.00 20.41 ? 117 GLY A N   1 
ATOM   919  C  CA  . GLY A 1 117 ? 17.406  1.116   -6.439  1.00 22.54 ? 117 GLY A CA  1 
ATOM   920  C  C   . GLY A 1 117 ? 18.165  1.395   -5.156  1.00 26.86 ? 117 GLY A C   1 
ATOM   921  O  O   . GLY A 1 117 ? 19.374  1.626   -5.184  1.00 30.49 ? 117 GLY A O   1 
ATOM   922  N  N   . THR A 1 118 ? 17.465  1.383   -4.028  1.00 17.64 ? 118 THR A N   1 
ATOM   923  C  CA  . THR A 1 118 ? 18.118  1.617   -2.743  1.00 20.88 ? 118 THR A CA  1 
ATOM   924  C  C   . THR A 1 118 ? 18.274  0.298   -2.003  1.00 21.15 ? 118 THR A C   1 
ATOM   925  O  O   . THR A 1 118 ? 17.794  -0.742  -2.456  1.00 20.06 ? 118 THR A O   1 
ATOM   926  C  CB  . THR A 1 118 ? 17.338  2.614   -1.845  1.00 21.72 ? 118 THR A CB  1 
ATOM   927  O  OG1 . THR A 1 118 ? 16.170  1.968   -1.322  1.00 20.11 ? 118 THR A OG1 1 
ATOM   928  C  CG2 . THR A 1 118 ? 16.940  3.871   -2.623  1.00 20.31 ? 118 THR A CG2 1 
ATOM   929  N  N   . ASP A 1 119 ? 18.949  0.346   -0.862  1.00 20.27 ? 119 ASP A N   1 
ATOM   930  C  CA  . ASP A 1 119 ? 19.119  -0.832  -0.027  1.00 21.39 ? 119 ASP A CA  1 
ATOM   931  C  C   . ASP A 1 119 ? 17.825  -1.096  0.737   1.00 23.12 ? 119 ASP A C   1 
ATOM   932  O  O   . ASP A 1 119 ? 17.701  -0.738  1.907   1.00 26.21 ? 119 ASP A O   1 
ATOM   933  C  CB  . ASP A 1 119 ? 20.292  -0.631  0.941   1.00 23.82 ? 119 ASP A CB  1 
ATOM   934  C  CG  . ASP A 1 119 ? 20.514  -1.830  1.851   1.00 29.76 ? 119 ASP A CG  1 
ATOM   935  O  OD1 . ASP A 1 119 ? 20.030  -2.933  1.522   1.00 31.69 ? 119 ASP A OD1 1 
ATOM   936  O  OD2 . ASP A 1 119 ? 21.174  -1.665  2.899   1.00 31.86 ? 119 ASP A OD2 1 
ATOM   937  N  N   . VAL A 1 120 ? 16.852  -1.714  0.078   1.00 21.28 ? 120 VAL A N   1 
ATOM   938  C  CA  . VAL A 1 120 ? 15.542  -1.851  0.694   1.00 20.67 ? 120 VAL A CA  1 
ATOM   939  C  C   . VAL A 1 120 ? 15.525  -2.925  1.774   1.00 18.11 ? 120 VAL A C   1 
ATOM   940  O  O   . VAL A 1 120 ? 14.625  -2.933  2.616   1.00 20.86 ? 120 VAL A O   1 
ATOM   941  C  CB  . VAL A 1 120 ? 14.447  -2.162  -0.348  1.00 17.93 ? 120 VAL A CB  1 
ATOM   942  C  CG1 . VAL A 1 120 ? 14.233  -0.975  -1.268  1.00 19.41 ? 120 VAL A CG1 1 
ATOM   943  C  CG2 . VAL A 1 120 ? 14.799  -3.407  -1.137  1.00 19.85 ? 120 VAL A CG2 1 
ATOM   944  N  N   . GLN A 1 121 ? 16.513  -3.827  1.773   1.00 19.22 ? 121 GLN A N   1 
ATOM   945  C  CA  . GLN A 1 121 ? 16.577  -4.859  2.822   1.00 22.18 ? 121 GLN A CA  1 
ATOM   946  C  C   . GLN A 1 121 ? 16.722  -4.214  4.198   1.00 19.29 ? 121 GLN A C   1 
ATOM   947  O  O   . GLN A 1 121 ? 16.326  -4.790  5.208   1.00 20.37 ? 121 GLN A O   1 
ATOM   948  C  CB  . GLN A 1 121 ? 17.742  -5.835  2.583   1.00 23.45 ? 121 GLN A CB  1 
ATOM   949  C  CG  . GLN A 1 121 ? 17.739  -7.090  3.487   1.00 26.08 ? 121 GLN A CG  1 
ATOM   950  C  CD  . GLN A 1 121 ? 18.387  -6.885  4.864   1.00 31.42 ? 121 GLN A CD  1 
ATOM   951  O  OE1 . GLN A 1 121 ? 19.248  -6.018  5.046   1.00 31.94 ? 121 GLN A OE1 1 
ATOM   952  N  NE2 . GLN A 1 121 ? 17.970  -7.690  5.835   1.00 32.15 ? 121 GLN A NE2 1 
ATOM   953  N  N   . ALA A 1 122 ? 17.305  -3.019  4.229   1.00 18.75 ? 122 ALA A N   1 
ATOM   954  C  CA  . ALA A 1 122 ? 17.426  -2.261  5.473   1.00 21.21 ? 122 ALA A CA  1 
ATOM   955  C  C   . ALA A 1 122 ? 16.090  -2.144  6.211   1.00 20.08 ? 122 ALA A C   1 
ATOM   956  O  O   . ALA A 1 122 ? 16.068  -2.112  7.442   1.00 21.52 ? 122 ALA A O   1 
ATOM   957  C  CB  . ALA A 1 122 ? 17.995  -0.871  5.199   1.00 19.28 ? 122 ALA A CB  1 
ATOM   958  N  N   . TRP A 1 123 ? 14.980  -2.113  5.470   1.00 18.41 ? 123 TRP A N   1 
ATOM   959  C  CA  . TRP A 1 123 ? 13.656  -1.937  6.090   1.00 17.96 ? 123 TRP A CA  1 
ATOM   960  C  C   . TRP A 1 123 ? 13.147  -3.148  6.866   1.00 19.54 ? 123 TRP A C   1 
ATOM   961  O  O   . TRP A 1 123 ? 12.244  -3.023  7.694   1.00 21.26 ? 123 TRP A O   1 
ATOM   962  C  CB  . TRP A 1 123 ? 12.636  -1.524  5.013   1.00 17.33 ? 123 TRP A CB  1 
ATOM   963  C  CG  . TRP A 1 123 ? 12.953  -0.149  4.556   1.00 20.27 ? 123 TRP A CG  1 
ATOM   964  C  CD1 . TRP A 1 123 ? 13.604  0.210   3.408   1.00 20.47 ? 123 TRP A CD1 1 
ATOM   965  C  CD2 . TRP A 1 123 ? 12.688  1.066   5.266   1.00 18.80 ? 123 TRP A CD2 1 
ATOM   966  N  NE1 . TRP A 1 123 ? 13.745  1.580   3.356   1.00 22.28 ? 123 TRP A NE1 1 
ATOM   967  C  CE2 . TRP A 1 123 ? 13.196  2.126   4.487   1.00 20.79 ? 123 TRP A CE2 1 
ATOM   968  C  CE3 . TRP A 1 123 ? 12.070  1.361   6.487   1.00 20.89 ? 123 TRP A CE3 1 
ATOM   969  C  CZ2 . TRP A 1 123 ? 13.090  3.461   4.883   1.00 22.41 ? 123 TRP A CZ2 1 
ATOM   970  C  CZ3 . TRP A 1 123 ? 11.978  2.693   6.887   1.00 21.59 ? 123 TRP A CZ3 1 
ATOM   971  C  CH2 . TRP A 1 123 ? 12.487  3.720   6.086   1.00 21.65 ? 123 TRP A CH2 1 
ATOM   972  N  N   . ILE A 1 124 ? 13.745  -4.311  6.633   1.00 19.26 ? 124 ILE A N   1 
ATOM   973  C  CA  . ILE A 1 124 ? 13.361  -5.493  7.397   1.00 20.58 ? 124 ILE A CA  1 
ATOM   974  C  C   . ILE A 1 124 ? 14.533  -6.013  8.230   1.00 21.82 ? 124 ILE A C   1 
ATOM   975  O  O   . ILE A 1 124 ? 14.413  -7.035  8.891   1.00 22.46 ? 124 ILE A O   1 
ATOM   976  C  CB  . ILE A 1 124 ? 12.828  -6.629  6.489   1.00 20.36 ? 124 ILE A CB  1 
ATOM   977  C  CG1 . ILE A 1 124 ? 13.903  -7.123  5.519   1.00 22.36 ? 124 ILE A CG1 1 
ATOM   978  C  CG2 . ILE A 1 124 ? 11.548  -6.175  5.759   1.00 19.11 ? 124 ILE A CG2 1 
ATOM   979  C  CD1 . ILE A 1 124 ? 13.539  -8.423  4.809   1.00 27.79 ? 124 ILE A CD1 1 
ATOM   980  N  N   . ARG A 1 125 ? 15.646  -5.281  8.209   1.00 22.34 ? 125 ARG A N   1 
ATOM   981  C  CA  . ARG A 1 125 ? 16.846  -5.692  8.940   1.00 27.31 ? 125 ARG A CA  1 
ATOM   982  C  C   . ARG A 1 125 ? 16.554  -5.806  10.424  1.00 25.04 ? 125 ARG A C   1 
ATOM   983  O  O   . ARG A 1 125 ? 15.908  -4.941  11.010  1.00 25.19 ? 125 ARG A O   1 
ATOM   984  C  CB  . ARG A 1 125 ? 17.992  -4.710  8.698   1.00 25.36 ? 125 ARG A CB  1 
ATOM   985  C  CG  . ARG A 1 125 ? 19.359  -5.354  8.573   1.00 34.37 ? 125 ARG A CG  1 
ATOM   986  C  CD  . ARG A 1 125 ? 20.359  -4.357  8.007   1.00 37.91 ? 125 ARG A CD  1 
ATOM   987  N  NE  . ARG A 1 125 ? 20.359  -4.399  6.548   1.00 34.37 ? 125 ARG A NE  1 
ATOM   988  C  CZ  . ARG A 1 125 ? 20.808  -3.424  5.768   1.00 34.68 ? 125 ARG A CZ  1 
ATOM   989  N  NH1 . ARG A 1 125 ? 21.304  -2.313  6.302   1.00 35.85 ? 125 ARG A NH1 1 
ATOM   990  N  NH2 . ARG A 1 125 ? 20.762  -3.563  4.450   1.00 35.36 ? 125 ARG A NH2 1 
ATOM   991  N  N   . GLY A 1 126 ? 17.007  -6.895  11.032  1.00 26.39 ? 126 GLY A N   1 
ATOM   992  C  CA  . GLY A 1 126 ? 16.772  -7.090  12.448  1.00 26.49 ? 126 GLY A CA  1 
ATOM   993  C  C   . GLY A 1 126 ? 15.411  -7.646  12.833  1.00 26.24 ? 126 GLY A C   1 
ATOM   994  O  O   . GLY A 1 126 ? 15.207  -8.001  13.992  1.00 27.19 ? 126 GLY A O   1 
ATOM   995  N  N   . CYS A 1 127 ? 14.474  -7.715  11.889  1.00 23.64 ? 127 CYS A N   1 
ATOM   996  C  CA  . CYS A 1 127 ? 13.141  -8.242  12.179  1.00 23.25 ? 127 CYS A CA  1 
ATOM   997  C  C   . CYS A 1 127 ? 13.141  -9.765  12.285  1.00 24.70 ? 127 CYS A C   1 
ATOM   998  O  O   . CYS A 1 127 ? 13.863  -10.445 11.552  1.00 22.04 ? 127 CYS A O   1 
ATOM   999  C  CB  . CYS A 1 127 ? 12.145  -7.829  11.099  1.00 22.41 ? 127 CYS A CB  1 
ATOM   1000 S  SG  . CYS A 1 127 ? 11.989  -6.065  10.852  1.00 22.21 ? 127 CYS A SG  1 
ATOM   1001 N  N   . ARG A 1 128 ? 12.305  -10.301 13.168  1.00 23.73 ? 128 ARG A N   1 
ATOM   1002 C  CA  . ARG A 1 128 ? 12.270  -11.738 13.403  1.00 23.83 ? 128 ARG A CA  1 
ATOM   1003 C  C   . ARG A 1 128 ? 11.344  -12.427 12.411  1.00 26.75 ? 128 ARG A C   1 
ATOM   1004 O  O   . ARG A 1 128 ? 10.207  -12.773 12.731  1.00 32.26 ? 128 ARG A O   1 
ATOM   1005 C  CB  . ARG A 1 128 ? 11.840  -12.022 14.841  1.00 26.40 ? 128 ARG A CB  1 
ATOM   1006 C  CG  . ARG A 1 128 ? 12.109  -13.440 15.306  1.00 25.59 ? 128 ARG A CG  1 
ATOM   1007 C  CD  . ARG A 1 128 ? 11.865  -13.556 16.806  1.00 22.07 ? 128 ARG A CD  1 
ATOM   1008 N  NE  . ARG A 1 128 ? 11.975  -14.939 17.277  1.00 22.63 ? 128 ARG A NE  1 
ATOM   1009 C  CZ  . ARG A 1 128 ? 13.119  -15.518 17.633  1.00 25.78 ? 128 ARG A CZ  1 
ATOM   1010 N  NH1 . ARG A 1 128 ? 14.259  -14.836 17.552  1.00 25.22 ? 128 ARG A NH1 1 
ATOM   1011 N  NH2 . ARG A 1 128 ? 13.125  -16.773 18.067  1.00 25.59 ? 128 ARG A NH2 1 
ATOM   1012 N  N   . LEU A 1 129 ? 11.845  -12.630 11.201  1.00 25.78 ? 129 LEU A N   1 
ATOM   1013 C  CA  . LEU A 1 129 ? 11.057  -13.211 10.121  1.00 30.69 ? 129 LEU A CA  1 
ATOM   1014 C  C   . LEU A 1 129 ? 11.543  -14.605 9.718   1.00 33.83 ? 129 LEU A C   1 
ATOM   1015 O  O   . LEU A 1 129 ? 12.564  -15.092 10.208  1.00 36.95 ? 129 LEU A O   1 
ATOM   1016 C  CB  . LEU A 1 129 ? 11.084  -12.285 8.903   1.00 28.78 ? 129 LEU A CB  1 
ATOM   1017 C  CG  . LEU A 1 129 ? 10.662  -10.833 9.143   1.00 27.43 ? 129 LEU A CG  1 
ATOM   1018 C  CD1 . LEU A 1 129 ? 11.024  -9.998  7.933   1.00 28.27 ? 129 LEU A CD1 1 
ATOM   1019 C  CD2 . LEU A 1 129 ? 9.172   -10.740 9.433   1.00 29.00 ? 129 LEU A CD2 1 
HETATM 1020 BR BR  . BR  B 2 .   ? 7.841   -5.882  -12.273 0.69 19.61 ? 201 BR  A BR  1 
HETATM 1021 BR BR  . BR  C 2 .   ? -3.082  -7.088  9.981   0.68 21.64 ? 202 BR  A BR  1 
HETATM 1022 BR BR  . BR  D 2 .   ? 14.257  -7.133  1.244   0.68 21.71 ? 203 BR  A BR  1 
HETATM 1023 BR BR  . BR  E 2 .   ? 11.014  3.345   10.694  0.69 36.54 ? 204 BR  A BR  1 
HETATM 1024 BR BR  . BR  F 2 .   ? -17.155 7.943   -7.028  0.57 28.46 ? 205 BR  A BR  1 
HETATM 1025 BR BR  . BR  G 2 .   ? -16.208 15.904  0.377   0.72 61.67 ? 206 BR  A BR  1 
HETATM 1026 BR BR  . BR  H 2 .   ? -14.566 -0.660  -11.951 0.72 47.94 ? 207 BR  A BR  1 
HETATM 1027 NA NA  . NA  I 3 .   ? -13.237 5.126   -7.407  1.00 20.29 ? 208 NA  A NA  1 
HETATM 1028 C  C   . ACY J 4 .   ? -1.471  3.488   -6.479  0.84 28.21 ? 209 ACY A C   1 
HETATM 1029 O  O   . ACY J 4 .   ? -0.742  3.468   -5.472  0.84 30.94 ? 209 ACY A O   1 
HETATM 1030 O  OXT . ACY J 4 .   ? -1.075  3.344   -7.660  0.84 29.91 ? 209 ACY A OXT 1 
HETATM 1031 C  CH3 . ACY J 4 .   ? -2.927  3.710   -6.254  0.84 14.37 ? 209 ACY A CH3 1 
HETATM 1032 C  C5  . PE5 K 5 .   ? 16.169  1.397   11.572  1.00 35.72 ? 210 PE5 A C5  1 
HETATM 1033 C  C6  . PE5 K 5 .   ? 15.627  2.139   10.309  1.00 37.28 ? 210 PE5 A C6  1 
HETATM 1034 O  O4  . PE5 K 5 .   ? 15.676  1.246   9.203   1.00 33.08 ? 210 PE5 A O4  1 
HETATM 1035 C  C7  . PE5 K 5 .   ? 15.330  1.828   7.947   1.00 32.17 ? 210 PE5 A C7  1 
HETATM 1036 C  C8  . PE5 K 5 .   ? 16.635  2.173   7.145   1.00 33.91 ? 210 PE5 A C8  1 
HETATM 1037 O  O5  . PE5 K 5 .   ? 16.422  3.314   6.390   1.00 37.92 ? 210 PE5 A O5  1 
HETATM 1038 C  C9  . PE5 K 5 .   ? 17.139  4.474   6.854   1.00 36.93 ? 210 PE5 A C9  1 
HETATM 1039 O  O   . HOH L 6 .   ? 1.466   -1.317  -11.545 0.81 24.83 ? 301 HOH A O   1 
HETATM 1040 O  O   . HOH L 6 .   ? -0.923  1.017   -11.883 0.74 33.98 ? 302 HOH A O   1 
HETATM 1041 O  O   . HOH L 6 .   ? 7.896   -11.821 12.844  0.81 23.44 ? 303 HOH A O   1 
HETATM 1042 O  O   . HOH L 6 .   ? -1.294  13.714  -5.493  0.61 30.43 ? 304 HOH A O   1 
HETATM 1043 O  O   . HOH L 6 .   ? 3.315   7.891   -4.426  0.58 24.10 ? 305 HOH A O   1 
HETATM 1044 O  O   . HOH L 6 .   ? 9.967   -13.111 2.811   0.93 26.96 ? 306 HOH A O   1 
HETATM 1045 O  O   . HOH L 6 .   ? -13.740 14.779  -6.776  0.68 26.19 ? 307 HOH A O   1 
HETATM 1046 O  O   . HOH L 6 .   ? -11.838 11.750  -3.458  1.00 18.11 ? 308 HOH A O   1 
HETATM 1047 O  O   . HOH L 6 .   ? -17.476 3.356   4.609   0.72 20.28 ? 309 HOH A O   1 
HETATM 1048 O  O   . HOH L 6 .   ? -18.854 8.684   -12.014 0.34 42.29 ? 310 HOH A O   1 
HETATM 1049 O  O   . HOH L 6 .   ? -4.503  -10.491 2.187   0.48 25.84 ? 311 HOH A O   1 
HETATM 1050 O  O   . HOH L 6 .   ? 14.896  -9.777  9.193   0.71 27.03 ? 312 HOH A O   1 
HETATM 1051 O  O   . HOH L 6 .   ? -4.175  0.527   5.058   0.82 18.13 ? 313 HOH A O   1 
HETATM 1052 O  O   . HOH L 6 .   ? -4.102  14.626  -9.482  0.97 30.49 ? 314 HOH A O   1 
HETATM 1053 O  O   . HOH L 6 .   ? 18.112  1.736   2.805   0.66 24.80 ? 315 HOH A O   1 
HETATM 1054 O  O   . HOH L 6 .   ? -5.115  -1.255  6.511   1.00 19.52 ? 316 HOH A O   1 
HETATM 1055 O  O   . HOH L 6 .   ? 5.935   3.368   13.286  1.00 22.76 ? 317 HOH A O   1 
HETATM 1056 O  O   . HOH L 6 .   ? -6.994  2.030   13.642  0.83 26.01 ? 318 HOH A O   1 
HETATM 1057 O  O   . HOH L 6 .   ? 11.115  -11.128 0.707   1.00 17.19 ? 319 HOH A O   1 
HETATM 1058 O  O   . HOH L 6 .   ? 18.030  -1.119  8.966   0.84 32.28 ? 320 HOH A O   1 
HETATM 1059 O  O   . HOH L 6 .   ? 15.167  6.811   0.551   0.93 21.14 ? 321 HOH A O   1 
HETATM 1060 O  O   . HOH L 6 .   ? 12.637  -10.818 -7.597  0.85 21.59 ? 322 HOH A O   1 
HETATM 1061 O  O   . HOH L 6 .   ? -4.989  10.678  -9.694  0.95 25.85 ? 323 HOH A O   1 
HETATM 1062 O  O   . HOH L 6 .   ? -11.723 16.834  -11.143 0.98 26.76 ? 324 HOH A O   1 
HETATM 1063 O  O   . HOH L 6 .   ? 11.137  -11.390 -4.314  0.76 26.31 ? 325 HOH A O   1 
HETATM 1064 O  O   . HOH L 6 .   ? 1.123   8.908   -2.944  0.92 24.56 ? 326 HOH A O   1 
HETATM 1065 O  O   . HOH L 6 .   ? -3.113  -3.762  16.958  0.82 33.34 ? 327 HOH A O   1 
HETATM 1066 O  O   . HOH L 6 .   ? -6.394  10.754  7.137   1.00 16.97 ? 328 HOH A O   1 
HETATM 1067 O  O   . HOH L 6 .   ? 1.318   -0.659  16.262  0.97 24.52 ? 329 HOH A O   1 
HETATM 1068 O  O   . HOH L 6 .   ? 7.282   8.784   6.037   0.98 26.55 ? 330 HOH A O   1 
HETATM 1069 O  O   . HOH L 6 .   ? 3.002   -5.309  -13.117 0.93 22.56 ? 331 HOH A O   1 
HETATM 1070 O  O   . HOH L 6 .   ? -0.009  -7.176  -16.229 0.72 31.20 ? 332 HOH A O   1 
HETATM 1071 O  O   . HOH L 6 .   ? -5.807  -9.483  -5.056  0.66 30.27 ? 333 HOH A O   1 
HETATM 1072 O  O   . HOH L 6 .   ? -12.128 1.848   8.117   1.00 22.60 ? 334 HOH A O   1 
HETATM 1073 O  O   . HOH L 6 .   ? -0.304  10.076  -1.089  1.00 22.00 ? 335 HOH A O   1 
HETATM 1074 O  O   . HOH L 6 .   ? -3.443  -4.935  12.744  0.96 22.80 ? 336 HOH A O   1 
HETATM 1075 O  O   . HOH L 6 .   ? -2.454  3.653   -10.014 1.00 30.54 ? 337 HOH A O   1 
HETATM 1076 O  O   . HOH L 6 .   ? 17.845  4.718   -6.819  0.88 28.86 ? 338 HOH A O   1 
HETATM 1077 O  O   . HOH L 6 .   ? 13.930  -1.877  -5.376  0.89 23.53 ? 339 HOH A O   1 
HETATM 1078 O  O   . HOH L 6 .   ? -3.931  5.528   12.980  1.00 17.88 ? 340 HOH A O   1 
HETATM 1079 O  O   . HOH L 6 .   ? 0.088   -6.521  14.400  0.96 27.65 ? 341 HOH A O   1 
HETATM 1080 O  O   . HOH L 6 .   ? -1.397  9.672   -6.014  0.89 31.11 ? 342 HOH A O   1 
HETATM 1081 O  O   . HOH L 6 .   ? -8.236  13.449  3.093   0.26 19.68 ? 343 HOH A O   1 
HETATM 1082 O  O   . HOH L 6 .   ? -5.714  -10.234 8.807   0.67 27.16 ? 344 HOH A O   1 
HETATM 1083 O  O   . HOH L 6 .   ? -21.438 9.231   -5.148  0.86 30.00 ? 345 HOH A O   1 
HETATM 1084 O  O   . HOH L 6 .   ? -8.997  -5.209  -1.350  0.93 24.08 ? 346 HOH A O   1 
HETATM 1085 O  O   . HOH L 6 .   ? -4.111  -5.758  -12.294 0.78 29.78 ? 347 HOH A O   1 
HETATM 1086 O  O   . HOH L 6 .   ? 9.539   -7.766  -10.115 1.00 18.87 ? 348 HOH A O   1 
HETATM 1087 O  O   . HOH L 6 .   ? -1.538  12.290  -2.725  0.48 21.96 ? 349 HOH A O   1 
HETATM 1088 O  O   . HOH L 6 .   ? 8.876   -15.813 9.192   0.31 43.57 ? 350 HOH A O   1 
HETATM 1089 O  O   . HOH L 6 .   ? 16.490  -1.704  -4.723  0.97 24.85 ? 351 HOH A O   1 
HETATM 1090 O  O   . HOH L 6 .   ? -17.130 -4.212  -1.615  0.75 30.53 ? 352 HOH A O   1 
HETATM 1091 O  O   . HOH L 6 .   ? -7.114  -11.845 6.541   0.70 31.67 ? 353 HOH A O   1 
HETATM 1092 O  O   . HOH L 6 .   ? 7.797   -16.595 2.206   0.79 28.56 ? 354 HOH A O   1 
HETATM 1093 O  O   . HOH L 6 .   ? -19.861 5.981   -6.504  0.70 33.37 ? 355 HOH A O   1 
HETATM 1094 O  O   . HOH L 6 .   ? 13.912  6.041   -9.492  0.81 25.74 ? 356 HOH A O   1 
HETATM 1095 O  O   . HOH L 6 .   ? -6.474  -5.188  13.608  0.72 28.85 ? 357 HOH A O   1 
HETATM 1096 O  O   . HOH L 6 .   ? 13.350  4.447   -12.473 1.00 26.23 ? 358 HOH A O   1 
HETATM 1097 O  O   . HOH L 6 .   ? -8.836  -5.221  5.917   1.00 21.95 ? 359 HOH A O   1 
HETATM 1098 O  O   . HOH L 6 .   ? 4.505   -13.129 9.701   1.00 22.57 ? 360 HOH A O   1 
HETATM 1099 O  O   . HOH L 6 .   ? 15.741  2.288   1.440   0.76 22.50 ? 361 HOH A O   1 
HETATM 1100 O  O   . HOH L 6 .   ? 4.510   10.083  -0.331  1.00 22.71 ? 362 HOH A O   1 
HETATM 1101 O  O   . HOH L 6 .   ? 1.680   6.786   -6.573  0.75 21.87 ? 363 HOH A O   1 
HETATM 1102 O  O   . HOH L 6 .   ? 5.766   5.596   11.775  0.99 25.43 ? 364 HOH A O   1 
HETATM 1103 O  O   . HOH L 6 .   ? -0.193  6.736   -4.199  0.86 25.31 ? 365 HOH A O   1 
HETATM 1104 O  O   . HOH L 6 .   ? -3.437  1.371   1.323   1.00 17.16 ? 366 HOH A O   1 
HETATM 1105 O  O   . HOH L 6 .   ? -3.777  15.644  2.966   0.52 20.13 ? 367 HOH A O   1 
HETATM 1106 O  O   . HOH L 6 .   ? -2.774  -13.191 -5.985  0.92 35.49 ? 368 HOH A O   1 
HETATM 1107 O  O   . HOH L 6 .   ? 9.163   1.276   13.417  0.97 34.04 ? 369 HOH A O   1 
HETATM 1108 O  O   . HOH L 6 .   ? 0.188   9.213   8.245   0.99 22.54 ? 370 HOH A O   1 
HETATM 1109 O  O   . HOH L 6 .   ? 20.664  2.583   -0.282  1.00 26.20 ? 371 HOH A O   1 
HETATM 1110 O  O   . HOH L 6 .   ? 20.834  3.276   -7.036  1.00 34.18 ? 372 HOH A O   1 
HETATM 1111 O  O   . HOH L 6 .   ? 0.663   -3.538  18.232  1.00 38.52 ? 373 HOH A O   1 
HETATM 1112 O  O   . HOH L 6 .   ? 14.718  5.892   -5.557  0.82 16.30 ? 374 HOH A O   1 
HETATM 1113 O  O   . HOH L 6 .   ? -15.611 4.409   -7.443  0.95 21.35 ? 375 HOH A O   1 
HETATM 1114 O  O   . HOH L 6 .   ? -16.665 3.625   -9.673  0.78 29.33 ? 376 HOH A O   1 
HETATM 1115 O  O   . HOH L 6 .   ? -20.510 5.706   -2.426  1.00 22.33 ? 377 HOH A O   1 
HETATM 1116 O  O   . HOH L 6 .   ? 9.618   11.949  4.700   1.00 21.37 ? 378 HOH A O   1 
HETATM 1117 O  O   . HOH L 6 .   ? -11.065 -3.587  5.792   1.00 24.22 ? 379 HOH A O   1 
HETATM 1118 O  O   . HOH L 6 .   ? -5.922  11.233  -13.133 1.00 32.32 ? 380 HOH A O   1 
HETATM 1119 O  O   . HOH L 6 .   ? -8.014  -12.273 1.843   0.85 34.12 ? 381 HOH A O   1 
HETATM 1120 O  O   . HOH L 6 .   ? 3.695   -13.398 -7.195  0.98 26.75 ? 382 HOH A O   1 
HETATM 1121 O  O   . HOH L 6 .   ? 2.282   -14.989 -2.057  0.98 32.52 ? 383 HOH A O   1 
HETATM 1122 O  O   . HOH L 6 .   ? -16.264 -2.798  -8.677  0.72 30.86 ? 384 HOH A O   1 
HETATM 1123 O  O   . HOH L 6 .   ? -2.005  7.178   -7.974  0.83 31.33 ? 385 HOH A O   1 
HETATM 1124 O  O   . HOH L 6 .   ? 8.769   -9.042  12.534  0.70 25.56 ? 386 HOH A O   1 
HETATM 1125 O  O   . HOH L 6 .   ? 1.760   -7.812  12.769  0.79 22.37 ? 387 HOH A O   1 
HETATM 1126 O  O   . HOH L 6 .   ? -1.969  15.831  -6.490  0.91 30.57 ? 388 HOH A O   1 
HETATM 1127 O  O   . HOH L 6 .   ? -5.255  16.389  1.395   0.69 25.88 ? 389 HOH A O   1 
HETATM 1128 O  O   . HOH L 6 .   ? -14.432 6.707   -5.909  0.99 20.00 ? 390 HOH A O   1 
HETATM 1129 O  O   . HOH L 6 .   ? -1.190  -14.364 -2.775  0.84 29.00 ? 391 HOH A O   1 
HETATM 1130 O  O   . HOH L 6 .   ? 12.969  -18.015 10.655  0.75 28.55 ? 392 HOH A O   1 
HETATM 1131 O  O   . HOH L 6 .   ? 7.966   6.589   12.011  1.00 41.82 ? 393 HOH A O   1 
HETATM 1132 O  O   . HOH L 6 .   ? 3.380   -7.757  -14.382 1.00 35.05 ? 394 HOH A O   1 
HETATM 1133 O  O   . HOH L 6 .   ? -9.502  -6.245  -3.531  0.69 22.06 ? 395 HOH A O   1 
HETATM 1134 O  O   . HOH L 6 .   ? -14.824 -0.111  5.658   1.00 22.31 ? 396 HOH A O   1 
HETATM 1135 O  O   . HOH L 6 .   ? -6.920  -2.513  4.847   1.00 18.82 ? 397 HOH A O   1 
HETATM 1136 O  O   . HOH L 6 .   ? -10.085 -0.453  12.108  0.86 23.17 ? 398 HOH A O   1 
HETATM 1137 O  O   . HOH L 6 .   ? 13.945  9.368   0.941   1.00 16.18 ? 399 HOH A O   1 
HETATM 1138 O  O   . HOH L 6 .   ? -18.291 1.008   -7.190  0.99 30.42 ? 400 HOH A O   1 
HETATM 1139 O  O   . HOH L 6 .   ? 10.879  -12.906 5.256   1.00 29.49 ? 401 HOH A O   1 
HETATM 1140 O  O   . HOH L 6 .   ? -1.754  2.669   16.680  1.00 22.51 ? 402 HOH A O   1 
HETATM 1141 O  O   . HOH L 6 .   ? 13.923  -12.816 19.847  0.65 29.00 ? 403 HOH A O   1 
HETATM 1142 O  O   . HOH L 6 .   ? 4.972   -2.078  17.025  0.92 40.56 ? 404 HOH A O   1 
HETATM 1143 O  O   . HOH L 6 .   ? -8.765  -5.484  13.811  0.55 29.25 ? 405 HOH A O   1 
HETATM 1144 O  O   . HOH L 6 .   ? 14.938  -5.395  -4.236  1.00 27.12 ? 406 HOH A O   1 
HETATM 1145 O  O   . HOH L 6 .   ? 12.401  -14.853 0.999   0.91 40.76 ? 407 HOH A O   1 
HETATM 1146 O  O   . HOH L 6 .   ? 10.124  2.943   -14.594 0.84 28.28 ? 408 HOH A O   1 
HETATM 1147 O  O   . HOH L 6 .   ? 15.215  -18.646 16.564  1.00 30.92 ? 409 HOH A O   1 
HETATM 1148 O  O   . HOH L 6 .   ? 10.180  -2.254  14.564  1.00 22.28 ? 410 HOH A O   1 
HETATM 1149 O  O   . HOH L 6 .   ? 16.227  -17.184 18.863  0.98 31.21 ? 411 HOH A O   1 
HETATM 1150 O  O   . HOH L 6 .   ? 10.101  -8.722  14.936  1.00 30.89 ? 412 HOH A O   1 
HETATM 1151 O  O   . HOH L 6 .   ? 7.729   -3.254  15.329  1.00 21.53 ? 413 HOH A O   1 
HETATM 1152 O  O   . HOH L 6 .   ? 18.408  -4.413  -0.977  0.89 26.06 ? 414 HOH A O   1 
HETATM 1153 O  O   . HOH L 6 .   ? -17.750 -0.871  -3.072  1.00 21.83 ? 415 HOH A O   1 
HETATM 1154 O  O   . HOH L 6 .   ? -15.572 17.002  -2.858  0.99 17.14 ? 416 HOH A O   1 
HETATM 1155 O  O   . HOH L 6 .   ? -3.697  8.636   -11.792 1.00 29.56 ? 417 HOH A O   1 
HETATM 1156 O  O   . HOH L 6 .   ? -10.326 0.097   14.775  1.00 34.46 ? 418 HOH A O   1 
HETATM 1157 O  O   . HOH L 6 .   ? -19.818 13.646  -2.931  0.99 35.70 ? 419 HOH A O   1 
HETATM 1158 O  O   . HOH L 6 .   ? 8.499   9.093   12.200  1.00 49.68 ? 420 HOH A O   1 
HETATM 1159 O  O   . HOH L 6 .   ? -18.653 1.093   -1.661  1.00 16.84 ? 421 HOH A O   1 
HETATM 1160 O  O   . HOH L 6 .   ? -3.078  -16.107 8.773   0.95 33.04 ? 422 HOH A O   1 
HETATM 1161 O  O   . HOH L 6 .   ? -8.142  1.826   16.008  0.61 30.45 ? 423 HOH A O   1 
HETATM 1162 O  O   . HOH L 6 .   ? 16.855  1.790   -9.724  1.00 24.36 ? 424 HOH A O   1 
HETATM 1163 O  O   . HOH L 6 .   ? 6.915   4.999   -13.731 0.89 36.36 ? 425 HOH A O   1 
HETATM 1164 O  O   . HOH L 6 .   ? -10.396 -7.390  0.497   1.00 25.53 ? 426 HOH A O   1 
HETATM 1165 O  O   . HOH L 6 .   ? 2.117   11.207  0.547   0.97 38.81 ? 427 HOH A O   1 
HETATM 1166 O  O   . HOH L 6 .   ? -12.032 -0.089  10.306  0.97 25.42 ? 428 HOH A O   1 
HETATM 1167 O  O   . HOH L 6 .   ? 15.450  6.592   4.612   1.00 33.20 ? 429 HOH A O   1 
HETATM 1168 O  O   . HOH L 6 .   ? -4.210  -13.045 2.962   0.99 34.02 ? 430 HOH A O   1 
HETATM 1169 O  O   . HOH L 6 .   ? -19.634 -8.423  -3.685  0.95 46.10 ? 431 HOH A O   1 
HETATM 1170 O  O   . HOH L 6 .   ? 7.858   -10.378 -12.761 0.64 29.49 ? 432 HOH A O   1 
HETATM 1171 O  O   . HOH L 6 .   ? -10.781 -7.602  6.336   0.83 34.99 ? 433 HOH A O   1 
HETATM 1172 O  O   . HOH L 6 .   ? 5.976   0.995   17.275  1.00 41.69 ? 434 HOH A O   1 
HETATM 1173 O  O   . HOH L 6 .   ? -17.985 -0.948  -9.407  0.85 33.15 ? 435 HOH A O   1 
HETATM 1174 O  O   . HOH L 6 .   ? -21.686 6.929   -4.664  0.69 31.70 ? 436 HOH A O   1 
HETATM 1175 O  O   . HOH L 6 .   ? 9.656   5.339   -14.838 1.00 46.86 ? 437 HOH A O   1 
HETATM 1176 O  O   . HOH L 6 .   ? 15.646  4.300   -10.558 0.84 27.03 ? 438 HOH A O   1 
HETATM 1177 O  O   . HOH L 6 .   ? -5.993  -4.176  -13.044 1.00 31.40 ? 439 HOH A O   1 
HETATM 1178 O  O   . HOH L 6 .   ? -16.148 -4.613  1.350   0.97 38.77 ? 440 HOH A O   1 
HETATM 1179 O  O   . HOH L 6 .   ? -12.648 -5.215  4.405   0.96 36.97 ? 441 HOH A O   1 
# 
